data_6Z2G
# 
_entry.id   6Z2G 
# 
_audit_conform.dict_name       mmcif_pdbx.dic 
_audit_conform.dict_version    5.383 
_audit_conform.dict_location   http://mmcif.pdb.org/dictionaries/ascii/mmcif_pdbx.dic 
# 
loop_
_database_2.database_id 
_database_2.database_code 
_database_2.pdbx_database_accession 
_database_2.pdbx_DOI 
PDB   6Z2G         pdb_00006z2g 10.2210/pdb6z2g/pdb 
WWPDB D_1292108759 ?            ?                   
# 
loop_
_pdbx_audit_revision_history.ordinal 
_pdbx_audit_revision_history.data_content_type 
_pdbx_audit_revision_history.major_revision 
_pdbx_audit_revision_history.minor_revision 
_pdbx_audit_revision_history.revision_date 
1 'Structure model' 1 0 2020-06-10 
2 'Structure model' 1 1 2020-07-22 
3 'Structure model' 1 2 2020-12-02 
4 'Structure model' 1 3 2024-01-24 
# 
_pdbx_audit_revision_details.ordinal             1 
_pdbx_audit_revision_details.revision_ordinal    1 
_pdbx_audit_revision_details.data_content_type   'Structure model' 
_pdbx_audit_revision_details.provider            repository 
_pdbx_audit_revision_details.type                'Initial release' 
_pdbx_audit_revision_details.description         ? 
_pdbx_audit_revision_details.details             ? 
# 
loop_
_pdbx_audit_revision_group.ordinal 
_pdbx_audit_revision_group.revision_ordinal 
_pdbx_audit_revision_group.data_content_type 
_pdbx_audit_revision_group.group 
1 2 'Structure model' 'Database references'    
2 3 'Structure model' 'Database references'    
3 4 'Structure model' Advisory                 
4 4 'Structure model' 'Data collection'        
5 4 'Structure model' 'Database references'    
6 4 'Structure model' 'Refinement description' 
# 
loop_
_pdbx_audit_revision_category.ordinal 
_pdbx_audit_revision_category.revision_ordinal 
_pdbx_audit_revision_category.data_content_type 
_pdbx_audit_revision_category.category 
1 2 'Structure model' citation                      
2 2 'Structure model' citation_author               
3 3 'Structure model' citation                      
4 3 'Structure model' citation_author               
5 4 'Structure model' chem_comp_atom                
6 4 'Structure model' chem_comp_bond                
7 4 'Structure model' database_2                    
8 4 'Structure model' pdbx_initial_refinement_model 
9 4 'Structure model' pdbx_unobs_or_zero_occ_atoms  
# 
loop_
_pdbx_audit_revision_item.ordinal 
_pdbx_audit_revision_item.revision_ordinal 
_pdbx_audit_revision_item.data_content_type 
_pdbx_audit_revision_item.item 
1  2 'Structure model' '_citation.country'                   
2  2 'Structure model' '_citation.journal_abbrev'            
3  2 'Structure model' '_citation.journal_id_ASTM'           
4  2 'Structure model' '_citation.journal_id_CSD'            
5  2 'Structure model' '_citation.journal_id_ISSN'           
6  2 'Structure model' '_citation.pdbx_database_id_DOI'      
7  2 'Structure model' '_citation.pdbx_database_id_PubMed'   
8  2 'Structure model' '_citation.title'                     
9  2 'Structure model' '_citation.year'                      
10 2 'Structure model' '_citation_author.identifier_ORCID'   
11 3 'Structure model' '_citation.journal_volume'            
12 3 'Structure model' '_citation.page_first'                
13 3 'Structure model' '_citation.page_last'                 
14 3 'Structure model' '_citation_author.identifier_ORCID'   
15 4 'Structure model' '_database_2.pdbx_DOI'                
16 4 'Structure model' '_database_2.pdbx_database_accession' 
# 
_pdbx_database_status.status_code                     REL 
_pdbx_database_status.status_code_sf                  REL 
_pdbx_database_status.status_code_mr                  ? 
_pdbx_database_status.entry_id                        6Z2G 
_pdbx_database_status.recvd_initial_deposition_date   2020-05-15 
_pdbx_database_status.SG_entry                        N 
_pdbx_database_status.deposit_site                    PDBE 
_pdbx_database_status.process_site                    PDBE 
_pdbx_database_status.status_code_cs                  ? 
_pdbx_database_status.status_code_nmr_data            ? 
_pdbx_database_status.methods_development_category    ? 
_pdbx_database_status.pdb_format_compatible           Y 
# 
loop_
_audit_author.name 
_audit_author.pdbx_ordinal 
_audit_author.identifier_ORCID 
'Marleaux, M.' 1 ? 
'Anand, K.'    2 ? 
'Geyer, M.'    3 ? 
# 
_citation.abstract                  ? 
_citation.abstract_id_CAS           ? 
_citation.book_id_ISBN              ? 
_citation.book_publisher            ? 
_citation.book_publisher_city       ? 
_citation.book_title                ? 
_citation.coordinate_linkage        ? 
_citation.country                   NE 
_citation.database_id_Medline       ? 
_citation.details                   ? 
_citation.id                        primary 
_citation.journal_abbrev            'Febs Lett.' 
_citation.journal_id_ASTM           FEBLAL 
_citation.journal_id_CSD            0165 
_citation.journal_id_ISSN           0014-5793 
_citation.journal_full              ? 
_citation.journal_issue             ? 
_citation.journal_volume            594 
_citation.language                  ? 
_citation.page_first                2383 
_citation.page_last                 2395 
_citation.title                     
'Crystal structure of the human NLRP9 pyrin domain suggests a distinct mode of inflammasome assembly.' 
_citation.year                      2020 
_citation.database_id_CSD           ? 
_citation.pdbx_database_id_DOI      10.1002/1873-3468.13865 
_citation.pdbx_database_id_PubMed   32542665 
_citation.unpublished_flag          ? 
# 
loop_
_citation_author.citation_id 
_citation_author.name 
_citation_author.ordinal 
_citation_author.identifier_ORCID 
primary 'Marleaux, M.' 1 ? 
primary 'Anand, K.'    2 ? 
primary 'Latz, E.'     3 ? 
primary 'Geyer, M.'    4 ? 
# 
loop_
_entity.id 
_entity.type 
_entity.src_method 
_entity.pdbx_description 
_entity.formula_weight 
_entity.pdbx_number_of_molecules 
_entity.pdbx_ec 
_entity.pdbx_mutation 
_entity.pdbx_fragment 
_entity.details 
1 polymer man 'NACHT, LRR and PYD domains-containing protein 9' 11978.967 1  ? ? ? ? 
2 water   nat water                                             18.015    15 ? ? ? ? 
# 
_entity_name_com.entity_id   1 
_entity_name_com.name        'Nucleotide-binding oligomerization domain protein 6,PYRIN and NACHT-containing protein 12' 
# 
_entity_poly.entity_id                      1 
_entity_poly.type                           'polypeptide(L)' 
_entity_poly.nstd_linkage                   no 
_entity_poly.nstd_monomer                   no 
_entity_poly.pdbx_seq_one_letter_code       
;GAMAESFFSDFGLLWYLKELRKEEFWKFKELLKQPLEKFELKPIPWAELKKASKEDVAKLLDKHYPGKQAWEVTLNLFLQ
INRKDLWTKAQEEMRNKLN
;
_entity_poly.pdbx_seq_one_letter_code_can   
;GAMAESFFSDFGLLWYLKELRKEEFWKFKELLKQPLEKFELKPIPWAELKKASKEDVAKLLDKHYPGKQAWEVTLNLFLQ
INRKDLWTKAQEEMRNKLN
;
_entity_poly.pdbx_strand_id                 A 
_entity_poly.pdbx_target_identifier         ? 
# 
_pdbx_entity_nonpoly.entity_id   2 
_pdbx_entity_nonpoly.name        water 
_pdbx_entity_nonpoly.comp_id     HOH 
# 
loop_
_entity_poly_seq.entity_id 
_entity_poly_seq.num 
_entity_poly_seq.mon_id 
_entity_poly_seq.hetero 
1 1  GLY n 
1 2  ALA n 
1 3  MET n 
1 4  ALA n 
1 5  GLU n 
1 6  SER n 
1 7  PHE n 
1 8  PHE n 
1 9  SER n 
1 10 ASP n 
1 11 PHE n 
1 12 GLY n 
1 13 LEU n 
1 14 LEU n 
1 15 TRP n 
1 16 TYR n 
1 17 LEU n 
1 18 LYS n 
1 19 GLU n 
1 20 LEU n 
1 21 ARG n 
1 22 LYS n 
1 23 GLU n 
1 24 GLU n 
1 25 PHE n 
1 26 TRP n 
1 27 LYS n 
1 28 PHE n 
1 29 LYS n 
1 30 GLU n 
1 31 LEU n 
1 32 LEU n 
1 33 LYS n 
1 34 GLN n 
1 35 PRO n 
1 36 LEU n 
1 37 GLU n 
1 38 LYS n 
1 39 PHE n 
1 40 GLU n 
1 41 LEU n 
1 42 LYS n 
1 43 PRO n 
1 44 ILE n 
1 45 PRO n 
1 46 TRP n 
1 47 ALA n 
1 48 GLU n 
1 49 LEU n 
1 50 LYS n 
1 51 LYS n 
1 52 ALA n 
1 53 SER n 
1 54 LYS n 
1 55 GLU n 
1 56 ASP n 
1 57 VAL n 
1 58 ALA n 
1 59 LYS n 
1 60 LEU n 
1 61 LEU n 
1 62 ASP n 
1 63 LYS n 
1 64 HIS n 
1 65 TYR n 
1 66 PRO n 
1 67 GLY n 
1 68 LYS n 
1 69 GLN n 
1 70 ALA n 
1 71 TRP n 
1 72 GLU n 
1 73 VAL n 
1 74 THR n 
1 75 LEU n 
1 76 ASN n 
1 77 LEU n 
1 78 PHE n 
1 79 LEU n 
1 80 GLN n 
1 81 ILE n 
1 82 ASN n 
1 83 ARG n 
1 84 LYS n 
1 85 ASP n 
1 86 LEU n 
1 87 TRP n 
1 88 THR n 
1 89 LYS n 
1 90 ALA n 
1 91 GLN n 
1 92 GLU n 
1 93 GLU n 
1 94 MET n 
1 95 ARG n 
1 96 ASN n 
1 97 LYS n 
1 98 LEU n 
1 99 ASN n 
# 
_entity_src_gen.entity_id                          1 
_entity_src_gen.pdbx_src_id                        1 
_entity_src_gen.pdbx_alt_source_flag               sample 
_entity_src_gen.pdbx_seq_type                      'Biological sequence' 
_entity_src_gen.pdbx_beg_seq_num                   1 
_entity_src_gen.pdbx_end_seq_num                   99 
_entity_src_gen.gene_src_common_name               Human 
_entity_src_gen.gene_src_genus                     ? 
_entity_src_gen.pdbx_gene_src_gene                 'NLRP9, NALP9, NOD6, PAN12' 
_entity_src_gen.gene_src_species                   ? 
_entity_src_gen.gene_src_strain                    ? 
_entity_src_gen.gene_src_tissue                    ? 
_entity_src_gen.gene_src_tissue_fraction           ? 
_entity_src_gen.gene_src_details                   ? 
_entity_src_gen.pdbx_gene_src_fragment             ? 
_entity_src_gen.pdbx_gene_src_scientific_name      'Homo sapiens' 
_entity_src_gen.pdbx_gene_src_ncbi_taxonomy_id     9606 
_entity_src_gen.pdbx_gene_src_variant              ? 
_entity_src_gen.pdbx_gene_src_cell_line            ? 
_entity_src_gen.pdbx_gene_src_atcc                 ? 
_entity_src_gen.pdbx_gene_src_organ                ? 
_entity_src_gen.pdbx_gene_src_organelle            ? 
_entity_src_gen.pdbx_gene_src_cell                 ? 
_entity_src_gen.pdbx_gene_src_cellular_location    ? 
_entity_src_gen.host_org_common_name               ? 
_entity_src_gen.pdbx_host_org_scientific_name      'Escherichia coli BL21(DE3)' 
_entity_src_gen.pdbx_host_org_ncbi_taxonomy_id     469008 
_entity_src_gen.host_org_genus                     ? 
_entity_src_gen.pdbx_host_org_gene                 ? 
_entity_src_gen.pdbx_host_org_organ                ? 
_entity_src_gen.host_org_species                   ? 
_entity_src_gen.pdbx_host_org_tissue               ? 
_entity_src_gen.pdbx_host_org_tissue_fraction      ? 
_entity_src_gen.pdbx_host_org_strain               ? 
_entity_src_gen.pdbx_host_org_variant              ? 
_entity_src_gen.pdbx_host_org_cell_line            ? 
_entity_src_gen.pdbx_host_org_atcc                 ? 
_entity_src_gen.pdbx_host_org_culture_collection   ? 
_entity_src_gen.pdbx_host_org_cell                 ? 
_entity_src_gen.pdbx_host_org_organelle            ? 
_entity_src_gen.pdbx_host_org_cellular_location    ? 
_entity_src_gen.pdbx_host_org_vector_type          plasmid 
_entity_src_gen.pdbx_host_org_vector               ? 
_entity_src_gen.host_org_details                   ? 
_entity_src_gen.expression_system_id               ? 
_entity_src_gen.plasmid_name                       pGex4T1 
_entity_src_gen.plasmid_details                    ? 
_entity_src_gen.pdbx_description                   ? 
# 
loop_
_chem_comp.id 
_chem_comp.type 
_chem_comp.mon_nstd_flag 
_chem_comp.name 
_chem_comp.pdbx_synonyms 
_chem_comp.formula 
_chem_comp.formula_weight 
ALA 'L-peptide linking' y ALANINE         ? 'C3 H7 N O2'     89.093  
ARG 'L-peptide linking' y ARGININE        ? 'C6 H15 N4 O2 1' 175.209 
ASN 'L-peptide linking' y ASPARAGINE      ? 'C4 H8 N2 O3'    132.118 
ASP 'L-peptide linking' y 'ASPARTIC ACID' ? 'C4 H7 N O4'     133.103 
GLN 'L-peptide linking' y GLUTAMINE       ? 'C5 H10 N2 O3'   146.144 
GLU 'L-peptide linking' y 'GLUTAMIC ACID' ? 'C5 H9 N O4'     147.129 
GLY 'peptide linking'   y GLYCINE         ? 'C2 H5 N O2'     75.067  
HIS 'L-peptide linking' y HISTIDINE       ? 'C6 H10 N3 O2 1' 156.162 
HOH non-polymer         . WATER           ? 'H2 O'           18.015  
ILE 'L-peptide linking' y ISOLEUCINE      ? 'C6 H13 N O2'    131.173 
LEU 'L-peptide linking' y LEUCINE         ? 'C6 H13 N O2'    131.173 
LYS 'L-peptide linking' y LYSINE          ? 'C6 H15 N2 O2 1' 147.195 
MET 'L-peptide linking' y METHIONINE      ? 'C5 H11 N O2 S'  149.211 
PHE 'L-peptide linking' y PHENYLALANINE   ? 'C9 H11 N O2'    165.189 
PRO 'L-peptide linking' y PROLINE         ? 'C5 H9 N O2'     115.130 
SER 'L-peptide linking' y SERINE          ? 'C3 H7 N O3'     105.093 
THR 'L-peptide linking' y THREONINE       ? 'C4 H9 N O3'     119.119 
TRP 'L-peptide linking' y TRYPTOPHAN      ? 'C11 H12 N2 O2'  204.225 
TYR 'L-peptide linking' y TYROSINE        ? 'C9 H11 N O3'    181.189 
VAL 'L-peptide linking' y VALINE          ? 'C5 H11 N O2'    117.146 
# 
loop_
_pdbx_poly_seq_scheme.asym_id 
_pdbx_poly_seq_scheme.entity_id 
_pdbx_poly_seq_scheme.seq_id 
_pdbx_poly_seq_scheme.mon_id 
_pdbx_poly_seq_scheme.ndb_seq_num 
_pdbx_poly_seq_scheme.pdb_seq_num 
_pdbx_poly_seq_scheme.auth_seq_num 
_pdbx_poly_seq_scheme.pdb_mon_id 
_pdbx_poly_seq_scheme.auth_mon_id 
_pdbx_poly_seq_scheme.pdb_strand_id 
_pdbx_poly_seq_scheme.pdb_ins_code 
_pdbx_poly_seq_scheme.hetero 
A 1 1  GLY 1  -1 ?  ?   ?   A . n 
A 1 2  ALA 2  0  ?  ?   ?   A . n 
A 1 3  MET 3  1  ?  ?   ?   A . n 
A 1 4  ALA 4  2  ?  ?   ?   A . n 
A 1 5  GLU 5  3  ?  ?   ?   A . n 
A 1 6  SER 6  4  ?  ?   ?   A . n 
A 1 7  PHE 7  5  ?  ?   ?   A . n 
A 1 8  PHE 8  6  ?  ?   ?   A . n 
A 1 9  SER 9  7  ?  ?   ?   A . n 
A 1 10 ASP 10 8  ?  ?   ?   A . n 
A 1 11 PHE 11 9  9  PHE PHE A . n 
A 1 12 GLY 12 10 10 GLY GLY A . n 
A 1 13 LEU 13 11 11 LEU LEU A . n 
A 1 14 LEU 14 12 12 LEU LEU A . n 
A 1 15 TRP 15 13 13 TRP TRP A . n 
A 1 16 TYR 16 14 14 TYR TYR A . n 
A 1 17 LEU 17 15 15 LEU LEU A . n 
A 1 18 LYS 18 16 16 LYS LYS A . n 
A 1 19 GLU 19 17 17 GLU GLU A . n 
A 1 20 LEU 20 18 18 LEU LEU A . n 
A 1 21 ARG 21 19 19 ARG ARG A . n 
A 1 22 LYS 22 20 20 LYS LYS A . n 
A 1 23 GLU 23 21 21 GLU GLU A . n 
A 1 24 GLU 24 22 22 GLU GLU A . n 
A 1 25 PHE 25 23 23 PHE PHE A . n 
A 1 26 TRP 26 24 24 TRP TRP A . n 
A 1 27 LYS 27 25 25 LYS LYS A . n 
A 1 28 PHE 28 26 26 PHE PHE A . n 
A 1 29 LYS 29 27 27 LYS LYS A . n 
A 1 30 GLU 30 28 28 GLU GLU A . n 
A 1 31 LEU 31 29 29 LEU LEU A . n 
A 1 32 LEU 32 30 30 LEU LEU A . n 
A 1 33 LYS 33 31 31 LYS LYS A . n 
A 1 34 GLN 34 32 32 GLN GLN A . n 
A 1 35 PRO 35 33 33 PRO PRO A . n 
A 1 36 LEU 36 34 34 LEU LEU A . n 
A 1 37 GLU 37 35 35 GLU GLU A . n 
A 1 38 LYS 38 36 36 LYS LYS A . n 
A 1 39 PHE 39 37 37 PHE PHE A . n 
A 1 40 GLU 40 38 38 GLU GLU A . n 
A 1 41 LEU 41 39 39 LEU LEU A . n 
A 1 42 LYS 42 40 40 LYS LYS A . n 
A 1 43 PRO 43 41 41 PRO PRO A . n 
A 1 44 ILE 44 42 42 ILE ILE A . n 
A 1 45 PRO 45 43 43 PRO PRO A . n 
A 1 46 TRP 46 44 44 TRP TRP A . n 
A 1 47 ALA 47 45 45 ALA ALA A . n 
A 1 48 GLU 48 46 46 GLU GLU A . n 
A 1 49 LEU 49 47 47 LEU LEU A . n 
A 1 50 LYS 50 48 48 LYS LYS A . n 
A 1 51 LYS 51 49 49 LYS LYS A . n 
A 1 52 ALA 52 50 50 ALA ALA A . n 
A 1 53 SER 53 51 51 SER SER A . n 
A 1 54 LYS 54 52 52 LYS LYS A . n 
A 1 55 GLU 55 53 53 GLU GLU A . n 
A 1 56 ASP 56 54 54 ASP ASP A . n 
A 1 57 VAL 57 55 55 VAL VAL A . n 
A 1 58 ALA 58 56 56 ALA ALA A . n 
A 1 59 LYS 59 57 57 LYS LYS A . n 
A 1 60 LEU 60 58 58 LEU LEU A . n 
A 1 61 LEU 61 59 59 LEU LEU A . n 
A 1 62 ASP 62 60 60 ASP ASP A . n 
A 1 63 LYS 63 61 61 LYS LYS A . n 
A 1 64 HIS 64 62 62 HIS HIS A . n 
A 1 65 TYR 65 63 63 TYR TYR A . n 
A 1 66 PRO 66 64 64 PRO PRO A . n 
A 1 67 GLY 67 65 65 GLY GLY A . n 
A 1 68 LYS 68 66 66 LYS LYS A . n 
A 1 69 GLN 69 67 67 GLN GLN A . n 
A 1 70 ALA 70 68 68 ALA ALA A . n 
A 1 71 TRP 71 69 69 TRP TRP A . n 
A 1 72 GLU 72 70 70 GLU GLU A . n 
A 1 73 VAL 73 71 71 VAL VAL A . n 
A 1 74 THR 74 72 72 THR THR A . n 
A 1 75 LEU 75 73 73 LEU LEU A . n 
A 1 76 ASN 76 74 74 ASN ASN A . n 
A 1 77 LEU 77 75 75 LEU LEU A . n 
A 1 78 PHE 78 76 76 PHE PHE A . n 
A 1 79 LEU 79 77 77 LEU LEU A . n 
A 1 80 GLN 80 78 78 GLN GLN A . n 
A 1 81 ILE 81 79 79 ILE ILE A . n 
A 1 82 ASN 82 80 80 ASN ASN A . n 
A 1 83 ARG 83 81 81 ARG ARG A . n 
A 1 84 LYS 84 82 82 LYS LYS A . n 
A 1 85 ASP 85 83 83 ASP ASP A . n 
A 1 86 LEU 86 84 84 LEU LEU A . n 
A 1 87 TRP 87 85 85 TRP TRP A . n 
A 1 88 THR 88 86 86 THR THR A . n 
A 1 89 LYS 89 87 87 LYS LYS A . n 
A 1 90 ALA 90 88 88 ALA ALA A . n 
A 1 91 GLN 91 89 89 GLN GLN A . n 
A 1 92 GLU 92 90 90 GLU GLU A . n 
A 1 93 GLU 93 91 91 GLU GLU A . n 
A 1 94 MET 94 92 92 MET MET A . n 
A 1 95 ARG 95 93 93 ARG ARG A . n 
A 1 96 ASN 96 94 94 ASN ASN A . n 
A 1 97 LYS 97 95 95 LYS LYS A . n 
A 1 98 LEU 98 96 96 LEU LEU A . n 
A 1 99 ASN 99 97 97 ASN ASN A . n 
# 
loop_
_pdbx_nonpoly_scheme.asym_id 
_pdbx_nonpoly_scheme.entity_id 
_pdbx_nonpoly_scheme.mon_id 
_pdbx_nonpoly_scheme.ndb_seq_num 
_pdbx_nonpoly_scheme.pdb_seq_num 
_pdbx_nonpoly_scheme.auth_seq_num 
_pdbx_nonpoly_scheme.pdb_mon_id 
_pdbx_nonpoly_scheme.auth_mon_id 
_pdbx_nonpoly_scheme.pdb_strand_id 
_pdbx_nonpoly_scheme.pdb_ins_code 
B 2 HOH 1  101 17 HOH HOH A . 
B 2 HOH 2  102 4  HOH HOH A . 
B 2 HOH 3  103 1  HOH HOH A . 
B 2 HOH 4  104 2  HOH HOH A . 
B 2 HOH 5  105 14 HOH HOH A . 
B 2 HOH 6  106 15 HOH HOH A . 
B 2 HOH 7  107 3  HOH HOH A . 
B 2 HOH 8  108 7  HOH HOH A . 
B 2 HOH 9  109 12 HOH HOH A . 
B 2 HOH 10 110 9  HOH HOH A . 
B 2 HOH 11 111 6  HOH HOH A . 
B 2 HOH 12 112 8  HOH HOH A . 
B 2 HOH 13 113 11 HOH HOH A . 
B 2 HOH 14 114 16 HOH HOH A . 
B 2 HOH 15 115 13 HOH HOH A . 
# 
loop_
_pdbx_unobs_or_zero_occ_atoms.id 
_pdbx_unobs_or_zero_occ_atoms.PDB_model_num 
_pdbx_unobs_or_zero_occ_atoms.polymer_flag 
_pdbx_unobs_or_zero_occ_atoms.occupancy_flag 
_pdbx_unobs_or_zero_occ_atoms.auth_asym_id 
_pdbx_unobs_or_zero_occ_atoms.auth_comp_id 
_pdbx_unobs_or_zero_occ_atoms.auth_seq_id 
_pdbx_unobs_or_zero_occ_atoms.PDB_ins_code 
_pdbx_unobs_or_zero_occ_atoms.auth_atom_id 
_pdbx_unobs_or_zero_occ_atoms.label_alt_id 
_pdbx_unobs_or_zero_occ_atoms.label_asym_id 
_pdbx_unobs_or_zero_occ_atoms.label_comp_id 
_pdbx_unobs_or_zero_occ_atoms.label_seq_id 
_pdbx_unobs_or_zero_occ_atoms.label_atom_id 
1  1 Y 0 A PHE 9  ? CB  ? A PHE 11 CB  
2  1 Y 0 A PHE 9  ? CG  ? A PHE 11 CG  
3  1 Y 0 A PHE 9  ? CD1 ? A PHE 11 CD1 
4  1 Y 0 A PHE 9  ? CD2 ? A PHE 11 CD2 
5  1 Y 0 A PHE 9  ? CE1 ? A PHE 11 CE1 
6  1 Y 0 A PHE 9  ? CE2 ? A PHE 11 CE2 
7  1 Y 0 A PHE 9  ? CZ  ? A PHE 11 CZ  
8  1 Y 0 A GLU 21 ? CD  ? A GLU 23 CD  
9  1 Y 0 A GLU 38 ? CD  ? A GLU 40 CD  
10 1 Y 0 A GLU 70 ? CD  ? A GLU 72 CD  
# 
loop_
_software.citation_id 
_software.classification 
_software.compiler_name 
_software.compiler_version 
_software.contact_author 
_software.contact_author_email 
_software.date 
_software.description 
_software.dependencies 
_software.hardware 
_software.language 
_software.location 
_software.mods 
_software.name 
_software.os 
_software.os_version 
_software.type 
_software.version 
_software.pdbx_ordinal 
? refinement       ? ? ? ? ? ? ? ? ? ? ? PHENIX ? ? ? 1.17.1_3660 1 
? 'data reduction' ? ? ? ? ? ? ? ? ? ? ? XDS    ? ? ? .           2 
? 'data scaling'   ? ? ? ? ? ? ? ? ? ? ? XSCALE ? ? ? .           3 
? phasing          ? ? ? ? ? ? ? ? ? ? ? PHASER ? ? ? .           4 
? 'model building' ? ? ? ? ? ? ? ? ? ? ? Coot   ? ? ? 0.8.9       5 
# 
_cell.angle_alpha                  90.000 
_cell.angle_alpha_esd              ? 
_cell.angle_beta                   90.000 
_cell.angle_beta_esd               ? 
_cell.angle_gamma                  120.000 
_cell.angle_gamma_esd              ? 
_cell.entry_id                     6Z2G 
_cell.details                      ? 
_cell.formula_units_Z              ? 
_cell.length_a                     33.330 
_cell.length_a_esd                 ? 
_cell.length_b                     33.330 
_cell.length_b_esd                 ? 
_cell.length_c                     311.091 
_cell.length_c_esd                 ? 
_cell.volume                       ? 
_cell.volume_esd                   ? 
_cell.Z_PDB                        12 
_cell.reciprocal_angle_alpha       ? 
_cell.reciprocal_angle_beta        ? 
_cell.reciprocal_angle_gamma       ? 
_cell.reciprocal_angle_alpha_esd   ? 
_cell.reciprocal_angle_beta_esd    ? 
_cell.reciprocal_angle_gamma_esd   ? 
_cell.reciprocal_length_a          ? 
_cell.reciprocal_length_b          ? 
_cell.reciprocal_length_c          ? 
_cell.reciprocal_length_a_esd      ? 
_cell.reciprocal_length_b_esd      ? 
_cell.reciprocal_length_c_esd      ? 
_cell.pdbx_unique_axis             ? 
# 
_symmetry.entry_id                         6Z2G 
_symmetry.cell_setting                     ? 
_symmetry.Int_Tables_number                179 
_symmetry.space_group_name_Hall            ? 
_symmetry.space_group_name_H-M             'P 65 2 2' 
_symmetry.pdbx_full_space_group_name_H-M   ? 
# 
_exptl.absorpt_coefficient_mu     ? 
_exptl.absorpt_correction_T_max   ? 
_exptl.absorpt_correction_T_min   ? 
_exptl.absorpt_correction_type    ? 
_exptl.absorpt_process_details    ? 
_exptl.entry_id                   6Z2G 
_exptl.crystals_number            1 
_exptl.details                    ? 
_exptl.method                     'X-RAY DIFFRACTION' 
_exptl.method_details             ? 
# 
_exptl_crystal.colour                      ? 
_exptl_crystal.density_diffrn              ? 
_exptl_crystal.density_Matthews            2.3 
_exptl_crystal.density_method              ? 
_exptl_crystal.density_percent_sol         46 
_exptl_crystal.description                 'Hexagonal shaped' 
_exptl_crystal.F_000                       ? 
_exptl_crystal.id                          1 
_exptl_crystal.preparation                 ? 
_exptl_crystal.size_max                    ? 
_exptl_crystal.size_mid                    ? 
_exptl_crystal.size_min                    ? 
_exptl_crystal.size_rad                    ? 
_exptl_crystal.colour_lustre               ? 
_exptl_crystal.colour_modifier             ? 
_exptl_crystal.colour_primary              ? 
_exptl_crystal.density_meas                ? 
_exptl_crystal.density_meas_esd            ? 
_exptl_crystal.density_meas_gt             ? 
_exptl_crystal.density_meas_lt             ? 
_exptl_crystal.density_meas_temp           ? 
_exptl_crystal.density_meas_temp_esd       ? 
_exptl_crystal.density_meas_temp_gt        ? 
_exptl_crystal.density_meas_temp_lt        ? 
_exptl_crystal.pdbx_crystal_image_url      ? 
_exptl_crystal.pdbx_crystal_image_format   ? 
_exptl_crystal.pdbx_mosaicity              ? 
_exptl_crystal.pdbx_mosaicity_esd          ? 
# 
_exptl_crystal_grow.apparatus       ? 
_exptl_crystal_grow.atmosphere      ? 
_exptl_crystal_grow.crystal_id      1 
_exptl_crystal_grow.details         ? 
_exptl_crystal_grow.method          'VAPOR DIFFUSION, HANGING DROP' 
_exptl_crystal_grow.method_ref      ? 
_exptl_crystal_grow.pH              9.0 
_exptl_crystal_grow.pressure        ? 
_exptl_crystal_grow.pressure_esd    ? 
_exptl_crystal_grow.seeding         ? 
_exptl_crystal_grow.seeding_ref     ? 
_exptl_crystal_grow.temp            288 
_exptl_crystal_grow.temp_details    ? 
_exptl_crystal_grow.temp_esd        ? 
_exptl_crystal_grow.time            ? 
_exptl_crystal_grow.pdbx_details    '0.1 M Bicine pH 9.0, 0.2 M sodium thiocyanate, 0.1 M sodium formate, and 25-27% v/w PEG3350' 
_exptl_crystal_grow.pdbx_pH_range   ? 
# 
_diffrn.ambient_environment              ? 
_diffrn.ambient_temp                     100 
_diffrn.ambient_temp_details             ? 
_diffrn.ambient_temp_esd                 ? 
_diffrn.crystal_id                       1 
_diffrn.crystal_support                  ? 
_diffrn.crystal_treatment                ? 
_diffrn.details                          ? 
_diffrn.id                               1 
_diffrn.ambient_pressure                 ? 
_diffrn.ambient_pressure_esd             ? 
_diffrn.ambient_pressure_gt              ? 
_diffrn.ambient_pressure_lt              ? 
_diffrn.ambient_temp_gt                  ? 
_diffrn.ambient_temp_lt                  ? 
_diffrn.pdbx_serial_crystal_experiment   N 
# 
_diffrn_detector.details                      ? 
_diffrn_detector.detector                     PIXEL 
_diffrn_detector.diffrn_id                    1 
_diffrn_detector.type                         'DECTRIS EIGER X 16M' 
_diffrn_detector.area_resol_mean              ? 
_diffrn_detector.dtime                        ? 
_diffrn_detector.pdbx_frames_total            ? 
_diffrn_detector.pdbx_collection_time_total   ? 
_diffrn_detector.pdbx_collection_date         2019-07-13 
_diffrn_detector.pdbx_frequency               ? 
# 
_diffrn_radiation.collimation                      ? 
_diffrn_radiation.diffrn_id                        1 
_diffrn_radiation.filter_edge                      ? 
_diffrn_radiation.inhomogeneity                    ? 
_diffrn_radiation.monochromator                    ? 
_diffrn_radiation.polarisn_norm                    ? 
_diffrn_radiation.polarisn_ratio                   ? 
_diffrn_radiation.probe                            ? 
_diffrn_radiation.type                             ? 
_diffrn_radiation.xray_symbol                      ? 
_diffrn_radiation.wavelength_id                    1 
_diffrn_radiation.pdbx_monochromatic_or_laue_m_l   M 
_diffrn_radiation.pdbx_wavelength_list             ? 
_diffrn_radiation.pdbx_wavelength                  ? 
_diffrn_radiation.pdbx_diffrn_protocol             'SINGLE WAVELENGTH' 
_diffrn_radiation.pdbx_analyzer                    ? 
_diffrn_radiation.pdbx_scattering_type             x-ray 
# 
_diffrn_radiation_wavelength.id           1 
_diffrn_radiation_wavelength.wavelength   1.0000089 
_diffrn_radiation_wavelength.wt           1.0 
# 
_diffrn_source.current                     ? 
_diffrn_source.details                     ? 
_diffrn_source.diffrn_id                   1 
_diffrn_source.power                       ? 
_diffrn_source.size                        ? 
_diffrn_source.source                      SYNCHROTRON 
_diffrn_source.target                      ? 
_diffrn_source.type                        'SLS BEAMLINE X06DA' 
_diffrn_source.voltage                     ? 
_diffrn_source.take-off_angle              ? 
_diffrn_source.pdbx_wavelength_list        1.0000089 
_diffrn_source.pdbx_wavelength             ? 
_diffrn_source.pdbx_synchrotron_beamline   X06DA 
_diffrn_source.pdbx_synchrotron_site       SLS 
# 
_reflns.B_iso_Wilson_estimate            ? 
_reflns.entry_id                         6Z2G 
_reflns.data_reduction_details           ? 
_reflns.data_reduction_method            ? 
_reflns.d_resolution_high                1.95 
_reflns.d_resolution_low                 29 
_reflns.details                          ? 
_reflns.limit_h_max                      ? 
_reflns.limit_h_min                      ? 
_reflns.limit_k_max                      ? 
_reflns.limit_k_min                      ? 
_reflns.limit_l_max                      ? 
_reflns.limit_l_min                      ? 
_reflns.number_all                       ? 
_reflns.number_obs                       14097 
_reflns.observed_criterion               ? 
_reflns.observed_criterion_F_max         ? 
_reflns.observed_criterion_F_min         ? 
_reflns.observed_criterion_I_max         ? 
_reflns.observed_criterion_I_min         ? 
_reflns.observed_criterion_sigma_F       ? 
_reflns.observed_criterion_sigma_I       ? 
_reflns.percent_possible_obs             99.5 
_reflns.R_free_details                   ? 
_reflns.Rmerge_F_all                     ? 
_reflns.Rmerge_F_obs                     ? 
_reflns.Friedel_coverage                 ? 
_reflns.number_gt                        ? 
_reflns.threshold_expression             ? 
_reflns.pdbx_redundancy                  22 
_reflns.pdbx_Rmerge_I_obs                ? 
_reflns.pdbx_Rmerge_I_all                ? 
_reflns.pdbx_Rsym_value                  0.080 
_reflns.pdbx_netI_over_av_sigmaI         ? 
_reflns.pdbx_netI_over_sigmaI            18.5 
_reflns.pdbx_res_netI_over_av_sigmaI_2   ? 
_reflns.pdbx_res_netI_over_sigmaI_2      ? 
_reflns.pdbx_chi_squared                 ? 
_reflns.pdbx_scaling_rejects             ? 
_reflns.pdbx_d_res_high_opt              ? 
_reflns.pdbx_d_res_low_opt               ? 
_reflns.pdbx_d_res_opt_method            ? 
_reflns.phase_calculation_details        ? 
_reflns.pdbx_Rrim_I_all                  0.082 
_reflns.pdbx_Rpim_I_all                  0.018 
_reflns.pdbx_d_opt                       ? 
_reflns.pdbx_number_measured_all         ? 
_reflns.pdbx_diffrn_id                   1 
_reflns.pdbx_ordinal                     1 
_reflns.pdbx_CC_half                     0.997 
_reflns.pdbx_CC_star                     0.999 
_reflns.pdbx_R_split                     ? 
# 
_reflns_shell.d_res_high                  1.95 
_reflns_shell.d_res_low                   2.02 
_reflns_shell.meanI_over_sigI_all         ? 
_reflns_shell.meanI_over_sigI_obs         1.8 
_reflns_shell.number_measured_all         ? 
_reflns_shell.number_measured_obs         ? 
_reflns_shell.number_possible             ? 
_reflns_shell.number_unique_all           ? 
_reflns_shell.number_unique_obs           2285 
_reflns_shell.percent_possible_all        99.2 
_reflns_shell.percent_possible_obs        ? 
_reflns_shell.Rmerge_F_all                ? 
_reflns_shell.Rmerge_F_obs                ? 
_reflns_shell.Rmerge_I_all                ? 
_reflns_shell.Rmerge_I_obs                ? 
_reflns_shell.meanI_over_sigI_gt          ? 
_reflns_shell.meanI_over_uI_all           ? 
_reflns_shell.meanI_over_uI_gt            ? 
_reflns_shell.number_measured_gt          ? 
_reflns_shell.number_unique_gt            ? 
_reflns_shell.percent_possible_gt         ? 
_reflns_shell.Rmerge_F_gt                 ? 
_reflns_shell.Rmerge_I_gt                 ? 
_reflns_shell.pdbx_redundancy             16 
_reflns_shell.pdbx_Rsym_value             ? 
_reflns_shell.pdbx_chi_squared            ? 
_reflns_shell.pdbx_netI_over_sigmaI_all   ? 
_reflns_shell.pdbx_netI_over_sigmaI_obs   ? 
_reflns_shell.pdbx_Rrim_I_all             1.0 
_reflns_shell.pdbx_Rpim_I_all             0.24 
_reflns_shell.pdbx_rejects                ? 
_reflns_shell.pdbx_ordinal                1 
_reflns_shell.pdbx_diffrn_id              1 
_reflns_shell.pdbx_CC_half                0.916 
_reflns_shell.pdbx_CC_star                0.978 
_reflns_shell.pdbx_R_split                ? 
# 
_refine.aniso_B[1][1]                            ? 
_refine.aniso_B[1][2]                            ? 
_refine.aniso_B[1][3]                            ? 
_refine.aniso_B[2][2]                            ? 
_refine.aniso_B[2][3]                            ? 
_refine.aniso_B[3][3]                            ? 
_refine.B_iso_max                                129.450 
_refine.B_iso_mean                               67.3525 
_refine.B_iso_min                                30.000 
_refine.correlation_coeff_Fo_to_Fc               ? 
_refine.correlation_coeff_Fo_to_Fc_free          ? 
_refine.details                                  ? 
_refine.diff_density_max                         ? 
_refine.diff_density_max_esd                     ? 
_refine.diff_density_min                         ? 
_refine.diff_density_min_esd                     ? 
_refine.diff_density_rms                         ? 
_refine.diff_density_rms_esd                     ? 
_refine.entry_id                                 6Z2G 
_refine.pdbx_refine_id                           'X-RAY DIFFRACTION' 
_refine.ls_abs_structure_details                 ? 
_refine.ls_abs_structure_Flack                   ? 
_refine.ls_abs_structure_Flack_esd               ? 
_refine.ls_abs_structure_Rogers                  ? 
_refine.ls_abs_structure_Rogers_esd              ? 
_refine.ls_d_res_high                            1.9500 
_refine.ls_d_res_low                             28.8600 
_refine.ls_extinction_coef                       ? 
_refine.ls_extinction_coef_esd                   ? 
_refine.ls_extinction_expression                 ? 
_refine.ls_extinction_method                     ? 
_refine.ls_goodness_of_fit_all                   ? 
_refine.ls_goodness_of_fit_all_esd               ? 
_refine.ls_goodness_of_fit_obs                   ? 
_refine.ls_goodness_of_fit_obs_esd               ? 
_refine.ls_hydrogen_treatment                    ? 
_refine.ls_matrix_type                           ? 
_refine.ls_number_constraints                    ? 
_refine.ls_number_parameters                     ? 
_refine.ls_number_reflns_all                     ? 
_refine.ls_number_reflns_obs                     14097 
_refine.ls_number_reflns_R_free                  706 
_refine.ls_number_reflns_R_work                  13391 
_refine.ls_number_restraints                     ? 
_refine.ls_percent_reflns_obs                    99.4400 
_refine.ls_percent_reflns_R_free                 5.0100 
_refine.ls_R_factor_all                          ? 
_refine.ls_R_factor_obs                          0.2160 
_refine.ls_R_factor_R_free                       0.2213 
_refine.ls_R_factor_R_free_error                 ? 
_refine.ls_R_factor_R_free_error_details         ? 
_refine.ls_R_factor_R_work                       0.2155 
_refine.ls_R_Fsqd_factor_obs                     ? 
_refine.ls_R_I_factor_obs                        ? 
_refine.ls_redundancy_reflns_all                 ? 
_refine.ls_redundancy_reflns_obs                 ? 
_refine.ls_restrained_S_all                      ? 
_refine.ls_restrained_S_obs                      ? 
_refine.ls_shift_over_esd_max                    ? 
_refine.ls_shift_over_esd_mean                   ? 
_refine.ls_structure_factor_coef                 ? 
_refine.ls_weighting_details                     ? 
_refine.ls_weighting_scheme                      ? 
_refine.ls_wR_factor_all                         ? 
_refine.ls_wR_factor_obs                         ? 
_refine.ls_wR_factor_R_free                      ? 
_refine.ls_wR_factor_R_work                      ? 
_refine.occupancy_max                            ? 
_refine.occupancy_min                            ? 
_refine.solvent_model_details                    'FLAT BULK SOLVENT MODEL' 
_refine.solvent_model_param_bsol                 ? 
_refine.solvent_model_param_ksol                 ? 
_refine.pdbx_R_complete                          ? 
_refine.ls_R_factor_gt                           ? 
_refine.ls_goodness_of_fit_gt                    ? 
_refine.ls_goodness_of_fit_ref                   ? 
_refine.ls_shift_over_su_max                     ? 
_refine.ls_shift_over_su_max_lt                  ? 
_refine.ls_shift_over_su_mean                    ? 
_refine.ls_shift_over_su_mean_lt                 ? 
_refine.pdbx_ls_sigma_I                          ? 
_refine.pdbx_ls_sigma_F                          1.390 
_refine.pdbx_ls_sigma_Fsqd                       ? 
_refine.pdbx_data_cutoff_high_absF               ? 
_refine.pdbx_data_cutoff_high_rms_absF           ? 
_refine.pdbx_data_cutoff_low_absF                ? 
_refine.pdbx_isotropic_thermal_model             ? 
_refine.pdbx_ls_cross_valid_method               THROUGHOUT 
_refine.pdbx_method_to_determine_struct          'MOLECULAR REPLACEMENT' 
_refine.pdbx_starting_model                      4ewi 
_refine.pdbx_stereochemistry_target_values       ML 
_refine.pdbx_R_Free_selection_details            Random 
_refine.pdbx_stereochem_target_val_spec_case     ? 
_refine.pdbx_overall_ESU_R                       ? 
_refine.pdbx_overall_ESU_R_Free                  ? 
_refine.pdbx_solvent_vdw_probe_radii             1.1100 
_refine.pdbx_solvent_ion_probe_radii             ? 
_refine.pdbx_solvent_shrinkage_radii             0.9000 
_refine.pdbx_real_space_R                        ? 
_refine.pdbx_density_correlation                 ? 
_refine.pdbx_pd_number_of_powder_patterns        ? 
_refine.pdbx_pd_number_of_points                 ? 
_refine.pdbx_pd_meas_number_of_points            ? 
_refine.pdbx_pd_proc_ls_prof_R_factor            ? 
_refine.pdbx_pd_proc_ls_prof_wR_factor           ? 
_refine.pdbx_pd_Marquardt_correlation_coeff      ? 
_refine.pdbx_pd_Fsqrd_R_factor                   ? 
_refine.pdbx_pd_ls_matrix_band_width             ? 
_refine.pdbx_overall_phase_error                 35.9600 
_refine.pdbx_overall_SU_R_free_Cruickshank_DPI   ? 
_refine.pdbx_overall_SU_R_free_Blow_DPI          ? 
_refine.pdbx_overall_SU_R_Blow_DPI               ? 
_refine.pdbx_TLS_residual_ADP_flag               ? 
_refine.pdbx_diffrn_id                           1 
_refine.overall_SU_B                             ? 
_refine.overall_SU_ML                            0.3100 
_refine.overall_SU_R_Cruickshank_DPI             ? 
_refine.overall_SU_R_free                        ? 
_refine.overall_FOM_free_R_set                   ? 
_refine.overall_FOM_work_R_set                   ? 
_refine.pdbx_average_fsc_overall                 ? 
_refine.pdbx_average_fsc_work                    ? 
_refine.pdbx_average_fsc_free                    ? 
# 
_refine_hist.pdbx_refine_id                   'X-RAY DIFFRACTION' 
_refine_hist.cycle_id                         final 
_refine_hist.details                          ? 
_refine_hist.d_res_high                       1.9500 
_refine_hist.d_res_low                        28.8600 
_refine_hist.number_atoms_solvent             16 
_refine_hist.number_atoms_total               790 
_refine_hist.number_reflns_all                ? 
_refine_hist.number_reflns_obs                ? 
_refine_hist.number_reflns_R_free             ? 
_refine_hist.number_reflns_R_work             ? 
_refine_hist.R_factor_all                     ? 
_refine_hist.R_factor_obs                     ? 
_refine_hist.R_factor_R_free                  ? 
_refine_hist.R_factor_R_work                  ? 
_refine_hist.pdbx_number_residues_total       89 
_refine_hist.pdbx_B_iso_mean_ligand           ? 
_refine_hist.pdbx_B_iso_mean_solvent          75.11 
_refine_hist.pdbx_number_atoms_protein        774 
_refine_hist.pdbx_number_atoms_nucleic_acid   0 
_refine_hist.pdbx_number_atoms_ligand         0 
_refine_hist.pdbx_number_atoms_lipid          ? 
_refine_hist.pdbx_number_atoms_carb           ? 
_refine_hist.pdbx_pseudo_atom_details         ? 
# 
loop_
_refine_ls_shell.pdbx_refine_id 
_refine_ls_shell.d_res_high 
_refine_ls_shell.d_res_low 
_refine_ls_shell.number_reflns_all 
_refine_ls_shell.number_reflns_obs 
_refine_ls_shell.number_reflns_R_free 
_refine_ls_shell.number_reflns_R_work 
_refine_ls_shell.percent_reflns_obs 
_refine_ls_shell.percent_reflns_R_free 
_refine_ls_shell.R_factor_all 
_refine_ls_shell.R_factor_obs 
_refine_ls_shell.R_factor_R_free 
_refine_ls_shell.R_factor_R_free_error 
_refine_ls_shell.R_factor_R_work 
_refine_ls_shell.redundancy_reflns_all 
_refine_ls_shell.redundancy_reflns_obs 
_refine_ls_shell.wR_factor_all 
_refine_ls_shell.wR_factor_obs 
_refine_ls_shell.wR_factor_R_free 
_refine_ls_shell.wR_factor_R_work 
_refine_ls_shell.pdbx_R_complete 
_refine_ls_shell.pdbx_total_number_of_bins_used 
_refine_ls_shell.pdbx_phase_error 
_refine_ls_shell.pdbx_fsc_work 
_refine_ls_shell.pdbx_fsc_free 
'X-RAY DIFFRACTION' 1.9500 2.1000  2814 . 142 2672 99.0000  . . . 0.3824 0.0000 0.3515 . . . . . . . 5 . . . 
'X-RAY DIFFRACTION' 2.1000 2.3100  2793 . 141 2652 99.0000  . . . 0.3666 0.0000 0.2765 . . . . . . . 5 . . . 
'X-RAY DIFFRACTION' 2.3100 2.6400  2813 . 139 2674 100.0000 . . . 0.3182 0.0000 0.2627 . . . . . . . 5 . . . 
'X-RAY DIFFRACTION' 2.6400 3.3300  2852 . 141 2711 100.0000 . . . 0.2418 0.0000 0.2714 . . . . . . . 5 . . . 
'X-RAY DIFFRACTION' 3.3300 28.8600 2825 . 143 2682 100.0000 . . . 0.1831 0.0000 0.1788 . . . . . . . 5 . . . 
# 
_struct.entry_id                     6Z2G 
_struct.title                        'Crystal structure of human NLRP9 PYD' 
_struct.pdbx_model_details           ? 
_struct.pdbx_formula_weight          ? 
_struct.pdbx_formula_weight_method   ? 
_struct.pdbx_model_type_details      ? 
_struct.pdbx_CASP_flag               N 
# 
_struct_keywords.entry_id        6Z2G 
_struct_keywords.text            'Inflammasome, Pyrin domain, PYD, NLRP9, IMMUNE SYSTEM' 
_struct_keywords.pdbx_keywords   'IMMUNE SYSTEM' 
# 
loop_
_struct_asym.id 
_struct_asym.pdbx_blank_PDB_chainid_flag 
_struct_asym.pdbx_modified 
_struct_asym.entity_id 
_struct_asym.details 
A N N 1 ? 
B N N 2 ? 
# 
_struct_ref.id                         1 
_struct_ref.db_name                    UNP 
_struct_ref.db_code                    NLRP9_HUMAN 
_struct_ref.pdbx_db_accession          Q7RTR0 
_struct_ref.pdbx_db_isoform            ? 
_struct_ref.entity_id                  1 
_struct_ref.pdbx_seq_one_letter_code   
;MAESFFSDFGLLWYLKELRKEEFWKFKELLKQPLEKFELKPIPWAELKKASKEDVAKLLDKHYPGKQAWEVTLNLFLQIN
RKDLWTKAQEEMRNKLN
;
_struct_ref.pdbx_align_begin           1 
# 
_struct_ref_seq.align_id                      1 
_struct_ref_seq.ref_id                        1 
_struct_ref_seq.pdbx_PDB_id_code              6Z2G 
_struct_ref_seq.pdbx_strand_id                A 
_struct_ref_seq.seq_align_beg                 3 
_struct_ref_seq.pdbx_seq_align_beg_ins_code   ? 
_struct_ref_seq.seq_align_end                 99 
_struct_ref_seq.pdbx_seq_align_end_ins_code   ? 
_struct_ref_seq.pdbx_db_accession             Q7RTR0 
_struct_ref_seq.db_align_beg                  1 
_struct_ref_seq.pdbx_db_align_beg_ins_code    ? 
_struct_ref_seq.db_align_end                  97 
_struct_ref_seq.pdbx_db_align_end_ins_code    ? 
_struct_ref_seq.pdbx_auth_seq_align_beg       1 
_struct_ref_seq.pdbx_auth_seq_align_end       97 
# 
loop_
_struct_ref_seq_dif.align_id 
_struct_ref_seq_dif.pdbx_pdb_id_code 
_struct_ref_seq_dif.mon_id 
_struct_ref_seq_dif.pdbx_pdb_strand_id 
_struct_ref_seq_dif.seq_num 
_struct_ref_seq_dif.pdbx_pdb_ins_code 
_struct_ref_seq_dif.pdbx_seq_db_name 
_struct_ref_seq_dif.pdbx_seq_db_accession_code 
_struct_ref_seq_dif.db_mon_id 
_struct_ref_seq_dif.pdbx_seq_db_seq_num 
_struct_ref_seq_dif.details 
_struct_ref_seq_dif.pdbx_auth_seq_num 
_struct_ref_seq_dif.pdbx_ordinal 
1 6Z2G GLY A 1 ? UNP Q7RTR0 ? ? 'expression tag' -1 1 
1 6Z2G ALA A 2 ? UNP Q7RTR0 ? ? 'expression tag' 0  2 
# 
_pdbx_struct_assembly.id                   1 
_pdbx_struct_assembly.details              author_and_software_defined_assembly 
_pdbx_struct_assembly.method_details       PISA 
_pdbx_struct_assembly.oligomeric_details   monomeric 
_pdbx_struct_assembly.oligomeric_count     1 
# 
loop_
_pdbx_struct_assembly_prop.biol_id 
_pdbx_struct_assembly_prop.type 
_pdbx_struct_assembly_prop.value 
_pdbx_struct_assembly_prop.details 
1 'ABSA (A^2)' 0    ? 
1 MORE         0    ? 
1 'SSA (A^2)'  6190 ? 
# 
_pdbx_struct_assembly_gen.assembly_id       1 
_pdbx_struct_assembly_gen.oper_expression   1 
_pdbx_struct_assembly_gen.asym_id_list      A,B 
# 
_pdbx_struct_assembly_auth_evidence.id                     1 
_pdbx_struct_assembly_auth_evidence.assembly_id            1 
_pdbx_struct_assembly_auth_evidence.experimental_support   'gel filtration' 
_pdbx_struct_assembly_auth_evidence.details                ? 
# 
_pdbx_struct_oper_list.id                   1 
_pdbx_struct_oper_list.type                 'identity operation' 
_pdbx_struct_oper_list.name                 1_555 
_pdbx_struct_oper_list.symmetry_operation   x,y,z 
_pdbx_struct_oper_list.matrix[1][1]         1.0000000000 
_pdbx_struct_oper_list.matrix[1][2]         0.0000000000 
_pdbx_struct_oper_list.matrix[1][3]         0.0000000000 
_pdbx_struct_oper_list.vector[1]            0.0000000000 
_pdbx_struct_oper_list.matrix[2][1]         0.0000000000 
_pdbx_struct_oper_list.matrix[2][2]         1.0000000000 
_pdbx_struct_oper_list.matrix[2][3]         0.0000000000 
_pdbx_struct_oper_list.vector[2]            0.0000000000 
_pdbx_struct_oper_list.matrix[3][1]         0.0000000000 
_pdbx_struct_oper_list.matrix[3][2]         0.0000000000 
_pdbx_struct_oper_list.matrix[3][3]         1.0000000000 
_pdbx_struct_oper_list.vector[3]            0.0000000000 
# 
loop_
_struct_conf.conf_type_id 
_struct_conf.id 
_struct_conf.pdbx_PDB_helix_id 
_struct_conf.beg_label_comp_id 
_struct_conf.beg_label_asym_id 
_struct_conf.beg_label_seq_id 
_struct_conf.pdbx_beg_PDB_ins_code 
_struct_conf.end_label_comp_id 
_struct_conf.end_label_asym_id 
_struct_conf.end_label_seq_id 
_struct_conf.pdbx_end_PDB_ins_code 
_struct_conf.beg_auth_comp_id 
_struct_conf.beg_auth_asym_id 
_struct_conf.beg_auth_seq_id 
_struct_conf.end_auth_comp_id 
_struct_conf.end_auth_asym_id 
_struct_conf.end_auth_seq_id 
_struct_conf.pdbx_PDB_helix_class 
_struct_conf.details 
_struct_conf.pdbx_PDB_helix_length 
HELX_P HELX_P1 AA1 PHE A 11 ? LYS A 18 ? PHE A 9  LYS A 16 1 ? 8  
HELX_P HELX_P2 AA2 ARG A 21 ? GLN A 34 ? ARG A 19 GLN A 32 1 ? 14 
HELX_P HELX_P3 AA3 PRO A 45 ? LYS A 50 ? PRO A 43 LYS A 48 5 ? 6  
HELX_P HELX_P4 AA4 SER A 53 ? TYR A 65 ? SER A 51 TYR A 63 1 ? 13 
HELX_P HELX_P5 AA5 GLY A 67 ? ILE A 81 ? GLY A 65 ILE A 79 1 ? 15 
HELX_P HELX_P6 AA6 ARG A 83 ? ASN A 99 ? ARG A 81 ASN A 97 1 ? 17 
# 
_struct_conf_type.id          HELX_P 
_struct_conf_type.criteria    ? 
_struct_conf_type.reference   ? 
# 
_pdbx_refine_tls.id               1 
_pdbx_refine_tls.pdbx_refine_id   'X-RAY DIFFRACTION' 
_pdbx_refine_tls.details          ? 
_pdbx_refine_tls.method           refined 
_pdbx_refine_tls.origin_x         0.0867 
_pdbx_refine_tls.origin_y         0.2682 
_pdbx_refine_tls.origin_z         -0.1354 
_pdbx_refine_tls.T[1][1]          0.4446 
_pdbx_refine_tls.T[1][1]_esd      ? 
_pdbx_refine_tls.T[1][2]          -0.0030 
_pdbx_refine_tls.T[1][2]_esd      ? 
_pdbx_refine_tls.T[1][3]          0.0279 
_pdbx_refine_tls.T[1][3]_esd      ? 
_pdbx_refine_tls.T[2][2]          0.4418 
_pdbx_refine_tls.T[2][2]_esd      ? 
_pdbx_refine_tls.T[2][3]          0.0330 
_pdbx_refine_tls.T[2][3]_esd      ? 
_pdbx_refine_tls.T[3][3]          0.4655 
_pdbx_refine_tls.T[3][3]_esd      ? 
_pdbx_refine_tls.L[1][1]          4.2749 
_pdbx_refine_tls.L[1][1]_esd      ? 
_pdbx_refine_tls.L[1][2]          -0.4070 
_pdbx_refine_tls.L[1][2]_esd      ? 
_pdbx_refine_tls.L[1][3]          -2.9880 
_pdbx_refine_tls.L[1][3]_esd      ? 
_pdbx_refine_tls.L[2][2]          4.4323 
_pdbx_refine_tls.L[2][2]_esd      ? 
_pdbx_refine_tls.L[2][3]          -0.4843 
_pdbx_refine_tls.L[2][3]_esd      ? 
_pdbx_refine_tls.L[3][3]          6.3836 
_pdbx_refine_tls.L[3][3]_esd      ? 
_pdbx_refine_tls.S[1][1]          0.1213 
_pdbx_refine_tls.S[1][1]_esd      ? 
_pdbx_refine_tls.S[1][2]          -0.2004 
_pdbx_refine_tls.S[1][2]_esd      ? 
_pdbx_refine_tls.S[1][3]          -0.2741 
_pdbx_refine_tls.S[1][3]_esd      ? 
_pdbx_refine_tls.S[2][1]          -0.1516 
_pdbx_refine_tls.S[2][1]_esd      ? 
_pdbx_refine_tls.S[2][2]          -0.2858 
_pdbx_refine_tls.S[2][2]_esd      ? 
_pdbx_refine_tls.S[2][3]          -0.0914 
_pdbx_refine_tls.S[2][3]_esd      ? 
_pdbx_refine_tls.S[3][1]          0.1882 
_pdbx_refine_tls.S[3][1]_esd      ? 
_pdbx_refine_tls.S[3][2]          0.2951 
_pdbx_refine_tls.S[3][2]_esd      ? 
_pdbx_refine_tls.S[3][3]          0.2111 
_pdbx_refine_tls.S[3][3]_esd      ? 
# 
loop_
_pdbx_refine_tls_group.id 
_pdbx_refine_tls_group.pdbx_refine_id 
_pdbx_refine_tls_group.refine_tls_id 
_pdbx_refine_tls_group.beg_label_asym_id 
_pdbx_refine_tls_group.beg_label_seq_id 
_pdbx_refine_tls_group.beg_auth_asym_id 
_pdbx_refine_tls_group.beg_auth_seq_id 
_pdbx_refine_tls_group.beg_PDB_ins_code 
_pdbx_refine_tls_group.end_label_asym_id 
_pdbx_refine_tls_group.end_label_seq_id 
_pdbx_refine_tls_group.end_auth_asym_id 
_pdbx_refine_tls_group.end_auth_seq_id 
_pdbx_refine_tls_group.end_PDB_ins_code 
_pdbx_refine_tls_group.selection 
_pdbx_refine_tls_group.selection_details 
1 'X-RAY DIFFRACTION' 1 ? ? A 9 ? ? ? A 97 ? ? all 
2 'X-RAY DIFFRACTION' 1 ? ? S 1 ? ? ? S 17 ? ? all 
# 
loop_
_pdbx_unobs_or_zero_occ_residues.id 
_pdbx_unobs_or_zero_occ_residues.PDB_model_num 
_pdbx_unobs_or_zero_occ_residues.polymer_flag 
_pdbx_unobs_or_zero_occ_residues.occupancy_flag 
_pdbx_unobs_or_zero_occ_residues.auth_asym_id 
_pdbx_unobs_or_zero_occ_residues.auth_comp_id 
_pdbx_unobs_or_zero_occ_residues.auth_seq_id 
_pdbx_unobs_or_zero_occ_residues.PDB_ins_code 
_pdbx_unobs_or_zero_occ_residues.label_asym_id 
_pdbx_unobs_or_zero_occ_residues.label_comp_id 
_pdbx_unobs_or_zero_occ_residues.label_seq_id 
1  1 Y 1 A GLY -1 ? A GLY 1  
2  1 Y 1 A ALA 0  ? A ALA 2  
3  1 Y 1 A MET 1  ? A MET 3  
4  1 Y 1 A ALA 2  ? A ALA 4  
5  1 Y 1 A GLU 3  ? A GLU 5  
6  1 Y 1 A SER 4  ? A SER 6  
7  1 Y 1 A PHE 5  ? A PHE 7  
8  1 Y 1 A PHE 6  ? A PHE 8  
9  1 Y 1 A SER 7  ? A SER 9  
10 1 Y 1 A ASP 8  ? A ASP 10 
# 
loop_
_chem_comp_atom.comp_id 
_chem_comp_atom.atom_id 
_chem_comp_atom.type_symbol 
_chem_comp_atom.pdbx_aromatic_flag 
_chem_comp_atom.pdbx_stereo_config 
_chem_comp_atom.pdbx_ordinal 
ALA N    N N N 1   
ALA CA   C N S 2   
ALA C    C N N 3   
ALA O    O N N 4   
ALA CB   C N N 5   
ALA OXT  O N N 6   
ALA H    H N N 7   
ALA H2   H N N 8   
ALA HA   H N N 9   
ALA HB1  H N N 10  
ALA HB2  H N N 11  
ALA HB3  H N N 12  
ALA HXT  H N N 13  
ARG N    N N N 14  
ARG CA   C N S 15  
ARG C    C N N 16  
ARG O    O N N 17  
ARG CB   C N N 18  
ARG CG   C N N 19  
ARG CD   C N N 20  
ARG NE   N N N 21  
ARG CZ   C N N 22  
ARG NH1  N N N 23  
ARG NH2  N N N 24  
ARG OXT  O N N 25  
ARG H    H N N 26  
ARG H2   H N N 27  
ARG HA   H N N 28  
ARG HB2  H N N 29  
ARG HB3  H N N 30  
ARG HG2  H N N 31  
ARG HG3  H N N 32  
ARG HD2  H N N 33  
ARG HD3  H N N 34  
ARG HE   H N N 35  
ARG HH11 H N N 36  
ARG HH12 H N N 37  
ARG HH21 H N N 38  
ARG HH22 H N N 39  
ARG HXT  H N N 40  
ASN N    N N N 41  
ASN CA   C N S 42  
ASN C    C N N 43  
ASN O    O N N 44  
ASN CB   C N N 45  
ASN CG   C N N 46  
ASN OD1  O N N 47  
ASN ND2  N N N 48  
ASN OXT  O N N 49  
ASN H    H N N 50  
ASN H2   H N N 51  
ASN HA   H N N 52  
ASN HB2  H N N 53  
ASN HB3  H N N 54  
ASN HD21 H N N 55  
ASN HD22 H N N 56  
ASN HXT  H N N 57  
ASP N    N N N 58  
ASP CA   C N S 59  
ASP C    C N N 60  
ASP O    O N N 61  
ASP CB   C N N 62  
ASP CG   C N N 63  
ASP OD1  O N N 64  
ASP OD2  O N N 65  
ASP OXT  O N N 66  
ASP H    H N N 67  
ASP H2   H N N 68  
ASP HA   H N N 69  
ASP HB2  H N N 70  
ASP HB3  H N N 71  
ASP HD2  H N N 72  
ASP HXT  H N N 73  
GLN N    N N N 74  
GLN CA   C N S 75  
GLN C    C N N 76  
GLN O    O N N 77  
GLN CB   C N N 78  
GLN CG   C N N 79  
GLN CD   C N N 80  
GLN OE1  O N N 81  
GLN NE2  N N N 82  
GLN OXT  O N N 83  
GLN H    H N N 84  
GLN H2   H N N 85  
GLN HA   H N N 86  
GLN HB2  H N N 87  
GLN HB3  H N N 88  
GLN HG2  H N N 89  
GLN HG3  H N N 90  
GLN HE21 H N N 91  
GLN HE22 H N N 92  
GLN HXT  H N N 93  
GLU N    N N N 94  
GLU CA   C N S 95  
GLU C    C N N 96  
GLU O    O N N 97  
GLU CB   C N N 98  
GLU CG   C N N 99  
GLU CD   C N N 100 
GLU OE1  O N N 101 
GLU OE2  O N N 102 
GLU OXT  O N N 103 
GLU H    H N N 104 
GLU H2   H N N 105 
GLU HA   H N N 106 
GLU HB2  H N N 107 
GLU HB3  H N N 108 
GLU HG2  H N N 109 
GLU HG3  H N N 110 
GLU HE2  H N N 111 
GLU HXT  H N N 112 
GLY N    N N N 113 
GLY CA   C N N 114 
GLY C    C N N 115 
GLY O    O N N 116 
GLY OXT  O N N 117 
GLY H    H N N 118 
GLY H2   H N N 119 
GLY HA2  H N N 120 
GLY HA3  H N N 121 
GLY HXT  H N N 122 
HIS N    N N N 123 
HIS CA   C N S 124 
HIS C    C N N 125 
HIS O    O N N 126 
HIS CB   C N N 127 
HIS CG   C Y N 128 
HIS ND1  N Y N 129 
HIS CD2  C Y N 130 
HIS CE1  C Y N 131 
HIS NE2  N Y N 132 
HIS OXT  O N N 133 
HIS H    H N N 134 
HIS H2   H N N 135 
HIS HA   H N N 136 
HIS HB2  H N N 137 
HIS HB3  H N N 138 
HIS HD1  H N N 139 
HIS HD2  H N N 140 
HIS HE1  H N N 141 
HIS HE2  H N N 142 
HIS HXT  H N N 143 
HOH O    O N N 144 
HOH H1   H N N 145 
HOH H2   H N N 146 
ILE N    N N N 147 
ILE CA   C N S 148 
ILE C    C N N 149 
ILE O    O N N 150 
ILE CB   C N S 151 
ILE CG1  C N N 152 
ILE CG2  C N N 153 
ILE CD1  C N N 154 
ILE OXT  O N N 155 
ILE H    H N N 156 
ILE H2   H N N 157 
ILE HA   H N N 158 
ILE HB   H N N 159 
ILE HG12 H N N 160 
ILE HG13 H N N 161 
ILE HG21 H N N 162 
ILE HG22 H N N 163 
ILE HG23 H N N 164 
ILE HD11 H N N 165 
ILE HD12 H N N 166 
ILE HD13 H N N 167 
ILE HXT  H N N 168 
LEU N    N N N 169 
LEU CA   C N S 170 
LEU C    C N N 171 
LEU O    O N N 172 
LEU CB   C N N 173 
LEU CG   C N N 174 
LEU CD1  C N N 175 
LEU CD2  C N N 176 
LEU OXT  O N N 177 
LEU H    H N N 178 
LEU H2   H N N 179 
LEU HA   H N N 180 
LEU HB2  H N N 181 
LEU HB3  H N N 182 
LEU HG   H N N 183 
LEU HD11 H N N 184 
LEU HD12 H N N 185 
LEU HD13 H N N 186 
LEU HD21 H N N 187 
LEU HD22 H N N 188 
LEU HD23 H N N 189 
LEU HXT  H N N 190 
LYS N    N N N 191 
LYS CA   C N S 192 
LYS C    C N N 193 
LYS O    O N N 194 
LYS CB   C N N 195 
LYS CG   C N N 196 
LYS CD   C N N 197 
LYS CE   C N N 198 
LYS NZ   N N N 199 
LYS OXT  O N N 200 
LYS H    H N N 201 
LYS H2   H N N 202 
LYS HA   H N N 203 
LYS HB2  H N N 204 
LYS HB3  H N N 205 
LYS HG2  H N N 206 
LYS HG3  H N N 207 
LYS HD2  H N N 208 
LYS HD3  H N N 209 
LYS HE2  H N N 210 
LYS HE3  H N N 211 
LYS HZ1  H N N 212 
LYS HZ2  H N N 213 
LYS HZ3  H N N 214 
LYS HXT  H N N 215 
MET N    N N N 216 
MET CA   C N S 217 
MET C    C N N 218 
MET O    O N N 219 
MET CB   C N N 220 
MET CG   C N N 221 
MET SD   S N N 222 
MET CE   C N N 223 
MET OXT  O N N 224 
MET H    H N N 225 
MET H2   H N N 226 
MET HA   H N N 227 
MET HB2  H N N 228 
MET HB3  H N N 229 
MET HG2  H N N 230 
MET HG3  H N N 231 
MET HE1  H N N 232 
MET HE2  H N N 233 
MET HE3  H N N 234 
MET HXT  H N N 235 
PHE N    N N N 236 
PHE CA   C N S 237 
PHE C    C N N 238 
PHE O    O N N 239 
PHE CB   C N N 240 
PHE CG   C Y N 241 
PHE CD1  C Y N 242 
PHE CD2  C Y N 243 
PHE CE1  C Y N 244 
PHE CE2  C Y N 245 
PHE CZ   C Y N 246 
PHE OXT  O N N 247 
PHE H    H N N 248 
PHE H2   H N N 249 
PHE HA   H N N 250 
PHE HB2  H N N 251 
PHE HB3  H N N 252 
PHE HD1  H N N 253 
PHE HD2  H N N 254 
PHE HE1  H N N 255 
PHE HE2  H N N 256 
PHE HZ   H N N 257 
PHE HXT  H N N 258 
PRO N    N N N 259 
PRO CA   C N S 260 
PRO C    C N N 261 
PRO O    O N N 262 
PRO CB   C N N 263 
PRO CG   C N N 264 
PRO CD   C N N 265 
PRO OXT  O N N 266 
PRO H    H N N 267 
PRO HA   H N N 268 
PRO HB2  H N N 269 
PRO HB3  H N N 270 
PRO HG2  H N N 271 
PRO HG3  H N N 272 
PRO HD2  H N N 273 
PRO HD3  H N N 274 
PRO HXT  H N N 275 
SER N    N N N 276 
SER CA   C N S 277 
SER C    C N N 278 
SER O    O N N 279 
SER CB   C N N 280 
SER OG   O N N 281 
SER OXT  O N N 282 
SER H    H N N 283 
SER H2   H N N 284 
SER HA   H N N 285 
SER HB2  H N N 286 
SER HB3  H N N 287 
SER HG   H N N 288 
SER HXT  H N N 289 
THR N    N N N 290 
THR CA   C N S 291 
THR C    C N N 292 
THR O    O N N 293 
THR CB   C N R 294 
THR OG1  O N N 295 
THR CG2  C N N 296 
THR OXT  O N N 297 
THR H    H N N 298 
THR H2   H N N 299 
THR HA   H N N 300 
THR HB   H N N 301 
THR HG1  H N N 302 
THR HG21 H N N 303 
THR HG22 H N N 304 
THR HG23 H N N 305 
THR HXT  H N N 306 
TRP N    N N N 307 
TRP CA   C N S 308 
TRP C    C N N 309 
TRP O    O N N 310 
TRP CB   C N N 311 
TRP CG   C Y N 312 
TRP CD1  C Y N 313 
TRP CD2  C Y N 314 
TRP NE1  N Y N 315 
TRP CE2  C Y N 316 
TRP CE3  C Y N 317 
TRP CZ2  C Y N 318 
TRP CZ3  C Y N 319 
TRP CH2  C Y N 320 
TRP OXT  O N N 321 
TRP H    H N N 322 
TRP H2   H N N 323 
TRP HA   H N N 324 
TRP HB2  H N N 325 
TRP HB3  H N N 326 
TRP HD1  H N N 327 
TRP HE1  H N N 328 
TRP HE3  H N N 329 
TRP HZ2  H N N 330 
TRP HZ3  H N N 331 
TRP HH2  H N N 332 
TRP HXT  H N N 333 
TYR N    N N N 334 
TYR CA   C N S 335 
TYR C    C N N 336 
TYR O    O N N 337 
TYR CB   C N N 338 
TYR CG   C Y N 339 
TYR CD1  C Y N 340 
TYR CD2  C Y N 341 
TYR CE1  C Y N 342 
TYR CE2  C Y N 343 
TYR CZ   C Y N 344 
TYR OH   O N N 345 
TYR OXT  O N N 346 
TYR H    H N N 347 
TYR H2   H N N 348 
TYR HA   H N N 349 
TYR HB2  H N N 350 
TYR HB3  H N N 351 
TYR HD1  H N N 352 
TYR HD2  H N N 353 
TYR HE1  H N N 354 
TYR HE2  H N N 355 
TYR HH   H N N 356 
TYR HXT  H N N 357 
VAL N    N N N 358 
VAL CA   C N S 359 
VAL C    C N N 360 
VAL O    O N N 361 
VAL CB   C N N 362 
VAL CG1  C N N 363 
VAL CG2  C N N 364 
VAL OXT  O N N 365 
VAL H    H N N 366 
VAL H2   H N N 367 
VAL HA   H N N 368 
VAL HB   H N N 369 
VAL HG11 H N N 370 
VAL HG12 H N N 371 
VAL HG13 H N N 372 
VAL HG21 H N N 373 
VAL HG22 H N N 374 
VAL HG23 H N N 375 
VAL HXT  H N N 376 
# 
loop_
_chem_comp_bond.comp_id 
_chem_comp_bond.atom_id_1 
_chem_comp_bond.atom_id_2 
_chem_comp_bond.value_order 
_chem_comp_bond.pdbx_aromatic_flag 
_chem_comp_bond.pdbx_stereo_config 
_chem_comp_bond.pdbx_ordinal 
ALA N   CA   sing N N 1   
ALA N   H    sing N N 2   
ALA N   H2   sing N N 3   
ALA CA  C    sing N N 4   
ALA CA  CB   sing N N 5   
ALA CA  HA   sing N N 6   
ALA C   O    doub N N 7   
ALA C   OXT  sing N N 8   
ALA CB  HB1  sing N N 9   
ALA CB  HB2  sing N N 10  
ALA CB  HB3  sing N N 11  
ALA OXT HXT  sing N N 12  
ARG N   CA   sing N N 13  
ARG N   H    sing N N 14  
ARG N   H2   sing N N 15  
ARG CA  C    sing N N 16  
ARG CA  CB   sing N N 17  
ARG CA  HA   sing N N 18  
ARG C   O    doub N N 19  
ARG C   OXT  sing N N 20  
ARG CB  CG   sing N N 21  
ARG CB  HB2  sing N N 22  
ARG CB  HB3  sing N N 23  
ARG CG  CD   sing N N 24  
ARG CG  HG2  sing N N 25  
ARG CG  HG3  sing N N 26  
ARG CD  NE   sing N N 27  
ARG CD  HD2  sing N N 28  
ARG CD  HD3  sing N N 29  
ARG NE  CZ   sing N N 30  
ARG NE  HE   sing N N 31  
ARG CZ  NH1  sing N N 32  
ARG CZ  NH2  doub N N 33  
ARG NH1 HH11 sing N N 34  
ARG NH1 HH12 sing N N 35  
ARG NH2 HH21 sing N N 36  
ARG NH2 HH22 sing N N 37  
ARG OXT HXT  sing N N 38  
ASN N   CA   sing N N 39  
ASN N   H    sing N N 40  
ASN N   H2   sing N N 41  
ASN CA  C    sing N N 42  
ASN CA  CB   sing N N 43  
ASN CA  HA   sing N N 44  
ASN C   O    doub N N 45  
ASN C   OXT  sing N N 46  
ASN CB  CG   sing N N 47  
ASN CB  HB2  sing N N 48  
ASN CB  HB3  sing N N 49  
ASN CG  OD1  doub N N 50  
ASN CG  ND2  sing N N 51  
ASN ND2 HD21 sing N N 52  
ASN ND2 HD22 sing N N 53  
ASN OXT HXT  sing N N 54  
ASP N   CA   sing N N 55  
ASP N   H    sing N N 56  
ASP N   H2   sing N N 57  
ASP CA  C    sing N N 58  
ASP CA  CB   sing N N 59  
ASP CA  HA   sing N N 60  
ASP C   O    doub N N 61  
ASP C   OXT  sing N N 62  
ASP CB  CG   sing N N 63  
ASP CB  HB2  sing N N 64  
ASP CB  HB3  sing N N 65  
ASP CG  OD1  doub N N 66  
ASP CG  OD2  sing N N 67  
ASP OD2 HD2  sing N N 68  
ASP OXT HXT  sing N N 69  
GLN N   CA   sing N N 70  
GLN N   H    sing N N 71  
GLN N   H2   sing N N 72  
GLN CA  C    sing N N 73  
GLN CA  CB   sing N N 74  
GLN CA  HA   sing N N 75  
GLN C   O    doub N N 76  
GLN C   OXT  sing N N 77  
GLN CB  CG   sing N N 78  
GLN CB  HB2  sing N N 79  
GLN CB  HB3  sing N N 80  
GLN CG  CD   sing N N 81  
GLN CG  HG2  sing N N 82  
GLN CG  HG3  sing N N 83  
GLN CD  OE1  doub N N 84  
GLN CD  NE2  sing N N 85  
GLN NE2 HE21 sing N N 86  
GLN NE2 HE22 sing N N 87  
GLN OXT HXT  sing N N 88  
GLU N   CA   sing N N 89  
GLU N   H    sing N N 90  
GLU N   H2   sing N N 91  
GLU CA  C    sing N N 92  
GLU CA  CB   sing N N 93  
GLU CA  HA   sing N N 94  
GLU C   O    doub N N 95  
GLU C   OXT  sing N N 96  
GLU CB  CG   sing N N 97  
GLU CB  HB2  sing N N 98  
GLU CB  HB3  sing N N 99  
GLU CG  CD   sing N N 100 
GLU CG  HG2  sing N N 101 
GLU CG  HG3  sing N N 102 
GLU CD  OE1  doub N N 103 
GLU CD  OE2  sing N N 104 
GLU OE2 HE2  sing N N 105 
GLU OXT HXT  sing N N 106 
GLY N   CA   sing N N 107 
GLY N   H    sing N N 108 
GLY N   H2   sing N N 109 
GLY CA  C    sing N N 110 
GLY CA  HA2  sing N N 111 
GLY CA  HA3  sing N N 112 
GLY C   O    doub N N 113 
GLY C   OXT  sing N N 114 
GLY OXT HXT  sing N N 115 
HIS N   CA   sing N N 116 
HIS N   H    sing N N 117 
HIS N   H2   sing N N 118 
HIS CA  C    sing N N 119 
HIS CA  CB   sing N N 120 
HIS CA  HA   sing N N 121 
HIS C   O    doub N N 122 
HIS C   OXT  sing N N 123 
HIS CB  CG   sing N N 124 
HIS CB  HB2  sing N N 125 
HIS CB  HB3  sing N N 126 
HIS CG  ND1  sing Y N 127 
HIS CG  CD2  doub Y N 128 
HIS ND1 CE1  doub Y N 129 
HIS ND1 HD1  sing N N 130 
HIS CD2 NE2  sing Y N 131 
HIS CD2 HD2  sing N N 132 
HIS CE1 NE2  sing Y N 133 
HIS CE1 HE1  sing N N 134 
HIS NE2 HE2  sing N N 135 
HIS OXT HXT  sing N N 136 
HOH O   H1   sing N N 137 
HOH O   H2   sing N N 138 
ILE N   CA   sing N N 139 
ILE N   H    sing N N 140 
ILE N   H2   sing N N 141 
ILE CA  C    sing N N 142 
ILE CA  CB   sing N N 143 
ILE CA  HA   sing N N 144 
ILE C   O    doub N N 145 
ILE C   OXT  sing N N 146 
ILE CB  CG1  sing N N 147 
ILE CB  CG2  sing N N 148 
ILE CB  HB   sing N N 149 
ILE CG1 CD1  sing N N 150 
ILE CG1 HG12 sing N N 151 
ILE CG1 HG13 sing N N 152 
ILE CG2 HG21 sing N N 153 
ILE CG2 HG22 sing N N 154 
ILE CG2 HG23 sing N N 155 
ILE CD1 HD11 sing N N 156 
ILE CD1 HD12 sing N N 157 
ILE CD1 HD13 sing N N 158 
ILE OXT HXT  sing N N 159 
LEU N   CA   sing N N 160 
LEU N   H    sing N N 161 
LEU N   H2   sing N N 162 
LEU CA  C    sing N N 163 
LEU CA  CB   sing N N 164 
LEU CA  HA   sing N N 165 
LEU C   O    doub N N 166 
LEU C   OXT  sing N N 167 
LEU CB  CG   sing N N 168 
LEU CB  HB2  sing N N 169 
LEU CB  HB3  sing N N 170 
LEU CG  CD1  sing N N 171 
LEU CG  CD2  sing N N 172 
LEU CG  HG   sing N N 173 
LEU CD1 HD11 sing N N 174 
LEU CD1 HD12 sing N N 175 
LEU CD1 HD13 sing N N 176 
LEU CD2 HD21 sing N N 177 
LEU CD2 HD22 sing N N 178 
LEU CD2 HD23 sing N N 179 
LEU OXT HXT  sing N N 180 
LYS N   CA   sing N N 181 
LYS N   H    sing N N 182 
LYS N   H2   sing N N 183 
LYS CA  C    sing N N 184 
LYS CA  CB   sing N N 185 
LYS CA  HA   sing N N 186 
LYS C   O    doub N N 187 
LYS C   OXT  sing N N 188 
LYS CB  CG   sing N N 189 
LYS CB  HB2  sing N N 190 
LYS CB  HB3  sing N N 191 
LYS CG  CD   sing N N 192 
LYS CG  HG2  sing N N 193 
LYS CG  HG3  sing N N 194 
LYS CD  CE   sing N N 195 
LYS CD  HD2  sing N N 196 
LYS CD  HD3  sing N N 197 
LYS CE  NZ   sing N N 198 
LYS CE  HE2  sing N N 199 
LYS CE  HE3  sing N N 200 
LYS NZ  HZ1  sing N N 201 
LYS NZ  HZ2  sing N N 202 
LYS NZ  HZ3  sing N N 203 
LYS OXT HXT  sing N N 204 
MET N   CA   sing N N 205 
MET N   H    sing N N 206 
MET N   H2   sing N N 207 
MET CA  C    sing N N 208 
MET CA  CB   sing N N 209 
MET CA  HA   sing N N 210 
MET C   O    doub N N 211 
MET C   OXT  sing N N 212 
MET CB  CG   sing N N 213 
MET CB  HB2  sing N N 214 
MET CB  HB3  sing N N 215 
MET CG  SD   sing N N 216 
MET CG  HG2  sing N N 217 
MET CG  HG3  sing N N 218 
MET SD  CE   sing N N 219 
MET CE  HE1  sing N N 220 
MET CE  HE2  sing N N 221 
MET CE  HE3  sing N N 222 
MET OXT HXT  sing N N 223 
PHE N   CA   sing N N 224 
PHE N   H    sing N N 225 
PHE N   H2   sing N N 226 
PHE CA  C    sing N N 227 
PHE CA  CB   sing N N 228 
PHE CA  HA   sing N N 229 
PHE C   O    doub N N 230 
PHE C   OXT  sing N N 231 
PHE CB  CG   sing N N 232 
PHE CB  HB2  sing N N 233 
PHE CB  HB3  sing N N 234 
PHE CG  CD1  doub Y N 235 
PHE CG  CD2  sing Y N 236 
PHE CD1 CE1  sing Y N 237 
PHE CD1 HD1  sing N N 238 
PHE CD2 CE2  doub Y N 239 
PHE CD2 HD2  sing N N 240 
PHE CE1 CZ   doub Y N 241 
PHE CE1 HE1  sing N N 242 
PHE CE2 CZ   sing Y N 243 
PHE CE2 HE2  sing N N 244 
PHE CZ  HZ   sing N N 245 
PHE OXT HXT  sing N N 246 
PRO N   CA   sing N N 247 
PRO N   CD   sing N N 248 
PRO N   H    sing N N 249 
PRO CA  C    sing N N 250 
PRO CA  CB   sing N N 251 
PRO CA  HA   sing N N 252 
PRO C   O    doub N N 253 
PRO C   OXT  sing N N 254 
PRO CB  CG   sing N N 255 
PRO CB  HB2  sing N N 256 
PRO CB  HB3  sing N N 257 
PRO CG  CD   sing N N 258 
PRO CG  HG2  sing N N 259 
PRO CG  HG3  sing N N 260 
PRO CD  HD2  sing N N 261 
PRO CD  HD3  sing N N 262 
PRO OXT HXT  sing N N 263 
SER N   CA   sing N N 264 
SER N   H    sing N N 265 
SER N   H2   sing N N 266 
SER CA  C    sing N N 267 
SER CA  CB   sing N N 268 
SER CA  HA   sing N N 269 
SER C   O    doub N N 270 
SER C   OXT  sing N N 271 
SER CB  OG   sing N N 272 
SER CB  HB2  sing N N 273 
SER CB  HB3  sing N N 274 
SER OG  HG   sing N N 275 
SER OXT HXT  sing N N 276 
THR N   CA   sing N N 277 
THR N   H    sing N N 278 
THR N   H2   sing N N 279 
THR CA  C    sing N N 280 
THR CA  CB   sing N N 281 
THR CA  HA   sing N N 282 
THR C   O    doub N N 283 
THR C   OXT  sing N N 284 
THR CB  OG1  sing N N 285 
THR CB  CG2  sing N N 286 
THR CB  HB   sing N N 287 
THR OG1 HG1  sing N N 288 
THR CG2 HG21 sing N N 289 
THR CG2 HG22 sing N N 290 
THR CG2 HG23 sing N N 291 
THR OXT HXT  sing N N 292 
TRP N   CA   sing N N 293 
TRP N   H    sing N N 294 
TRP N   H2   sing N N 295 
TRP CA  C    sing N N 296 
TRP CA  CB   sing N N 297 
TRP CA  HA   sing N N 298 
TRP C   O    doub N N 299 
TRP C   OXT  sing N N 300 
TRP CB  CG   sing N N 301 
TRP CB  HB2  sing N N 302 
TRP CB  HB3  sing N N 303 
TRP CG  CD1  doub Y N 304 
TRP CG  CD2  sing Y N 305 
TRP CD1 NE1  sing Y N 306 
TRP CD1 HD1  sing N N 307 
TRP CD2 CE2  doub Y N 308 
TRP CD2 CE3  sing Y N 309 
TRP NE1 CE2  sing Y N 310 
TRP NE1 HE1  sing N N 311 
TRP CE2 CZ2  sing Y N 312 
TRP CE3 CZ3  doub Y N 313 
TRP CE3 HE3  sing N N 314 
TRP CZ2 CH2  doub Y N 315 
TRP CZ2 HZ2  sing N N 316 
TRP CZ3 CH2  sing Y N 317 
TRP CZ3 HZ3  sing N N 318 
TRP CH2 HH2  sing N N 319 
TRP OXT HXT  sing N N 320 
TYR N   CA   sing N N 321 
TYR N   H    sing N N 322 
TYR N   H2   sing N N 323 
TYR CA  C    sing N N 324 
TYR CA  CB   sing N N 325 
TYR CA  HA   sing N N 326 
TYR C   O    doub N N 327 
TYR C   OXT  sing N N 328 
TYR CB  CG   sing N N 329 
TYR CB  HB2  sing N N 330 
TYR CB  HB3  sing N N 331 
TYR CG  CD1  doub Y N 332 
TYR CG  CD2  sing Y N 333 
TYR CD1 CE1  sing Y N 334 
TYR CD1 HD1  sing N N 335 
TYR CD2 CE2  doub Y N 336 
TYR CD2 HD2  sing N N 337 
TYR CE1 CZ   doub Y N 338 
TYR CE1 HE1  sing N N 339 
TYR CE2 CZ   sing Y N 340 
TYR CE2 HE2  sing N N 341 
TYR CZ  OH   sing N N 342 
TYR OH  HH   sing N N 343 
TYR OXT HXT  sing N N 344 
VAL N   CA   sing N N 345 
VAL N   H    sing N N 346 
VAL N   H2   sing N N 347 
VAL CA  C    sing N N 348 
VAL CA  CB   sing N N 349 
VAL CA  HA   sing N N 350 
VAL C   O    doub N N 351 
VAL C   OXT  sing N N 352 
VAL CB  CG1  sing N N 353 
VAL CB  CG2  sing N N 354 
VAL CB  HB   sing N N 355 
VAL CG1 HG11 sing N N 356 
VAL CG1 HG12 sing N N 357 
VAL CG1 HG13 sing N N 358 
VAL CG2 HG21 sing N N 359 
VAL CG2 HG22 sing N N 360 
VAL CG2 HG23 sing N N 361 
VAL OXT HXT  sing N N 362 
# 
_pdbx_audit_support.funding_organization   'German Research Foundation (DFG)' 
_pdbx_audit_support.country                Germany 
_pdbx_audit_support.grant_number           2014_A203 
_pdbx_audit_support.ordinal                1 
# 
_pdbx_initial_refinement_model.id               1 
_pdbx_initial_refinement_model.entity_id_list   ? 
_pdbx_initial_refinement_model.type             'experimental model' 
_pdbx_initial_refinement_model.source_name      PDB 
_pdbx_initial_refinement_model.accession_code   4EWI 
_pdbx_initial_refinement_model.details          ? 
# 
_atom_sites.entry_id                    6Z2G 
_atom_sites.Cartn_transf_matrix[1][1]   ? 
_atom_sites.Cartn_transf_matrix[1][2]   ? 
_atom_sites.Cartn_transf_matrix[1][3]   ? 
_atom_sites.Cartn_transf_matrix[2][1]   ? 
_atom_sites.Cartn_transf_matrix[2][2]   ? 
_atom_sites.Cartn_transf_matrix[2][3]   ? 
_atom_sites.Cartn_transf_matrix[3][1]   ? 
_atom_sites.Cartn_transf_matrix[3][2]   ? 
_atom_sites.Cartn_transf_matrix[3][3]   ? 
_atom_sites.Cartn_transf_vector[1]      ? 
_atom_sites.Cartn_transf_vector[2]      ? 
_atom_sites.Cartn_transf_vector[3]      ? 
_atom_sites.fract_transf_matrix[1][1]   -0.00600089 
_atom_sites.fract_transf_matrix[1][2]   0.02932582 
_atom_sites.fract_transf_matrix[1][3]   -0.01744183 
_atom_sites.fract_transf_matrix[2][1]   -0.01073369 
_atom_sites.fract_transf_matrix[2][2]   -0.00130860 
_atom_sites.fract_transf_matrix[2][3]   -0.03291325 
_atom_sites.fract_transf_matrix[3][1]   -0.00305509 
_atom_sites.fract_transf_matrix[3][2]   -0.00003183 
_atom_sites.fract_transf_matrix[3][3]   0.00099759 
_atom_sites.fract_transf_vector[1]      -0.517527 
_atom_sites.fract_transf_vector[2]      -0.420753 
_atom_sites.fract_transf_vector[3]      0.033951 
_atom_sites.solution_primary            ? 
_atom_sites.solution_secondary          ? 
_atom_sites.solution_hydrogens          ? 
_atom_sites.special_details             ? 
# 
loop_
_atom_type.symbol 
C 
N 
O 
S 
# 
loop_
_atom_site.group_PDB 
_atom_site.id 
_atom_site.type_symbol 
_atom_site.label_atom_id 
_atom_site.label_alt_id 
_atom_site.label_comp_id 
_atom_site.label_asym_id 
_atom_site.label_entity_id 
_atom_site.label_seq_id 
_atom_site.pdbx_PDB_ins_code 
_atom_site.Cartn_x 
_atom_site.Cartn_y 
_atom_site.Cartn_z 
_atom_site.occupancy 
_atom_site.B_iso_or_equiv 
_atom_site.pdbx_formal_charge 
_atom_site.auth_seq_id 
_atom_site.auth_comp_id 
_atom_site.auth_asym_id 
_atom_site.auth_atom_id 
_atom_site.pdbx_PDB_model_num 
ATOM   1   N N   . PHE A 1 11 ? 11.075  1.497   6.605   1.00 113.82 ? 9   PHE A N   1 
ATOM   2   C CA  . PHE A 1 11 ? 9.823   1.266   5.882   1.00 110.87 ? 9   PHE A CA  1 
ATOM   3   C C   . PHE A 1 11 ? 9.872   2.090   4.597   1.00 109.42 ? 9   PHE A C   1 
ATOM   4   O O   . PHE A 1 11 ? 9.418   3.235   4.531   1.00 126.49 ? 9   PHE A O   1 
ATOM   5   C CB  . PHE A 1 11 ? 8.612   1.630   6.737   0.00 106.31 ? 9   PHE A CB  1 
ATOM   6   C CG  . PHE A 1 11 ? 8.325   0.657   7.852   0.00 106.98 ? 9   PHE A CG  1 
ATOM   7   C CD1 . PHE A 1 11 ? 7.811   -0.603  7.580   0.00 104.16 ? 9   PHE A CD1 1 
ATOM   8   C CD2 . PHE A 1 11 ? 8.543   1.015   9.176   0.00 113.82 ? 9   PHE A CD2 1 
ATOM   9   C CE1 . PHE A 1 11 ? 7.542   -1.495  8.607   0.00 108.90 ? 9   PHE A CE1 1 
ATOM   10  C CE2 . PHE A 1 11 ? 8.274   0.130   10.208  0.00 117.07 ? 9   PHE A CE2 1 
ATOM   11  C CZ  . PHE A 1 11 ? 7.772   -1.126  9.924   0.00 114.87 ? 9   PHE A CZ  1 
ATOM   12  N N   . GLY A 1 12 ? 10.461  1.493   3.558   1.00 118.60 ? 10  GLY A N   1 
ATOM   13  C CA  . GLY A 1 12 ? 10.456  2.134   2.254   1.00 98.63  ? 10  GLY A CA  1 
ATOM   14  C C   . GLY A 1 12 ? 9.057   2.345   1.717   1.00 79.72  ? 10  GLY A C   1 
ATOM   15  O O   . GLY A 1 12 ? 8.828   3.230   0.886   1.00 72.97  ? 10  GLY A O   1 
ATOM   16  N N   . LEU A 1 13 ? 8.103   1.534   2.178   1.00 84.03  ? 11  LEU A N   1 
ATOM   17  C CA  . LEU A 1 13 ? 6.709   1.724   1.796   1.00 62.89  ? 11  LEU A CA  1 
ATOM   18  C C   . LEU A 1 13 ? 6.194   3.091   2.235   1.00 57.87  ? 11  LEU A C   1 
ATOM   19  O O   . LEU A 1 13 ? 5.444   3.752   1.505   1.00 62.48  ? 11  LEU A O   1 
ATOM   20  C CB  . LEU A 1 13 ? 5.867   0.608   2.402   1.00 66.66  ? 11  LEU A CB  1 
ATOM   21  C CG  . LEU A 1 13 ? 5.033   -0.217  1.425   1.00 71.84  ? 11  LEU A CG  1 
ATOM   22  C CD1 . LEU A 1 13 ? 5.756   -0.363  0.112   1.00 71.95  ? 11  LEU A CD1 1 
ATOM   23  C CD2 . LEU A 1 13 ? 4.747   -1.576  2.017   1.00 82.35  ? 11  LEU A CD2 1 
ATOM   24  N N   . LEU A 1 14 ? 6.587   3.533   3.427   1.00 51.75  ? 12  LEU A N   1 
ATOM   25  C CA  . LEU A 1 14 ? 6.104   4.808   3.934   1.00 62.89  ? 12  LEU A CA  1 
ATOM   26  C C   . LEU A 1 14 ? 6.547   5.982   3.065   1.00 67.69  ? 12  LEU A C   1 
ATOM   27  O O   . LEU A 1 14 ? 5.830   6.987   2.978   1.00 63.12  ? 12  LEU A O   1 
ATOM   28  C CB  . LEU A 1 14 ? 6.582   4.998   5.370   1.00 58.09  ? 12  LEU A CB  1 
ATOM   29  C CG  . LEU A 1 14 ? 6.230   6.311   6.062   1.00 64.15  ? 12  LEU A CG  1 
ATOM   30  C CD1 . LEU A 1 14 ? 4.710   6.509   6.146   1.00 57.86  ? 12  LEU A CD1 1 
ATOM   31  C CD2 . LEU A 1 14 ? 6.853   6.332   7.438   1.00 64.05  ? 12  LEU A CD2 1 
ATOM   32  N N   . TRP A 1 15 ? 7.705   5.875   2.409   1.00 59.90  ? 13  TRP A N   1 
ATOM   33  C CA  . TRP A 1 15 ? 8.187   6.982   1.594   1.00 53.10  ? 13  TRP A CA  1 
ATOM   34  C C   . TRP A 1 15 ? 7.196   7.335   0.499   1.00 49.63  ? 13  TRP A C   1 
ATOM   35  O O   . TRP A 1 15 ? 7.085   8.502   0.120   1.00 61.14  ? 13  TRP A O   1 
ATOM   36  C CB  . TRP A 1 15 ? 9.551   6.647   0.979   1.00 51.06  ? 13  TRP A CB  1 
ATOM   37  C CG  . TRP A 1 15 ? 10.040  7.719   0.049   1.00 57.26  ? 13  TRP A CG  1 
ATOM   38  C CD1 . TRP A 1 15 ? 9.973   7.717   -1.311  1.00 56.77  ? 13  TRP A CD1 1 
ATOM   39  C CD2 . TRP A 1 15 ? 10.666  8.957   0.417   1.00 58.46  ? 13  TRP A CD2 1 
ATOM   40  N NE1 . TRP A 1 15 ? 10.528  8.873   -1.817  1.00 59.49  ? 13  TRP A NE1 1 
ATOM   41  C CE2 . TRP A 1 15 ? 10.936  9.659   -0.774  1.00 57.35  ? 13  TRP A CE2 1 
ATOM   42  C CE3 . TRP A 1 15 ? 11.002  9.546   1.636   1.00 58.08  ? 13  TRP A CE3 1 
ATOM   43  C CZ2 . TRP A 1 15 ? 11.541  10.909  -0.778  1.00 76.65  ? 13  TRP A CZ2 1 
ATOM   44  C CZ3 . TRP A 1 15 ? 11.594  10.794  1.633   1.00 64.16  ? 13  TRP A CZ3 1 
ATOM   45  C CH2 . TRP A 1 15 ? 11.860  11.461  0.435   1.00 84.18  ? 13  TRP A CH2 1 
ATOM   46  N N   . TYR A 1 16 ? 6.475   6.351   -0.019  1.00 44.76  ? 14  TYR A N   1 
ATOM   47  C CA  . TYR A 1 16 ? 5.469   6.608   -1.041  1.00 55.73  ? 14  TYR A CA  1 
ATOM   48  C C   . TYR A 1 16 ? 4.099   6.875   -0.439  1.00 57.85  ? 14  TYR A C   1 
ATOM   49  O O   . TYR A 1 16 ? 3.362   7.730   -0.940  1.00 54.60  ? 14  TYR A O   1 
ATOM   50  C CB  . TYR A 1 16 ? 5.392   5.429   -2.013  1.00 52.52  ? 14  TYR A CB  1 
ATOM   51  C CG  . TYR A 1 16 ? 6.723   5.186   -2.693  1.00 52.30  ? 14  TYR A CG  1 
ATOM   52  C CD1 . TYR A 1 16 ? 7.102   5.934   -3.797  1.00 59.23  ? 14  TYR A CD1 1 
ATOM   53  C CD2 . TYR A 1 16 ? 7.600   4.226   -2.220  1.00 55.00  ? 14  TYR A CD2 1 
ATOM   54  C CE1 . TYR A 1 16 ? 8.336   5.729   -4.427  1.00 58.28  ? 14  TYR A CE1 1 
ATOM   55  C CE2 . TYR A 1 16 ? 8.832   3.998   -2.848  1.00 52.41  ? 14  TYR A CE2 1 
ATOM   56  C CZ  . TYR A 1 16 ? 9.195   4.765   -3.946  1.00 65.87  ? 14  TYR A CZ  1 
ATOM   57  O OH  . TYR A 1 16 ? 10.418  4.558   -4.583  1.00 71.00  ? 14  TYR A OH  1 
ATOM   58  N N   . LEU A 1 17 ? 3.754   6.155   0.629   1.00 49.10  ? 15  LEU A N   1 
ATOM   59  C CA  . LEU A 1 17 ? 2.467   6.363   1.283   1.00 48.17  ? 15  LEU A CA  1 
ATOM   60  C C   . LEU A 1 17 ? 2.296   7.804   1.743   1.00 57.74  ? 15  LEU A C   1 
ATOM   61  O O   . LEU A 1 17 ? 1.184   8.342   1.689   1.00 62.21  ? 15  LEU A O   1 
ATOM   62  C CB  . LEU A 1 17 ? 2.332   5.416   2.466   1.00 56.80  ? 15  LEU A CB  1 
ATOM   63  C CG  . LEU A 1 17 ? 1.621   4.082   2.242   1.00 67.11  ? 15  LEU A CG  1 
ATOM   64  C CD1 . LEU A 1 17 ? 1.664   3.264   3.516   1.00 74.73  ? 15  LEU A CD1 1 
ATOM   65  C CD2 . LEU A 1 17 ? 0.176   4.314   1.830   1.00 63.61  ? 15  LEU A CD2 1 
ATOM   66  N N   . LYS A 1 18 ? 3.378   8.453   2.181   1.00 52.32  ? 16  LYS A N   1 
ATOM   67  C CA  . LYS A 1 18 ? 3.280   9.832   2.638   1.00 50.73  ? 16  LYS A CA  1 
ATOM   68  C C   . LYS A 1 18 ? 2.791   10.785  1.550   1.00 57.65  ? 16  LYS A C   1 
ATOM   69  O O   . LYS A 1 18 ? 2.389   11.907  1.873   1.00 61.57  ? 16  LYS A O   1 
ATOM   70  C CB  . LYS A 1 18 ? 4.633   10.310  3.169   1.00 52.58  ? 16  LYS A CB  1 
ATOM   71  C CG  . LYS A 1 18 ? 5.637   10.699  2.081   1.00 62.92  ? 16  LYS A CG  1 
ATOM   72  C CD  . LYS A 1 18 ? 7.009   11.007  2.686   1.00 63.17  ? 16  LYS A CD  1 
ATOM   73  C CE  . LYS A 1 18 ? 7.870   11.834  1.734   1.00 57.00  ? 16  LYS A CE  1 
ATOM   74  N NZ  . LYS A 1 18 ? 8.017   11.178  0.397   1.00 60.55  ? 16  LYS A NZ  1 
ATOM   75  N N   . GLU A 1 19 ? 2.821   10.382  0.279   1.00 48.95  ? 17  GLU A N   1 
ATOM   76  C CA  . GLU A 1 19 ? 2.434   11.278  -0.804  1.00 55.45  ? 17  GLU A CA  1 
ATOM   77  C C   . GLU A 1 19 ? 0.933   11.284  -1.062  1.00 61.98  ? 17  GLU A C   1 
ATOM   78  O O   . GLU A 1 19 ? 0.444   12.152  -1.797  1.00 58.78  ? 17  GLU A O   1 
ATOM   79  C CB  . GLU A 1 19 ? 3.175   10.897  -2.089  1.00 52.62  ? 17  GLU A CB  1 
ATOM   80  C CG  . GLU A 1 19 ? 4.695   11.061  -1.992  1.00 66.51  ? 17  GLU A CG  1 
ATOM   81  C CD  . GLU A 1 19 ? 5.123   12.513  -1.806  1.00 83.71  ? 17  GLU A CD  1 
ATOM   82  O OE1 . GLU A 1 19 ? 4.416   13.411  -2.308  1.00 88.93  ? 17  GLU A OE1 1 
ATOM   83  O OE2 . GLU A 1 19 ? 6.165   12.760  -1.157  1.00 86.95  ? 17  GLU A OE2 1 
ATOM   84  N N   . LEU A 1 20 ? 0.200   10.342  -0.487  1.00 59.80  ? 18  LEU A N   1 
ATOM   85  C CA  . LEU A 1 20 ? -1.245  10.332  -0.644  1.00 56.16  ? 18  LEU A CA  1 
ATOM   86  C C   . LEU A 1 20 ? -1.853  11.549  0.037   1.00 58.58  ? 18  LEU A C   1 
ATOM   87  O O   . LEU A 1 20 ? -1.478  11.900  1.159   1.00 61.70  ? 18  LEU A O   1 
ATOM   88  C CB  . LEU A 1 20 ? -1.820  9.051   -0.055  1.00 55.89  ? 18  LEU A CB  1 
ATOM   89  C CG  . LEU A 1 20 ? -1.292  7.787   -0.721  1.00 49.11  ? 18  LEU A CG  1 
ATOM   90  C CD1 . LEU A 1 20 ? -2.056  6.552   -0.292  1.00 50.74  ? 18  LEU A CD1 1 
ATOM   91  C CD2 . LEU A 1 20 ? -1.372  7.953   -2.220  1.00 51.49  ? 18  LEU A CD2 1 
ATOM   92  N N   . ARG A 1 21 ? -2.765  12.220  -0.659  1.00 57.09  ? 19  ARG A N   1 
ATOM   93  C CA  . ARG A 1 21 ? -3.534  13.249  0.023   1.00 59.89  ? 19  ARG A CA  1 
ATOM   94  C C   . ARG A 1 21 ? -4.678  12.608  0.810   1.00 60.42  ? 19  ARG A C   1 
ATOM   95  O O   . ARG A 1 21 ? -4.940  11.408  0.709   1.00 56.04  ? 19  ARG A O   1 
ATOM   96  C CB  . ARG A 1 21 ? -4.040  14.304  -0.962  1.00 65.42  ? 19  ARG A CB  1 
ATOM   97  C CG  . ARG A 1 21 ? -4.620  13.766  -2.245  1.00 86.24  ? 19  ARG A CG  1 
ATOM   98  C CD  . ARG A 1 21 ? -4.785  14.868  -3.288  1.00 95.10  ? 19  ARG A CD  1 
ATOM   99  N NE  . ARG A 1 21 ? -3.502  15.399  -3.747  1.00 97.71  ? 19  ARG A NE  1 
ATOM   100 C CZ  . ARG A 1 21 ? -2.932  15.084  -4.907  1.00 93.42  ? 19  ARG A CZ  1 
ATOM   101 N NH1 . ARG A 1 21 ? -3.528  14.238  -5.735  1.00 82.01  ? 19  ARG A NH1 1 
ATOM   102 N NH2 . ARG A 1 21 ? -1.761  15.615  -5.241  1.00 99.08  ? 19  ARG A NH2 1 
ATOM   103 N N   . LYS A 1 22 ? -5.359  13.427  1.612   1.00 63.69  ? 20  LYS A N   1 
ATOM   104 C CA  . LYS A 1 22 ? -6.258  12.896  2.630   1.00 58.47  ? 20  LYS A CA  1 
ATOM   105 C C   . LYS A 1 22 ? -7.286  11.947  2.025   1.00 58.21  ? 20  LYS A C   1 
ATOM   106 O O   . LYS A 1 22 ? -7.491  10.836  2.528   1.00 60.35  ? 20  LYS A O   1 
ATOM   107 C CB  . LYS A 1 22 ? -6.938  14.047  3.378   1.00 72.57  ? 20  LYS A CB  1 
ATOM   108 C CG  . LYS A 1 22 ? -7.976  13.583  4.393   1.00 87.19  ? 20  LYS A CG  1 
ATOM   109 C CD  . LYS A 1 22 ? -8.716  14.751  5.048   1.00 95.39  ? 20  LYS A CD  1 
ATOM   110 C CE  . LYS A 1 22 ? -9.901  14.263  5.891   1.00 94.41  ? 20  LYS A CE  1 
ATOM   111 N NZ  . LYS A 1 22 ? -10.924 13.527  5.085   1.00 86.94  ? 20  LYS A NZ  1 
ATOM   112 N N   . GLU A 1 23 ? -7.930  12.350  0.933   1.00 57.34  ? 21  GLU A N   1 
ATOM   113 C CA  . GLU A 1 23 ? -8.991  11.511  0.387   1.00 57.03  ? 21  GLU A CA  1 
ATOM   114 C C   . GLU A 1 23 ? -8.422  10.248  -0.245  1.00 63.60  ? 21  GLU A C   1 
ATOM   115 O O   . GLU A 1 23 ? -9.022  9.169   -0.155  1.00 54.69  ? 21  GLU A O   1 
ATOM   116 C CB  . GLU A 1 23 ? -9.819  12.322  -0.605  1.00 66.44  ? 21  GLU A CB  1 
ATOM   117 C CG  . GLU A 1 23 ? -10.358 13.616  0.033   1.00 80.45  ? 21  GLU A CG  1 
ATOM   118 C CD  . GLU A 1 23 ? -11.360 14.340  -0.837  0.00 81.85  ? 21  GLU A CD  1 
ATOM   119 O OE1 . GLU A 1 23 ? -11.055 15.460  -1.298  1.00 83.79  ? 21  GLU A OE1 1 
ATOM   120 O OE2 . GLU A 1 23 ? -12.457 13.788  -1.053  0.39 83.52  ? 21  GLU A OE2 1 
ATOM   121 N N   . GLU A 1 24 ? -7.250  10.351  -0.861  1.00 52.54  ? 22  GLU A N   1 
ATOM   122 C CA  . GLU A 1 24 ? -6.645  9.165   -1.458  1.00 51.27  ? 22  GLU A CA  1 
ATOM   123 C C   . GLU A 1 24 ? -6.249  8.157   -0.390  1.00 46.07  ? 22  GLU A C   1 
ATOM   124 O O   . GLU A 1 24 ? -6.393  6.943   -0.586  1.00 51.28  ? 22  GLU A O   1 
ATOM   125 C CB  . GLU A 1 24 ? -5.436  9.575   -2.302  1.00 57.81  ? 22  GLU A CB  1 
ATOM   126 C CG  . GLU A 1 24 ? -5.807  10.417  -3.509  1.00 67.39  ? 22  GLU A CG  1 
ATOM   127 C CD  . GLU A 1 24 ? -4.617  11.143  -4.097  1.00 72.14  ? 22  GLU A CD  1 
ATOM   128 O OE1 . GLU A 1 24 ? -4.820  11.963  -5.015  1.00 72.39  ? 22  GLU A OE1 1 
ATOM   129 O OE2 . GLU A 1 24 ? -3.485  10.913  -3.621  1.00 66.84  ? 22  GLU A OE2 1 
ATOM   130 N N   . PHE A 1 25 ? -5.748  8.639   0.744   1.00 48.54  ? 23  PHE A N   1 
ATOM   131 C CA  . PHE A 1 25 ? -5.373  7.744   1.834   1.00 51.15  ? 23  PHE A CA  1 
ATOM   132 C C   . PHE A 1 25 ? -6.600  7.059   2.439   1.00 52.59  ? 23  PHE A C   1 
ATOM   133 O O   . PHE A 1 25 ? -6.549  5.873   2.791   1.00 48.16  ? 23  PHE A O   1 
ATOM   134 C CB  . PHE A 1 25 ? -4.601  8.537   2.886   1.00 45.50  ? 23  PHE A CB  1 
ATOM   135 C CG  . PHE A 1 25 ? -4.101  7.715   4.038   1.00 53.06  ? 23  PHE A CG  1 
ATOM   136 C CD1 . PHE A 1 25 ? -3.421  6.536   3.828   1.00 58.16  ? 23  PHE A CD1 1 
ATOM   137 C CD2 . PHE A 1 25 ? -4.288  8.149   5.338   1.00 65.48  ? 23  PHE A CD2 1 
ATOM   138 C CE1 . PHE A 1 25 ? -2.946  5.794   4.895   1.00 61.01  ? 23  PHE A CE1 1 
ATOM   139 C CE2 . PHE A 1 25 ? -3.817  7.415   6.405   1.00 70.01  ? 23  PHE A CE2 1 
ATOM   140 C CZ  . PHE A 1 25 ? -3.143  6.236   6.181   1.00 66.82  ? 23  PHE A CZ  1 
ATOM   141 N N   . TRP A 1 26 ? -7.715  7.780   2.568   1.00 49.95  ? 24  TRP A N   1 
ATOM   142 C CA  . TRP A 1 26 ? -8.918  7.132   3.086   1.00 43.16  ? 24  TRP A CA  1 
ATOM   143 C C   . TRP A 1 26 ? -9.346  5.984   2.180   1.00 55.00  ? 24  TRP A C   1 
ATOM   144 O O   . TRP A 1 26 ? -9.641  4.882   2.659   1.00 48.02  ? 24  TRP A O   1 
ATOM   145 C CB  . TRP A 1 26 ? -10.058 8.146   3.246   1.00 52.66  ? 24  TRP A CB  1 
ATOM   146 C CG  . TRP A 1 26 ? -11.320 7.479   3.622   1.00 68.81  ? 24  TRP A CG  1 
ATOM   147 C CD1 . TRP A 1 26 ? -11.674 7.035   4.864   1.00 72.99  ? 24  TRP A CD1 1 
ATOM   148 C CD2 . TRP A 1 26 ? -12.407 7.153   2.752   1.00 70.17  ? 24  TRP A CD2 1 
ATOM   149 N NE1 . TRP A 1 26 ? -12.913 6.457   4.820   1.00 75.05  ? 24  TRP A NE1 1 
ATOM   150 C CE2 . TRP A 1 26 ? -13.387 6.515   3.535   1.00 76.08  ? 24  TRP A CE2 1 
ATOM   151 C CE3 . TRP A 1 26 ? -12.646 7.339   1.388   1.00 75.38  ? 24  TRP A CE3 1 
ATOM   152 C CZ2 . TRP A 1 26 ? -14.591 6.061   2.999   1.00 83.25  ? 24  TRP A CZ2 1 
ATOM   153 C CZ3 . TRP A 1 26 ? -13.840 6.889   0.856   1.00 76.39  ? 24  TRP A CZ3 1 
ATOM   154 C CH2 . TRP A 1 26 ? -14.797 6.256   1.660   1.00 85.03  ? 24  TRP A CH2 1 
ATOM   155 N N   . LYS A 1 27 ? -9.381  6.224   0.861   1.00 48.62  ? 25  LYS A N   1 
ATOM   156 C CA  . LYS A 1 27 ? -9.684  5.151   -0.086  1.00 51.69  ? 25  LYS A CA  1 
ATOM   157 C C   . LYS A 1 27 ? -8.701  3.999   0.049   1.00 53.81  ? 25  LYS A C   1 
ATOM   158 O O   . LYS A 1 27 ? -9.084  2.826   -0.040  1.00 50.14  ? 25  LYS A O   1 
ATOM   159 C CB  . LYS A 1 27 ? -9.638  5.664   -1.523  1.00 60.67  ? 25  LYS A CB  1 
ATOM   160 C CG  . LYS A 1 27 ? -10.599 6.755   -1.877  1.00 61.10  ? 25  LYS A CG  1 
ATOM   161 C CD  . LYS A 1 27 ? -10.574 6.936   -3.382  1.00 73.52  ? 25  LYS A CD  1 
ATOM   162 C CE  . LYS A 1 27 ? -11.202 8.241   -3.797  1.00 87.58  ? 25  LYS A CE  1 
ATOM   163 N NZ  . LYS A 1 27 ? -11.101 8.409   -5.268  1.00 91.18  ? 25  LYS A NZ  1 
ATOM   164 N N   . PHE A 1 28 ? -7.421  4.317   0.226   1.00 53.21  ? 26  PHE A N   1 
ATOM   165 C CA  . PHE A 1 28 ? -6.396  3.283   0.339   1.00 52.51  ? 26  PHE A CA  1 
ATOM   166 C C   . PHE A 1 28 ? -6.696  2.358   1.513   1.00 55.71  ? 26  PHE A C   1 
ATOM   167 O O   . PHE A 1 28 ? -6.617  1.130   1.396   1.00 54.37  ? 26  PHE A O   1 
ATOM   168 C CB  . PHE A 1 28 ? -5.019  3.944   0.485   1.00 48.53  ? 26  PHE A CB  1 
ATOM   169 C CG  . PHE A 1 28 ? -3.860  2.972   0.511   1.00 49.02  ? 26  PHE A CG  1 
ATOM   170 C CD1 . PHE A 1 28 ? -3.430  2.414   1.708   1.00 45.01  ? 26  PHE A CD1 1 
ATOM   171 C CD2 . PHE A 1 28 ? -3.184  2.645   -0.655  1.00 43.41  ? 26  PHE A CD2 1 
ATOM   172 C CE1 . PHE A 1 28 ? -2.367  1.534   1.755   1.00 47.69  ? 26  PHE A CE1 1 
ATOM   173 C CE2 . PHE A 1 28 ? -2.098  1.767   -0.622  1.00 47.56  ? 26  PHE A CE2 1 
ATOM   174 C CZ  . PHE A 1 28 ? -1.691  1.208   0.578   1.00 51.60  ? 26  PHE A CZ  1 
ATOM   175 N N   . LYS A 1 29 ? -7.071  2.937   2.652   1.00 42.73  ? 27  LYS A N   1 
ATOM   176 C CA  . LYS A 1 29 ? -7.397  2.105   3.799   1.00 50.76  ? 27  LYS A CA  1 
ATOM   177 C C   . LYS A 1 29 ? -8.677  1.306   3.563   1.00 49.32  ? 27  LYS A C   1 
ATOM   178 O O   . LYS A 1 29 ? -8.746  0.129   3.938   1.00 53.82  ? 27  LYS A O   1 
ATOM   179 C CB  . LYS A 1 29 ? -7.503  2.967   5.054   1.00 56.23  ? 27  LYS A CB  1 
ATOM   180 C CG  . LYS A 1 29 ? -6.146  3.380   5.582   1.00 45.97  ? 27  LYS A CG  1 
ATOM   181 C CD  . LYS A 1 29 ? -6.265  4.038   6.950   1.00 57.80  ? 27  LYS A CD  1 
ATOM   182 C CE  . LYS A 1 29 ? -6.799  5.444   6.838   1.00 60.43  ? 27  LYS A CE  1 
ATOM   183 N NZ  . LYS A 1 29 ? -6.644  6.138   8.132   1.00 58.58  ? 27  LYS A NZ  1 
ATOM   184 N N   . GLU A 1 30 ? -9.703  1.912   2.951   1.00 46.71  ? 28  GLU A N   1 
ATOM   185 C CA  . GLU A 1 30 ? -10.922 1.141   2.683   1.00 48.40  ? 28  GLU A CA  1 
ATOM   186 C C   . GLU A 1 30 ? -10.634 -0.046  1.772   1.00 61.92  ? 28  GLU A C   1 
ATOM   187 O O   . GLU A 1 30 ? -11.140 -1.154  2.001   1.00 57.35  ? 28  GLU A O   1 
ATOM   188 C CB  . GLU A 1 30 ? -12.011 2.030   2.071   1.00 52.66  ? 28  GLU A CB  1 
ATOM   189 C CG  . GLU A 1 30 ? -12.538 3.125   3.012   1.00 57.35  ? 28  GLU A CG  1 
ATOM   190 C CD  . GLU A 1 30 ? -13.268 2.555   4.229   1.00 61.57  ? 28  GLU A CD  1 
ATOM   191 O OE1 . GLU A 1 30 ? -14.156 1.703   4.036   1.00 53.76  ? 28  GLU A OE1 1 
ATOM   192 O OE2 . GLU A 1 30 ? -12.943 2.950   5.369   1.00 61.19  ? 28  GLU A OE2 1 
ATOM   193 N N   . LEU A 1 31 ? -9.800  0.158   0.741   1.00 56.73  ? 29  LEU A N   1 
ATOM   194 C CA  . LEU A 1 31 ? -9.474  -0.940  -0.168  1.00 50.10  ? 29  LEU A CA  1 
ATOM   195 C C   . LEU A 1 31 ? -8.739  -2.068  0.549   1.00 46.13  ? 29  LEU A C   1 
ATOM   196 O O   . LEU A 1 31 ? -8.942  -3.243  0.219   1.00 59.64  ? 29  LEU A O   1 
ATOM   197 C CB  . LEU A 1 31 ? -8.654  -0.414  -1.351  1.00 50.58  ? 29  LEU A CB  1 
ATOM   198 C CG  . LEU A 1 31 ? -9.471  0.367   -2.372  1.00 47.15  ? 29  LEU A CG  1 
ATOM   199 C CD1 . LEU A 1 31 ? -8.551  0.974   -3.440  1.00 54.70  ? 29  LEU A CD1 1 
ATOM   200 C CD2 . LEU A 1 31 ? -10.522 -0.525  -3.013  1.00 53.29  ? 29  LEU A CD2 1 
ATOM   201 N N   . LEU A 1 32 ? -7.908  -1.738  1.548   1.00 48.77  ? 30  LEU A N   1 
ATOM   202 C CA  . LEU A 1 32 ? -7.196  -2.765  2.317   1.00 46.57  ? 30  LEU A CA  1 
ATOM   203 C C   . LEU A 1 32 ? -8.138  -3.701  3.076   1.00 57.95  ? 30  LEU A C   1 
ATOM   204 O O   . LEU A 1 32 ? -7.774  -4.849  3.360   1.00 60.45  ? 30  LEU A O   1 
ATOM   205 C CB  . LEU A 1 32 ? -6.249  -2.107  3.311   1.00 43.81  ? 30  LEU A CB  1 
ATOM   206 C CG  . LEU A 1 32 ? -4.897  -1.636  2.741   1.00 49.20  ? 30  LEU A CG  1 
ATOM   207 C CD1 . LEU A 1 32 ? -4.089  -0.997  3.830   1.00 43.82  ? 30  LEU A CD1 1 
ATOM   208 C CD2 . LEU A 1 32 ? -4.152  -2.802  2.146   1.00 47.01  ? 30  LEU A CD2 1 
ATOM   209 N N   . LYS A 1 33 ? -9.319  -3.227  3.463   1.00 61.16  ? 31  LYS A N   1 
ATOM   210 C CA  . LYS A 1 33 ? -10.234 -4.069  4.229   1.00 54.15  ? 31  LYS A CA  1 
ATOM   211 C C   . LYS A 1 33 ? -11.124 -4.924  3.349   1.00 63.60  ? 31  LYS A C   1 
ATOM   212 O O   . LYS A 1 33 ? -11.811 -5.815  3.866   1.00 62.78  ? 31  LYS A O   1 
ATOM   213 C CB  . LYS A 1 33 ? -11.117 -3.213  5.127   1.00 53.02  ? 31  LYS A CB  1 
ATOM   214 C CG  . LYS A 1 33 ? -10.460 -2.019  5.765   1.00 45.16  ? 31  LYS A CG  1 
ATOM   215 C CD  . LYS A 1 33 ? -11.529 -1.179  6.466   1.00 56.54  ? 31  LYS A CD  1 
ATOM   216 C CE  . LYS A 1 33 ? -11.021 0.170   6.863   1.00 57.44  ? 31  LYS A CE  1 
ATOM   217 N NZ  . LYS A 1 33 ? -12.103 1.015   7.432   1.00 60.78  ? 31  LYS A NZ  1 
ATOM   218 N N   . GLN A 1 34 ? -11.151 -4.657  2.051   1.00 52.88  ? 32  GLN A N   1 
ATOM   219 C CA  . GLN A 1 34 ? -12.035 -5.350  1.129   1.00 54.99  ? 32  GLN A CA  1 
ATOM   220 C C   . GLN A 1 34 ? -11.298 -6.526  0.501   1.00 70.90  ? 32  GLN A C   1 
ATOM   221 O O   . GLN A 1 34 ? -10.069 -6.603  0.575   1.00 74.57  ? 32  GLN A O   1 
ATOM   222 C CB  . GLN A 1 34 ? -12.536 -4.372  0.065   1.00 60.51  ? 32  GLN A CB  1 
ATOM   223 C CG  . GLN A 1 34 ? -13.434 -3.264  0.631   1.00 59.75  ? 32  GLN A CG  1 
ATOM   224 C CD  . GLN A 1 34 ? -14.755 -3.795  1.148   1.00 70.27  ? 32  GLN A CD  1 
ATOM   225 O OE1 . GLN A 1 34 ? -15.300 -4.753  0.602   1.00 65.16  ? 32  GLN A OE1 1 
ATOM   226 N NE2 . GLN A 1 34 ? -15.280 -3.173  2.202   1.00 77.03  ? 32  GLN A NE2 1 
ATOM   227 N N   . PRO A 1 35 ? -12.018 -7.483  -0.095  1.00 68.22  ? 33  PRO A N   1 
ATOM   228 C CA  . PRO A 1 35 ? -11.335 -8.665  -0.647  1.00 72.70  ? 33  PRO A CA  1 
ATOM   229 C C   . PRO A 1 35 ? -10.287 -8.282  -1.680  1.00 83.43  ? 33  PRO A C   1 
ATOM   230 O O   . PRO A 1 35 ? -10.561 -7.550  -2.635  1.00 88.75  ? 33  PRO A O   1 
ATOM   231 C CB  . PRO A 1 35 ? -12.479 -9.467  -1.279  1.00 73.89  ? 33  PRO A CB  1 
ATOM   232 C CG  . PRO A 1 35 ? -13.683 -9.065  -0.509  1.00 70.67  ? 33  PRO A CG  1 
ATOM   233 C CD  . PRO A 1 35 ? -13.482 -7.609  -0.185  1.00 73.74  ? 33  PRO A CD  1 
ATOM   234 N N   . LEU A 1 36 ? -9.066  -8.778  -1.473  1.00 81.90  ? 34  LEU A N   1 
ATOM   235 C CA  . LEU A 1 36 ? -7.955  -8.551  -2.398  1.00 91.57  ? 34  LEU A CA  1 
ATOM   236 C C   . LEU A 1 36 ? -7.987  -9.669  -3.432  1.00 104.74 ? 34  LEU A C   1 
ATOM   237 O O   . LEU A 1 36 ? -7.390  -10.733 -3.252  1.00 107.30 ? 34  LEU A O   1 
ATOM   238 C CB  . LEU A 1 36 ? -6.626  -8.510  -1.655  1.00 78.88  ? 34  LEU A CB  1 
ATOM   239 C CG  . LEU A 1 36 ? -6.454  -7.630  -0.414  1.00 68.81  ? 34  LEU A CG  1 
ATOM   240 C CD1 . LEU A 1 36 ? -5.033  -7.784  0.133   1.00 71.55  ? 34  LEU A CD1 1 
ATOM   241 C CD2 . LEU A 1 36 ? -6.751  -6.170  -0.720  1.00 54.15  ? 34  LEU A CD2 1 
ATOM   242 N N   . GLU A 1 37 ? -8.770  -9.457  -4.490  1.00 102.50 ? 35  GLU A N   1 
ATOM   243 C CA  . GLU A 1 37 ? -9.026  -10.514 -5.507  1.00 104.56 ? 35  GLU A CA  1 
ATOM   244 C C   . GLU A 1 37 ? -7.844  -10.741 -6.452  1.00 99.53  ? 35  GLU A C   1 
ATOM   245 O O   . GLU A 1 37 ? -7.737  -11.858 -6.976  1.00 98.76  ? 35  GLU A O   1 
ATOM   246 C CB  . GLU A 1 37 ? -10.279 -10.177 -6.314  1.00 106.28 ? 35  GLU A CB  1 
ATOM   247 C CG  . GLU A 1 37 ? -11.426 -9.680  -5.460  1.00 107.64 ? 35  GLU A CG  1 
ATOM   248 C CD  . GLU A 1 37 ? -12.553 -9.056  -6.261  1.00 119.82 ? 35  GLU A CD  1 
ATOM   249 O OE1 . GLU A 1 37 ? -13.711 -9.475  -6.075  1.00 126.63 ? 35  GLU A OE1 1 
ATOM   250 O OE2 . GLU A 1 37 ? -12.265 -8.159  -7.074  1.00 122.83 ? 35  GLU A OE2 1 
ATOM   251 N N   . LYS A 1 38 ? -6.988  -9.742  -6.662  1.00 99.20  ? 36  LYS A N   1 
ATOM   252 C CA  . LYS A 1 38 ? -5.874  -9.932  -7.626  1.00 95.51  ? 36  LYS A CA  1 
ATOM   253 C C   . LYS A 1 38 ? -4.743  -10.769 -7.017  1.00 102.20 ? 36  LYS A C   1 
ATOM   254 O O   . LYS A 1 38 ? -3.936  -11.293 -7.795  1.00 111.22 ? 36  LYS A O   1 
ATOM   255 C CB  . LYS A 1 38 ? -5.372  -8.589  -8.160  0.40 30.00  ? 36  LYS A CB  1 
ATOM   256 C CG  . LYS A 1 38 ? -5.521  -8.403  -9.665  0.20 30.00  ? 36  LYS A CG  1 
ATOM   257 C CD  . LYS A 1 38 ? -5.778  -9.701  -10.407 0.20 30.00  ? 36  LYS A CD  1 
ATOM   258 C CE  . LYS A 1 38 ? -7.080  -9.705  -11.181 0.20 30.00  ? 36  LYS A CE  1 
ATOM   259 N NZ  . LYS A 1 38 ? -7.057  -10.685 -12.294 0.50 30.00  ? 36  LYS A NZ  1 
ATOM   260 N N   . PHE A 1 39 ? -4.696  -10.910 -5.690  1.00 87.64  ? 37  PHE A N   1 
ATOM   261 C CA  . PHE A 1 39 ? -3.586  -11.682 -5.076  1.00 94.76  ? 37  PHE A CA  1 
ATOM   262 C C   . PHE A 1 39 ? -4.103  -12.801 -4.163  1.00 96.15  ? 37  PHE A C   1 
ATOM   263 O O   . PHE A 1 39 ? -3.250  -13.530 -3.623  1.00 94.80  ? 37  PHE A O   1 
ATOM   264 C CB  . PHE A 1 39 ? -2.635  -10.742 -4.334  1.00 101.84 ? 37  PHE A CB  1 
ATOM   265 C CG  . PHE A 1 39 ? -2.037  -9.648  -5.180  1.00 105.22 ? 37  PHE A CG  1 
ATOM   266 C CD1 . PHE A 1 39 ? -1.098  -9.938  -6.156  1.00 105.07 ? 37  PHE A CD1 1 
ATOM   267 C CD2 . PHE A 1 39 ? -2.412  -8.327  -5.003  1.00 104.11 ? 37  PHE A CD2 1 
ATOM   268 C CE1 . PHE A 1 39 ? -0.549  -8.932  -6.935  1.00 102.46 ? 37  PHE A CE1 1 
ATOM   269 C CE2 . PHE A 1 39 ? -1.860  -7.322  -5.780  1.00 100.42 ? 37  PHE A CE2 1 
ATOM   270 C CZ  . PHE A 1 39 ? -0.931  -7.626  -6.745  1.00 99.68  ? 37  PHE A CZ  1 
ATOM   271 N N   . GLU A 1 40 ? -5.425  -12.926 -3.992  1.00 102.85 ? 38  GLU A N   1 
ATOM   272 C CA  . GLU A 1 40 ? -5.992  -13.975 -3.134  1.00 102.65 ? 38  GLU A CA  1 
ATOM   273 C C   . GLU A 1 40 ? -5.334  -13.971 -1.752  1.00 92.20  ? 38  GLU A C   1 
ATOM   274 O O   . GLU A 1 40 ? -5.038  -15.023 -1.176  1.00 97.87  ? 38  GLU A O   1 
ATOM   275 C CB  . GLU A 1 40 ? -5.887  -15.357 -3.793  1.00 105.06 ? 38  GLU A CB  1 
ATOM   276 C CG  . GLU A 1 40 ? -6.985  -16.385 -3.427  1.00 105.81 ? 38  GLU A CG  1 
ATOM   277 C CD  . GLU A 1 40 ? -8.034  -15.891 -2.426  0.00 98.68  ? 38  GLU A CD  1 
ATOM   278 O OE1 . GLU A 1 40 ? -8.057  -16.407 -1.285  1.00 96.68  ? 38  GLU A OE1 1 
ATOM   279 O OE2 . GLU A 1 40 ? -8.856  -15.018 -2.782  0.74 97.26  ? 38  GLU A OE2 1 
ATOM   280 N N   . LEU A 1 41 ? -5.092  -12.773 -1.226  1.00 84.61  ? 39  LEU A N   1 
ATOM   281 C CA  . LEU A 1 41 ? -4.617  -12.593 0.134   1.00 83.06  ? 39  LEU A CA  1 
ATOM   282 C C   . LEU A 1 41 ? -5.782  -12.209 1.038   1.00 90.97  ? 39  LEU A C   1 
ATOM   283 O O   . LEU A 1 41 ? -6.848  -11.794 0.577   1.00 83.82  ? 39  LEU A O   1 
ATOM   284 C CB  . LEU A 1 41 ? -3.521  -11.526 0.188   1.00 73.73  ? 39  LEU A CB  1 
ATOM   285 C CG  . LEU A 1 41 ? -2.205  -11.887 -0.499  1.00 80.73  ? 39  LEU A CG  1 
ATOM   286 C CD1 . LEU A 1 41 ? -1.301  -10.671 -0.610  1.00 84.91  ? 39  LEU A CD1 1 
ATOM   287 C CD2 . LEU A 1 41 ? -1.500  -13.012 0.244   1.00 85.60  ? 39  LEU A CD2 1 
ATOM   288 N N   . LYS A 1 42 ? -5.571  -12.365 2.335   1.00 90.44  ? 40  LYS A N   1 
ATOM   289 C CA  . LYS A 1 42 ? -6.600  -11.988 3.292   1.00 92.03  ? 40  LYS A CA  1 
ATOM   290 C C   . LYS A 1 42 ? -6.564  -10.479 3.506   1.00 80.30  ? 40  LYS A C   1 
ATOM   291 O O   . LYS A 1 42 ? -5.477  -9.903  3.677   1.00 60.54  ? 40  LYS A O   1 
ATOM   292 C CB  . LYS A 1 42 ? -6.417  -12.728 4.619   1.00 100.10 ? 40  LYS A CB  1 
ATOM   293 C CG  . LYS A 1 42 ? -4.988  -13.192 4.910   1.00 104.68 ? 40  LYS A CG  1 
ATOM   294 C CD  . LYS A 1 42 ? -4.998  -14.303 5.955   1.00 105.11 ? 40  LYS A CD  1 
ATOM   295 C CE  . LYS A 1 42 ? -3.611  -14.873 6.201   1.00 104.85 ? 40  LYS A CE  1 
ATOM   296 N NZ  . LYS A 1 42 ? -3.666  -16.010 7.171   1.00 109.60 ? 40  LYS A NZ  1 
ATOM   297 N N   . PRO A 1 43 ? -7.708  -9.805  3.466   1.00 73.16  ? 41  PRO A N   1 
ATOM   298 C CA  . PRO A 1 43 ? -7.713  -8.361  3.700   1.00 59.52  ? 41  PRO A CA  1 
ATOM   299 C C   . PRO A 1 43 ? -7.268  -8.056  5.120   1.00 61.23  ? 41  PRO A C   1 
ATOM   300 O O   . PRO A 1 43 ? -7.256  -8.922  5.997   1.00 63.68  ? 41  PRO A O   1 
ATOM   301 C CB  . PRO A 1 43 ? -9.175  -7.965  3.468   1.00 58.71  ? 41  PRO A CB  1 
ATOM   302 C CG  . PRO A 1 43 ? -9.948  -9.226  3.721   1.00 67.66  ? 41  PRO A CG  1 
ATOM   303 C CD  . PRO A 1 43 ? -9.062  -10.341 3.244   1.00 74.65  ? 41  PRO A CD  1 
ATOM   304 N N   . ILE A 1 44 ? -6.850  -6.817  5.332   1.00 52.67  ? 42  ILE A N   1 
ATOM   305 C CA  . ILE A 1 44 ? -6.512  -6.431  6.706   1.00 48.91  ? 42  ILE A CA  1 
ATOM   306 C C   . ILE A 1 44 ? -7.801  -6.388  7.523   1.00 57.02  ? 42  ILE A C   1 
ATOM   307 O O   . ILE A 1 44 ? -8.755  -5.708  7.125   1.00 62.46  ? 42  ILE A O   1 
ATOM   308 C CB  . ILE A 1 44 ? -5.817  -5.081  6.730   1.00 45.55  ? 42  ILE A CB  1 
ATOM   309 C CG1 . ILE A 1 44 ? -4.409  -5.171  6.100   1.00 50.69  ? 42  ILE A CG1 1 
ATOM   310 C CG2 . ILE A 1 44 ? -5.684  -4.591  8.153   1.00 51.80  ? 42  ILE A CG2 1 
ATOM   311 C CD1 . ILE A 1 44 ? -3.584  -3.985  6.433   1.00 54.05  ? 42  ILE A CD1 1 
ATOM   312 N N   . PRO A 1 45 ? -7.871  -7.098  8.645   1.00 60.09  ? 43  PRO A N   1 
ATOM   313 C CA  . PRO A 1 45 ? -9.086  -7.034  9.473   1.00 60.77  ? 43  PRO A CA  1 
ATOM   314 C C   . PRO A 1 45 ? -9.390  -5.592  9.825   1.00 61.17  ? 43  PRO A C   1 
ATOM   315 O O   . PRO A 1 45 ? -8.503  -4.824  10.208  1.00 66.70  ? 43  PRO A O   1 
ATOM   316 C CB  . PRO A 1 45 ? -8.716  -7.865  10.707  1.00 59.42  ? 43  PRO A CB  1 
ATOM   317 C CG  . PRO A 1 45 ? -7.631  -8.786  10.230  1.00 64.22  ? 43  PRO A CG  1 
ATOM   318 C CD  . PRO A 1 45 ? -6.851  -7.986  9.211   1.00 55.48  ? 43  PRO A CD  1 
ATOM   319 N N   . TRP A 1 46 ? -10.654 -5.206  9.641   1.00 66.63  ? 44  TRP A N   1 
ATOM   320 C CA  . TRP A 1 46 ? -10.998 -3.793  9.712   1.00 64.84  ? 44  TRP A CA  1 
ATOM   321 C C   . TRP A 1 46 ? -10.737 -3.214  11.094  1.00 60.22  ? 44  TRP A C   1 
ATOM   322 O O   . TRP A 1 46 ? -10.405 -2.026  11.209  1.00 53.72  ? 44  TRP A O   1 
ATOM   323 C CB  . TRP A 1 46 ? -12.458 -3.579  9.307   1.00 60.07  ? 44  TRP A CB  1 
ATOM   324 C CG  . TRP A 1 46 ? -13.439 -4.465  9.977   1.00 59.86  ? 44  TRP A CG  1 
ATOM   325 C CD1 . TRP A 1 46 ? -13.985 -5.617  9.476   1.00 64.01  ? 44  TRP A CD1 1 
ATOM   326 C CD2 . TRP A 1 46 ? -14.050 -4.256  11.253  1.00 60.33  ? 44  TRP A CD2 1 
ATOM   327 N NE1 . TRP A 1 46 ? -14.882 -6.142  10.371  1.00 69.00  ? 44  TRP A NE1 1 
ATOM   328 C CE2 . TRP A 1 46 ? -14.940 -5.326  11.472  1.00 63.60  ? 44  TRP A CE2 1 
ATOM   329 C CE3 . TRP A 1 46 ? -13.930 -3.266  12.236  1.00 57.28  ? 44  TRP A CE3 1 
ATOM   330 C CZ2 . TRP A 1 46 ? -15.689 -5.441  12.634  1.00 62.39  ? 44  TRP A CZ2 1 
ATOM   331 C CZ3 . TRP A 1 46 ? -14.661 -3.387  13.383  1.00 65.69  ? 44  TRP A CZ3 1 
ATOM   332 C CH2 . TRP A 1 46 ? -15.540 -4.462  13.575  1.00 65.63  ? 44  TRP A CH2 1 
ATOM   333 N N   . ALA A 1 47 ? -10.863 -4.031  12.148  1.00 60.04  ? 45  ALA A N   1 
ATOM   334 C CA  . ALA A 1 47 ? -10.654 -3.515  13.497  1.00 65.83  ? 45  ALA A CA  1 
ATOM   335 C C   . ALA A 1 47 ? -9.247  -2.945  13.671  1.00 71.17  ? 45  ALA A C   1 
ATOM   336 O O   . ALA A 1 47 ? -9.046  -2.029  14.474  1.00 70.13  ? 45  ALA A O   1 
ATOM   337 C CB  . ALA A 1 47 ? -10.940 -4.607  14.535  1.00 60.08  ? 45  ALA A CB  1 
ATOM   338 N N   . GLU A 1 48 ? -8.272  -3.429  12.897  1.00 68.56  ? 46  GLU A N   1 
ATOM   339 C CA  . GLU A 1 48 ? -6.894  -2.973  13.049  1.00 61.04  ? 46  GLU A CA  1 
ATOM   340 C C   . GLU A 1 48 ? -6.627  -1.616  12.414  1.00 62.12  ? 46  GLU A C   1 
ATOM   341 O O   . GLU A 1 48 ? -5.574  -1.028  12.683  1.00 53.47  ? 46  GLU A O   1 
ATOM   342 C CB  . GLU A 1 48 ? -5.917  -3.991  12.445  1.00 60.96  ? 46  GLU A CB  1 
ATOM   343 C CG  . GLU A 1 48 ? -6.014  -5.396  13.023  1.00 79.36  ? 46  GLU A CG  1 
ATOM   344 C CD  . GLU A 1 48 ? -4.959  -6.334  12.445  1.00 107.12 ? 46  GLU A CD  1 
ATOM   345 O OE1 . GLU A 1 48 ? -3.944  -5.836  11.910  1.00 111.33 ? 46  GLU A OE1 1 
ATOM   346 O OE2 . GLU A 1 48 ? -5.144  -7.568  12.526  1.00 114.69 ? 46  GLU A OE2 1 
ATOM   347 N N   . LEU A 1 49 ? -7.535  -1.146  11.559  1.00 53.52  ? 47  LEU A N   1 
ATOM   348 C CA  . LEU A 1 49 ? -7.297  0.125   10.828  1.00 52.59  ? 47  LEU A CA  1 
ATOM   349 C C   . LEU A 1 49 ? -8.083  1.283   11.444  1.00 68.05  ? 47  LEU A C   1 
ATOM   350 O O   . LEU A 1 49 ? -8.307  2.275   10.736  1.00 75.98  ? 47  LEU A O   1 
ATOM   351 C CB  . LEU A 1 49 ? -7.676  -0.081  9.360   1.00 52.57  ? 47  LEU A CB  1 
ATOM   352 C CG  . LEU A 1 49 ? -6.664  -0.880  8.545   1.00 57.58  ? 47  LEU A CG  1 
ATOM   353 C CD1 . LEU A 1 49 ? -7.236  -1.270  7.195   1.00 52.95  ? 47  LEU A CD1 1 
ATOM   354 C CD2 . LEU A 1 49 ? -5.379  -0.093  8.373   1.00 61.10  ? 47  LEU A CD2 1 
ATOM   355 N N   . LYS A 1 50 ? -8.458  1.166   12.719  1.00 67.95  ? 48  LYS A N   1 
ATOM   356 C CA  . LYS A 1 50 ? -9.213  2.241   13.415  1.00 62.08  ? 48  LYS A CA  1 
ATOM   357 C C   . LYS A 1 50 ? -8.279  3.433   13.639  1.00 62.05  ? 48  LYS A C   1 
ATOM   358 O O   . LYS A 1 50 ? -7.282  3.265   14.352  1.00 64.96  ? 48  LYS A O   1 
ATOM   359 C CB  . LYS A 1 50 ? -9.766  1.702   14.736  1.00 30.00  ? 48  LYS A CB  1 
ATOM   360 C CG  . LYS A 1 50 ? -10.587 2.680   15.562  1.00 30.00  ? 48  LYS A CG  1 
ATOM   361 C CD  . LYS A 1 50 ? -10.887 2.133   16.940  1.00 30.00  ? 48  LYS A CD  1 
ATOM   362 C CE  . LYS A 1 50 ? -11.554 3.130   17.862  1.00 30.00  ? 48  LYS A CE  1 
ATOM   363 N NZ  . LYS A 1 50 ? -11.650 2.608   19.244  1.00 30.00  ? 48  LYS A NZ  1 
ATOM   364 N N   . LYS A 1 51 ? -8.607  4.585   13.052  1.00 65.19  ? 49  LYS A N   1 
ATOM   365 C CA  . LYS A 1 51 ? -7.766  5.809   13.149  1.00 69.98  ? 49  LYS A CA  1 
ATOM   366 C C   . LYS A 1 51 ? -6.313  5.446   12.823  1.00 67.52  ? 49  LYS A C   1 
ATOM   367 O O   . LYS A 1 51 ? -5.446  5.682   13.675  1.00 77.65  ? 49  LYS A O   1 
ATOM   368 C CB  . LYS A 1 51 ? -7.814  6.430   14.550  0.60 30.00  ? 49  LYS A CB  1 
ATOM   369 C CG  . LYS A 1 51 ? -9.132  7.052   14.986  0.40 30.00  ? 49  LYS A CG  1 
ATOM   370 C CD  . LYS A 1 51 ? -9.736  6.340   16.179  0.50 30.00  ? 49  LYS A CD  1 
ATOM   371 C CE  . LYS A 1 51 ? -10.168 7.277   17.287  0.50 30.00  ? 49  LYS A CE  1 
ATOM   372 N NZ  . LYS A 1 51 ? -10.426 6.539   18.545  0.50 30.00  ? 49  LYS A NZ  1 
ATOM   373 N N   . ALA A 1 52 ? -6.056  4.874   11.646  1.00 55.59  ? 50  ALA A N   1 
ATOM   374 C CA  . ALA A 1 52 ? -4.686  4.512   11.321  1.00 58.29  ? 50  ALA A CA  1 
ATOM   375 C C   . ALA A 1 52 ? -4.016  5.667   10.586  1.00 55.95  ? 50  ALA A C   1 
ATOM   376 O O   . ALA A 1 52 ? -4.573  6.200   9.620   1.00 55.16  ? 50  ALA A O   1 
ATOM   377 C CB  . ALA A 1 52 ? -4.648  3.241   10.476  1.00 57.05  ? 50  ALA A CB  1 
ATOM   378 N N   . SER A 1 53 ? -2.841  6.068   11.068  1.00 58.34  ? 51  SER A N   1 
ATOM   379 C CA  . SER A 1 53 ? -2.035  7.075   10.390  1.00 57.72  ? 51  SER A CA  1 
ATOM   380 C C   . SER A 1 53 ? -1.222  6.426   9.273   1.00 59.97  ? 51  SER A C   1 
ATOM   381 O O   . SER A 1 53 ? -1.219  5.204   9.096   1.00 64.30  ? 51  SER A O   1 
ATOM   382 C CB  . SER A 1 53 ? -1.107  7.773   11.377  1.00 62.05  ? 51  SER A CB  1 
ATOM   383 O OG  . SER A 1 53 ? -0.018  6.921   11.702  1.00 65.66  ? 51  SER A OG  1 
ATOM   384 N N   . LYS A 1 54 ? -0.511  7.250   8.503   1.00 57.14  ? 52  LYS A N   1 
ATOM   385 C CA  . LYS A 1 54 ? 0.253   6.701   7.392   1.00 54.11  ? 52  LYS A CA  1 
ATOM   386 C C   . LYS A 1 54 ? 1.338   5.758   7.897   1.00 59.74  ? 52  LYS A C   1 
ATOM   387 O O   . LYS A 1 54 ? 1.520   4.663   7.357   1.00 58.15  ? 52  LYS A O   1 
ATOM   388 C CB  . LYS A 1 54 ? 0.836   7.839   6.559   1.00 57.30  ? 52  LYS A CB  1 
ATOM   389 C CG  . LYS A 1 54 ? -0.183  8.494   5.631   1.00 61.97  ? 52  LYS A CG  1 
ATOM   390 C CD  . LYS A 1 54 ? 0.280   9.875   5.186   1.00 61.45  ? 52  LYS A CD  1 
ATOM   391 C CE  . LYS A 1 54 ? -0.608  10.456  4.092   1.00 54.07  ? 52  LYS A CE  1 
ATOM   392 N NZ  . LYS A 1 54 ? -0.137  11.816  3.655   1.00 59.16  ? 52  LYS A NZ  1 
ATOM   393 N N   . GLU A 1 55 ? 2.030   6.149   8.967   1.00 53.18  ? 53  GLU A N   1 
ATOM   394 C CA  . GLU A 1 55 ? 3.040   5.284   9.564   1.00 62.63  ? 53  GLU A CA  1 
ATOM   395 C C   . GLU A 1 55 ? 2.434   3.966   10.027  1.00 61.68  ? 53  GLU A C   1 
ATOM   396 O O   . GLU A 1 55 ? 3.000   2.895   9.790   1.00 57.41  ? 53  GLU A O   1 
ATOM   397 C CB  . GLU A 1 55 ? 3.706   6.000   10.732  1.00 72.32  ? 53  GLU A CB  1 
ATOM   398 C CG  . GLU A 1 55 ? 3.672   7.509   10.603  1.00 99.89  ? 53  GLU A CG  1 
ATOM   399 C CD  . GLU A 1 55 ? 4.165   8.204   11.853  1.00 122.65 ? 53  GLU A CD  1 
ATOM   400 O OE1 . GLU A 1 55 ? 4.817   7.538   12.688  1.00 129.45 ? 53  GLU A OE1 1 
ATOM   401 O OE2 . GLU A 1 55 ? 3.893   9.413   12.004  1.00 128.79 ? 53  GLU A OE2 1 
ATOM   402 N N   . ASP A 1 56 ? 1.280   4.027   10.701  1.00 60.55  ? 54  ASP A N   1 
ATOM   403 C CA  . ASP A 1 56 ? 0.650   2.804   11.194  1.00 58.93  ? 54  ASP A CA  1 
ATOM   404 C C   . ASP A 1 56 ? 0.322   1.853   10.051  1.00 50.24  ? 54  ASP A C   1 
ATOM   405 O O   . ASP A 1 56 ? 0.448   0.630   10.196  1.00 52.91  ? 54  ASP A O   1 
ATOM   406 C CB  . ASP A 1 56 ? -0.618  3.142   11.979  1.00 80.81  ? 54  ASP A CB  1 
ATOM   407 C CG  . ASP A 1 56 ? -0.361  4.107   13.125  1.00 112.42 ? 54  ASP A CG  1 
ATOM   408 O OD1 . ASP A 1 56 ? 0.820   4.423   13.392  1.00 121.89 ? 54  ASP A OD1 1 
ATOM   409 O OD2 . ASP A 1 56 ? -1.347  4.554   13.752  1.00 123.51 ? 54  ASP A OD2 1 
ATOM   410 N N   . VAL A 1 57 ? -0.121  2.392   8.915   1.00 48.29  ? 55  VAL A N   1 
ATOM   411 C CA  . VAL A 1 57 ? -0.484  1.538   7.790   1.00 46.07  ? 55  VAL A CA  1 
ATOM   412 C C   . VAL A 1 57 ? 0.759   0.854   7.236   1.00 55.95  ? 55  VAL A C   1 
ATOM   413 O O   . VAL A 1 57 ? 0.741   -0.344  6.925   1.00 53.33  ? 55  VAL A O   1 
ATOM   414 C CB  . VAL A 1 57 ? -1.215  2.353   6.707   1.00 50.81  ? 55  VAL A CB  1 
ATOM   415 C CG1 . VAL A 1 57 ? -1.323  1.552   5.424   1.00 50.66  ? 55  VAL A CG1 1 
ATOM   416 C CG2 . VAL A 1 57 ? -2.634  2.772   7.185   1.00 46.86  ? 55  VAL A CG2 1 
ATOM   417 N N   . ALA A 1 58 ? 1.859   1.600   7.119   1.00 59.15  ? 56  ALA A N   1 
ATOM   418 C CA  . ALA A 1 58 ? 3.112   0.994   6.682   1.00 62.25  ? 56  ALA A CA  1 
ATOM   419 C C   . ALA A 1 58 ? 3.467   -0.202  7.554   1.00 63.49  ? 56  ALA A C   1 
ATOM   420 O O   . ALA A 1 58 ? 3.899   -1.240  7.044   1.00 60.77  ? 56  ALA A O   1 
ATOM   421 C CB  . ALA A 1 58 ? 4.233   2.033   6.698   1.00 56.61  ? 56  ALA A CB  1 
ATOM   422 N N   . LYS A 1 59 ? 3.259   -0.087  8.870   1.00 57.56  ? 57  LYS A N   1 
ATOM   423 C CA  . LYS A 1 59 ? 3.557   -1.206  9.762   1.00 64.22  ? 57  LYS A CA  1 
ATOM   424 C C   . LYS A 1 59 ? 2.603   -2.368  9.527   1.00 63.29  ? 57  LYS A C   1 
ATOM   425 O O   . LYS A 1 59 ? 3.022   -3.529  9.515   1.00 51.52  ? 57  LYS A O   1 
ATOM   426 C CB  . LYS A 1 59 ? 3.497   -0.760  11.222  1.00 74.71  ? 57  LYS A CB  1 
ATOM   427 C CG  . LYS A 1 59 ? 4.549   0.267   11.609  1.00 81.30  ? 57  LYS A CG  1 
ATOM   428 C CD  . LYS A 1 59 ? 4.436   0.618   13.088  1.00 89.36  ? 57  LYS A CD  1 
ATOM   429 C CE  . LYS A 1 59 ? 5.109   1.942   13.383  1.00 97.80  ? 57  LYS A CE  1 
ATOM   430 N NZ  . LYS A 1 59 ? 6.447   2.005   12.739  1.00 109.05 ? 57  LYS A NZ  1 
ATOM   431 N N   . LEU A 1 60 ? 1.316   -2.077  9.342   1.00 62.83  ? 58  LEU A N   1 
ATOM   432 C CA  . LEU A 1 60 ? 0.352   -3.149  9.121   1.00 55.98  ? 58  LEU A CA  1 
ATOM   433 C C   . LEU A 1 60 ? 0.636   -3.889  7.823   1.00 57.35  ? 58  LEU A C   1 
ATOM   434 O O   . LEU A 1 60 ? 0.463   -5.113  7.750   1.00 55.24  ? 58  LEU A O   1 
ATOM   435 C CB  . LEU A 1 60 ? -1.062  -2.582  9.115   1.00 49.91  ? 58  LEU A CB  1 
ATOM   436 C CG  . LEU A 1 60 ? -1.505  -2.129  10.506  1.00 54.82  ? 58  LEU A CG  1 
ATOM   437 C CD1 . LEU A 1 60 ? -2.791  -1.345  10.385  1.00 52.74  ? 58  LEU A CD1 1 
ATOM   438 C CD2 . LEU A 1 60 ? -1.694  -3.331  11.424  1.00 61.46  ? 58  LEU A CD2 1 
ATOM   439 N N   . LEU A 1 61 ? 1.065   -3.164  6.780   1.00 45.75  ? 59  LEU A N   1 
ATOM   440 C CA  . LEU A 1 61 ? 1.390   -3.832  5.524   1.00 52.93  ? 59  LEU A CA  1 
ATOM   441 C C   . LEU A 1 61 ? 2.547   -4.814  5.705   1.00 67.13  ? 59  LEU A C   1 
ATOM   442 O O   . LEU A 1 61 ? 2.530   -5.917  5.142   1.00 85.25  ? 59  LEU A O   1 
ATOM   443 C CB  . LEU A 1 61 ? 1.708   -2.800  4.448   1.00 50.15  ? 59  LEU A CB  1 
ATOM   444 C CG  . LEU A 1 61 ? 0.463   -2.097  3.918   1.00 54.67  ? 59  LEU A CG  1 
ATOM   445 C CD1 . LEU A 1 61 ? 0.840   -0.911  3.068   1.00 50.06  ? 59  LEU A CD1 1 
ATOM   446 C CD2 . LEU A 1 61 ? -0.410  -3.052  3.125   1.00 61.31  ? 59  LEU A CD2 1 
ATOM   447 N N   . ASP A 1 62 ? 3.550   -4.446  6.505   1.00 59.62  ? 60  ASP A N   1 
ATOM   448 C CA  . ASP A 1 62 ? 4.689   -5.338  6.713   1.00 62.18  ? 60  ASP A CA  1 
ATOM   449 C C   . ASP A 1 62 ? 4.360   -6.500  7.642   1.00 65.29  ? 60  ASP A C   1 
ATOM   450 O O   . ASP A 1 62 ? 4.988   -7.560  7.531   1.00 78.49  ? 60  ASP A O   1 
ATOM   451 C CB  . ASP A 1 62 ? 5.883   -4.555  7.258   1.00 72.38  ? 60  ASP A CB  1 
ATOM   452 C CG  . ASP A 1 62 ? 7.207   -5.280  7.039   1.00 94.21  ? 60  ASP A CG  1 
ATOM   453 O OD1 . ASP A 1 62 ? 7.825   -5.098  5.963   1.00 96.45  ? 60  ASP A OD1 1 
ATOM   454 O OD2 . ASP A 1 62 ? 7.631   -6.039  7.939   1.00 100.72 ? 60  ASP A OD2 1 
ATOM   455 N N   . LYS A 1 63 ? 3.392   -6.325  8.550   1.00 63.85  ? 61  LYS A N   1 
ATOM   456 C CA  . LYS A 1 63 ? 2.936   -7.417  9.410   1.00 65.11  ? 61  LYS A CA  1 
ATOM   457 C C   . LYS A 1 63 ? 2.134   -8.453  8.630   1.00 67.02  ? 61  LYS A C   1 
ATOM   458 O O   . LYS A 1 63 ? 2.327   -9.661  8.812   1.00 71.58  ? 61  LYS A O   1 
ATOM   459 C CB  . LYS A 1 63 ? 2.079   -6.863  10.554  1.00 59.96  ? 61  LYS A CB  1 
ATOM   460 C CG  . LYS A 1 63 ? 1.466   -7.926  11.471  1.00 61.49  ? 61  LYS A CG  1 
ATOM   461 C CD  . LYS A 1 63 ? 0.465   -7.309  12.446  1.00 80.07  ? 61  LYS A CD  1 
ATOM   462 C CE  . LYS A 1 63 ? 1.085   -6.204  13.297  1.00 84.17  ? 61  LYS A CE  1 
ATOM   463 N NZ  . LYS A 1 63 ? 0.085   -5.583  14.223  1.00 90.37  ? 61  LYS A NZ  1 
ATOM   464 N N   . HIS A 1 64 ? 1.231   -7.994  7.764   1.00 64.47  ? 62  HIS A N   1 
ATOM   465 C CA  . HIS A 1 64 ? 0.270   -8.854  7.087   1.00 59.61  ? 62  HIS A CA  1 
ATOM   466 C C   . HIS A 1 64 ? 0.781   -9.413  5.767   1.00 63.08  ? 62  HIS A C   1 
ATOM   467 O O   . HIS A 1 64 ? 0.470   -10.557 5.420   1.00 68.56  ? 62  HIS A O   1 
ATOM   468 C CB  . HIS A 1 64 ? -1.025  -8.083  6.856   1.00 53.18  ? 62  HIS A CB  1 
ATOM   469 C CG  . HIS A 1 64 ? -1.862  -7.962  8.095   1.00 61.27  ? 62  HIS A CG  1 
ATOM   470 N ND1 . HIS A 1 64 ? -2.745  -8.943  8.490   1.00 66.34  ? 62  HIS A ND1 1 
ATOM   471 C CD2 . HIS A 1 64 ? -1.907  -7.005  9.053   1.00 60.21  ? 62  HIS A CD2 1 
ATOM   472 C CE1 . HIS A 1 64 ? -3.314  -8.589  9.630   1.00 61.65  ? 62  HIS A CE1 1 
ATOM   473 N NE2 . HIS A 1 64 ? -2.826  -7.416  9.992   1.00 63.23  ? 62  HIS A NE2 1 
ATOM   474 N N   . TYR A 1 65 ? 1.557   -8.641  5.013   1.00 56.52  ? 63  TYR A N   1 
ATOM   475 C CA  . TYR A 1 65 ? 2.005   -9.058  3.686   1.00 63.36  ? 63  TYR A CA  1 
ATOM   476 C C   . TYR A 1 65 ? 3.523   -8.932  3.567   1.00 65.70  ? 63  TYR A C   1 
ATOM   477 O O   . TYR A 1 65 ? 4.034   -8.209  2.708   1.00 59.14  ? 63  TYR A O   1 
ATOM   478 C CB  . TYR A 1 65 ? 1.289   -8.235  2.619   1.00 56.32  ? 63  TYR A CB  1 
ATOM   479 C CG  . TYR A 1 65 ? -0.219  -8.108  2.828   1.00 54.47  ? 63  TYR A CG  1 
ATOM   480 C CD1 . TYR A 1 65 ? -1.045  -9.224  2.803   1.00 61.77  ? 63  TYR A CD1 1 
ATOM   481 C CD2 . TYR A 1 65 ? -0.808  -6.863  3.004   1.00 57.11  ? 63  TYR A CD2 1 
ATOM   482 C CE1 . TYR A 1 65 ? -2.425  -9.106  2.977   1.00 64.91  ? 63  TYR A CE1 1 
ATOM   483 C CE2 . TYR A 1 65 ? -2.190  -6.734  3.190   1.00 60.42  ? 63  TYR A CE2 1 
ATOM   484 C CZ  . TYR A 1 65 ? -2.988  -7.859  3.169   1.00 62.91  ? 63  TYR A CZ  1 
ATOM   485 O OH  . TYR A 1 65 ? -4.353  -7.729  3.345   1.00 72.09  ? 63  TYR A OH  1 
ATOM   486 N N   . PRO A 1 66 ? 4.280   -9.644  4.406   1.00 64.24  ? 64  PRO A N   1 
ATOM   487 C CA  . PRO A 1 66 ? 5.733   -9.439  4.442   1.00 65.14  ? 64  PRO A CA  1 
ATOM   488 C C   . PRO A 1 66 ? 6.385   -9.851  3.138   1.00 68.06  ? 64  PRO A C   1 
ATOM   489 O O   . PRO A 1 66 ? 5.891   -10.719 2.414   1.00 74.36  ? 64  PRO A O   1 
ATOM   490 C CB  . PRO A 1 66 ? 6.191   -10.334 5.594   1.00 69.11  ? 64  PRO A CB  1 
ATOM   491 C CG  . PRO A 1 66 ? 5.177   -11.416 5.625   1.00 75.28  ? 64  PRO A CG  1 
ATOM   492 C CD  . PRO A 1 66 ? 3.865   -10.762 5.274   1.00 70.55  ? 64  PRO A CD  1 
ATOM   493 N N   . GLY A 1 67 ? 7.510   -9.213  2.842   1.00 77.98  ? 65  GLY A N   1 
ATOM   494 C CA  . GLY A 1 67 ? 8.226   -9.526  1.625   1.00 72.26  ? 65  GLY A CA  1 
ATOM   495 C C   . GLY A 1 67 ? 7.710   -8.730  0.448   1.00 62.29  ? 65  GLY A C   1 
ATOM   496 O O   . GLY A 1 67 ? 7.261   -7.589  0.615   1.00 61.88  ? 65  GLY A O   1 
ATOM   497 N N   . LYS A 1 68 ? 7.760   -9.320  -0.750  1.00 68.41  ? 66  LYS A N   1 
ATOM   498 C CA  . LYS A 1 68 ? 7.315   -8.603  -1.936  1.00 59.54  ? 66  LYS A CA  1 
ATOM   499 C C   . LYS A 1 68 ? 5.811   -8.327  -1.919  1.00 57.11  ? 66  LYS A C   1 
ATOM   500 O O   . LYS A 1 68 ? 5.353   -7.459  -2.666  1.00 58.80  ? 66  LYS A O   1 
ATOM   501 C CB  . LYS A 1 68 ? 7.686   -9.386  -3.195  1.00 66.39  ? 66  LYS A CB  1 
ATOM   502 C CG  . LYS A 1 68 ? 6.547   -10.205 -3.749  1.00 70.74  ? 66  LYS A CG  1 
ATOM   503 C CD  . LYS A 1 68 ? 6.991   -11.306 -4.690  1.00 77.35  ? 66  LYS A CD  1 
ATOM   504 C CE  . LYS A 1 68 ? 5.786   -12.172 -5.050  1.00 87.24  ? 66  LYS A CE  1 
ATOM   505 N NZ  . LYS A 1 68 ? 6.136   -13.311 -5.934  1.00 94.00  ? 66  LYS A NZ  1 
ATOM   506 N N   . GLN A 1 69 ? 5.048   -9.040  -1.083  1.00 63.22  ? 67  GLN A N   1 
ATOM   507 C CA  . GLN A 1 69 ? 3.587   -8.942  -1.111  1.00 63.22  ? 67  GLN A CA  1 
ATOM   508 C C   . GLN A 1 69 ? 3.117   -7.528  -0.805  1.00 55.26  ? 67  GLN A C   1 
ATOM   509 O O   . GLN A 1 69 ? 2.264   -6.978  -1.513  1.00 53.95  ? 67  GLN A O   1 
ATOM   510 C CB  . GLN A 1 69 ? 2.975   -9.920  -0.109  1.00 59.98  ? 67  GLN A CB  1 
ATOM   511 C CG  . GLN A 1 69 ? 3.022   -11.367 -0.508  1.00 68.30  ? 67  GLN A CG  1 
ATOM   512 C CD  . GLN A 1 69 ? 2.307   -12.245 0.499   1.00 77.22  ? 67  GLN A CD  1 
ATOM   513 O OE1 . GLN A 1 69 ? 2.137   -11.868 1.660   1.00 71.35  ? 67  GLN A OE1 1 
ATOM   514 N NE2 . GLN A 1 69 ? 1.873   -13.416 0.059   1.00 85.18  ? 67  GLN A NE2 1 
ATOM   515 N N   . ALA A 1 70 ? 3.635   -6.940  0.279   1.00 52.37  ? 68  ALA A N   1 
ATOM   516 C CA  . ALA A 1 70 ? 3.236   -5.585  0.656   1.00 54.78  ? 68  ALA A CA  1 
ATOM   517 C C   . ALA A 1 70 ? 3.421   -4.610  -0.502  1.00 60.71  ? 68  ALA A C   1 
ATOM   518 O O   . ALA A 1 70 ? 2.563   -3.750  -0.749  1.00 50.48  ? 68  ALA A O   1 
ATOM   519 C CB  . ALA A 1 70 ? 4.038   -5.126  1.881   1.00 51.70  ? 68  ALA A CB  1 
ATOM   520 N N   . TRP A 1 71 ? 4.527   -4.743  -1.241  1.00 48.72  ? 69  TRP A N   1 
ATOM   521 C CA  . TRP A 1 71 ? 4.756   -3.854  -2.374  1.00 51.20  ? 69  TRP A CA  1 
ATOM   522 C C   . TRP A 1 71 ? 3.783   -4.151  -3.501  1.00 52.33  ? 69  TRP A C   1 
ATOM   523 O O   . TRP A 1 71 ? 3.272   -3.226  -4.146  1.00 57.70  ? 69  TRP A O   1 
ATOM   524 C CB  . TRP A 1 71 ? 6.196   -3.994  -2.868  1.00 63.68  ? 69  TRP A CB  1 
ATOM   525 C CG  . TRP A 1 71 ? 7.095   -2.849  -2.517  1.00 68.70  ? 69  TRP A CG  1 
ATOM   526 C CD1 . TRP A 1 71 ? 7.428   -1.791  -3.323  1.00 77.46  ? 69  TRP A CD1 1 
ATOM   527 C CD2 . TRP A 1 71 ? 7.804   -2.653  -1.285  1.00 78.54  ? 69  TRP A CD2 1 
ATOM   528 N NE1 . TRP A 1 71 ? 8.286   -0.944  -2.662  1.00 90.49  ? 69  TRP A NE1 1 
ATOM   529 C CE2 . TRP A 1 71 ? 8.542   -1.452  -1.413  1.00 95.45  ? 69  TRP A CE2 1 
ATOM   530 C CE3 . TRP A 1 71 ? 7.889   -3.374  -0.087  1.00 77.55  ? 69  TRP A CE3 1 
ATOM   531 C CZ2 . TRP A 1 71 ? 9.352   -0.954  -0.385  1.00 99.87  ? 69  TRP A CZ2 1 
ATOM   532 C CZ3 . TRP A 1 71 ? 8.700   -2.878  0.936   1.00 92.34  ? 69  TRP A CZ3 1 
ATOM   533 C CH2 . TRP A 1 71 ? 9.417   -1.679  0.779   1.00 100.92 ? 69  TRP A CH2 1 
ATOM   534 N N   . GLU A 1 72 ? 3.515   -5.434  -3.748  1.00 53.83  ? 70  GLU A N   1 
ATOM   535 C CA  . GLU A 1 72 ? 2.538   -5.799  -4.764  1.00 57.57  ? 70  GLU A CA  1 
ATOM   536 C C   . GLU A 1 72 ? 1.181   -5.178  -4.455  1.00 56.47  ? 70  GLU A C   1 
ATOM   537 O O   . GLU A 1 72 ? 0.557   -4.559  -5.321  1.00 58.87  ? 70  GLU A O   1 
ATOM   538 C CB  . GLU A 1 72 ? 2.424   -7.321  -4.865  0.54 62.53  ? 70  GLU A CB  1 
ATOM   539 C CG  . GLU A 1 72 ? 3.541   -8.004  -5.660  0.92 73.19  ? 70  GLU A CG  1 
ATOM   540 C CD  . GLU A 1 72 ? 3.391   -9.521  -5.677  0.00 84.80  ? 70  GLU A CD  1 
ATOM   541 O OE1 . GLU A 1 72 ? 2.713   -10.067 -4.776  1.00 90.86  ? 70  GLU A OE1 1 
ATOM   542 O OE2 . GLU A 1 72 ? 3.948   -10.166 -6.590  0.76 94.48  ? 70  GLU A OE2 1 
ATOM   543 N N   . VAL A 1 73 ? 0.722   -5.326  -3.209  1.00 58.95  ? 71  VAL A N   1 
ATOM   544 C CA  . VAL A 1 73 ? -0.582  -4.787  -2.825  1.00 50.48  ? 71  VAL A CA  1 
ATOM   545 C C   . VAL A 1 73 ? -0.584  -3.272  -2.938  1.00 52.42  ? 71  VAL A C   1 
ATOM   546 O O   . VAL A 1 73 ? -1.436  -2.681  -3.614  1.00 56.53  ? 71  VAL A O   1 
ATOM   547 C CB  . VAL A 1 73 ? -0.946  -5.244  -1.403  1.00 55.24  ? 71  VAL A CB  1 
ATOM   548 C CG1 . VAL A 1 73 ? -2.218  -4.553  -0.941  1.00 53.35  ? 71  VAL A CG1 1 
ATOM   549 C CG2 . VAL A 1 73 ? -1.085  -6.754  -1.355  1.00 48.77  ? 71  VAL A CG2 1 
ATOM   550 N N   . THR A 1 74 ? 0.378   -2.621  -2.281  1.00 51.08  ? 72  THR A N   1 
ATOM   551 C CA  . THR A 1 74 ? 0.435   -1.165  -2.268  1.00 51.27  ? 72  THR A CA  1 
ATOM   552 C C   . THR A 1 74 ? 0.416   -0.605  -3.681  1.00 49.94  ? 72  THR A C   1 
ATOM   553 O O   . THR A 1 74 ? -0.372  0.297   -3.988  1.00 49.18  ? 72  THR A O   1 
ATOM   554 C CB  . THR A 1 74 ? 1.690   -0.691  -1.533  1.00 48.96  ? 72  THR A CB  1 
ATOM   555 O OG1 . THR A 1 74 ? 1.709   -1.215  -0.203  1.00 51.81  ? 72  THR A OG1 1 
ATOM   556 C CG2 . THR A 1 74 ? 1.733   0.823   -1.464  1.00 45.29  ? 72  THR A CG2 1 
ATOM   557 N N   . LEU A 1 75 ? 1.295   -1.127  -4.557  1.00 50.13  ? 73  LEU A N   1 
ATOM   558 C CA  . LEU A 1 75 ? 1.366   -0.612  -5.921  1.00 48.00  ? 73  LEU A CA  1 
ATOM   559 C C   . LEU A 1 75 ? 0.043   -0.794  -6.654  1.00 55.63  ? 73  LEU A C   1 
ATOM   560 O O   . LEU A 1 75 ? -0.404  0.108   -7.373  1.00 50.57  ? 73  LEU A O   1 
ATOM   561 C CB  . LEU A 1 75 ? 2.511   -1.287  -6.687  1.00 52.75  ? 73  LEU A CB  1 
ATOM   562 C CG  . LEU A 1 75 ? 3.727   -0.369  -6.791  1.00 51.14  ? 73  LEU A CG  1 
ATOM   563 C CD1 . LEU A 1 75 ? 4.202   0.024   -5.407  1.00 54.65  ? 73  LEU A CD1 1 
ATOM   564 C CD2 . LEU A 1 75 ? 4.887   -1.004  -7.615  1.00 52.48  ? 73  LEU A CD2 1 
ATOM   565 N N   . ASN A 1 76 ? -0.605  -1.945  -6.471  1.00 55.64  ? 74  ASN A N   1 
ATOM   566 C CA  . ASN A 1 76 ? -1.900  -2.170  -7.107  1.00 59.70  ? 74  ASN A CA  1 
ATOM   567 C C   . ASN A 1 76 ? -2.934  -1.165  -6.614  1.00 54.48  ? 74  ASN A C   1 
ATOM   568 O O   . ASN A 1 76 ? -3.753  -0.671  -7.396  1.00 54.04  ? 74  ASN A O   1 
ATOM   569 C CB  . ASN A 1 76 ? -2.375  -3.595  -6.843  1.00 61.35  ? 74  ASN A CB  1 
ATOM   570 C CG  . ASN A 1 76 ? -3.644  -3.923  -7.600  1.00 85.49  ? 74  ASN A CG  1 
ATOM   571 O OD1 . ASN A 1 76 ? -4.690  -4.192  -7.008  1.00 81.81  ? 74  ASN A OD1 1 
ATOM   572 N ND2 . ASN A 1 76 ? -3.562  -3.881  -8.925  1.00 97.31  ? 74  ASN A ND2 1 
ATOM   573 N N   . LEU A 1 77 ? -2.890  -0.829  -5.323  1.00 48.88  ? 75  LEU A N   1 
ATOM   574 C CA  . LEU A 1 77 ? -3.840  0.131   -4.777  1.00 48.29  ? 75  LEU A CA  1 
ATOM   575 C C   . LEU A 1 77 ? -3.545  1.537   -5.274  1.00 60.36  ? 75  LEU A C   1 
ATOM   576 O O   . LEU A 1 77 ? -4.476  2.309   -5.549  1.00 49.41  ? 75  LEU A O   1 
ATOM   577 C CB  . LEU A 1 77 ? -3.812  0.072   -3.254  1.00 47.98  ? 75  LEU A CB  1 
ATOM   578 C CG  . LEU A 1 77 ? -4.347  -1.256  -2.691  1.00 50.67  ? 75  LEU A CG  1 
ATOM   579 C CD1 . LEU A 1 77 ? -4.464  -1.189  -1.185  1.00 60.69  ? 75  LEU A CD1 1 
ATOM   580 C CD2 . LEU A 1 77 ? -5.683  -1.600  -3.317  1.00 59.66  ? 75  LEU A CD2 1 
ATOM   581 N N   . PHE A 1 78 ? -2.251  1.890   -5.391  1.00 48.50  ? 76  PHE A N   1 
ATOM   582 C CA  . PHE A 1 78 ? -1.894  3.159   -6.012  1.00 43.44  ? 76  PHE A CA  1 
ATOM   583 C C   . PHE A 1 78 ? -2.597  3.318   -7.345  1.00 44.57  ? 76  PHE A C   1 
ATOM   584 O O   . PHE A 1 78 ? -3.129  4.390   -7.655  1.00 54.79  ? 76  PHE A O   1 
ATOM   585 C CB  . PHE A 1 78 ? -0.370  3.263   -6.221  1.00 42.54  ? 76  PHE A CB  1 
ATOM   586 C CG  . PHE A 1 78 ? 0.404   3.559   -4.962  1.00 45.37  ? 76  PHE A CG  1 
ATOM   587 C CD1 . PHE A 1 78 ? -0.256  3.940   -3.800  1.00 48.49  ? 76  PHE A CD1 1 
ATOM   588 C CD2 . PHE A 1 78 ? 1.804   3.465   -4.945  1.00 49.21  ? 76  PHE A CD2 1 
ATOM   589 C CE1 . PHE A 1 78 ? 0.443   4.212   -2.639  1.00 55.58  ? 76  PHE A CE1 1 
ATOM   590 C CE2 . PHE A 1 78 ? 2.517   3.733   -3.791  1.00 44.43  ? 76  PHE A CE2 1 
ATOM   591 C CZ  . PHE A 1 78 ? 1.841   4.130   -2.637  1.00 49.72  ? 76  PHE A CZ  1 
ATOM   592 N N   . LEU A 1 79 ? -2.613  2.255   -8.150  1.00 48.89  ? 77  LEU A N   1 
ATOM   593 C CA  . LEU A 1 79 ? -3.270  2.333   -9.448  1.00 50.15  ? 77  LEU A CA  1 
ATOM   594 C C   . LEU A 1 79 ? -4.777  2.523   -9.296  1.00 59.61  ? 77  LEU A C   1 
ATOM   595 O O   . LEU A 1 79 ? -5.398  3.239   -10.091 1.00 62.63  ? 77  LEU A O   1 
ATOM   596 C CB  . LEU A 1 79 ? -2.972  1.076   -10.263 1.00 51.89  ? 77  LEU A CB  1 
ATOM   597 C CG  . LEU A 1 79 ? -1.508  0.867   -10.697 1.00 60.29  ? 77  LEU A CG  1 
ATOM   598 C CD1 . LEU A 1 79 ? -1.360  -0.412  -11.502 1.00 61.07  ? 77  LEU A CD1 1 
ATOM   599 C CD2 . LEU A 1 79 ? -0.987  2.054   -11.513 1.00 56.96  ? 77  LEU A CD2 1 
ATOM   600 N N   . GLN A 1 80 ? -5.380  1.913   -8.276  1.00 54.25  ? 78  GLN A N   1 
ATOM   601 C CA  . GLN A 1 80 ? -6.831  2.028   -8.133  1.00 53.82  ? 78  GLN A CA  1 
ATOM   602 C C   . GLN A 1 80 ? -7.268  3.393   -7.626  1.00 56.60  ? 78  GLN A C   1 
ATOM   603 O O   . GLN A 1 80 ? -8.416  3.781   -7.848  1.00 57.20  ? 78  GLN A O   1 
ATOM   604 C CB  . GLN A 1 80 ? -7.355  0.954   -7.198  1.00 50.81  ? 78  GLN A CB  1 
ATOM   605 C CG  . GLN A 1 80 ? -7.186  -0.443  -7.728  1.00 68.46  ? 78  GLN A CG  1 
ATOM   606 C CD  . GLN A 1 80 ? -7.820  -1.451  -6.813  1.00 87.91  ? 78  GLN A CD  1 
ATOM   607 O OE1 . GLN A 1 80 ? -8.953  -1.268  -6.364  1.00 102.41 ? 78  GLN A OE1 1 
ATOM   608 N NE2 . GLN A 1 80 ? -7.088  -2.511  -6.502  1.00 89.03  ? 78  GLN A NE2 1 
ATOM   609 N N   . ILE A 1 81 ? -6.394  4.138   -6.954  1.00 53.49  ? 79  ILE A N   1 
ATOM   610 C CA  . ILE A 1 81 ? -6.769  5.450   -6.442  1.00 60.65  ? 79  ILE A CA  1 
ATOM   611 C C   . ILE A 1 81 ? -6.199  6.580   -7.299  1.00 71.05  ? 79  ILE A C   1 
ATOM   612 O O   . ILE A 1 81 ? -6.155  7.731   -6.852  1.00 93.82  ? 79  ILE A O   1 
ATOM   613 C CB  . ILE A 1 81 ? -6.354  5.599   -4.972  1.00 53.14  ? 79  ILE A CB  1 
ATOM   614 C CG1 . ILE A 1 81 ? -4.839  5.575   -4.855  1.00 47.75  ? 79  ILE A CG1 1 
ATOM   615 C CG2 . ILE A 1 81 ? -6.900  4.451   -4.155  1.00 48.32  ? 79  ILE A CG2 1 
ATOM   616 C CD1 . ILE A 1 81 ? -4.358  5.578   -3.443  1.00 46.96  ? 79  ILE A CD1 1 
ATOM   617 N N   . ASN A 1 82 ? -5.761  6.271   -8.525  1.00 60.11  ? 80  ASN A N   1 
ATOM   618 C CA  . ASN A 1 82 ? -5.281  7.263   -9.495  1.00 59.97  ? 80  ASN A CA  1 
ATOM   619 C C   . ASN A 1 82 ? -3.996  7.957   -9.022  1.00 61.47  ? 80  ASN A C   1 
ATOM   620 O O   . ASN A 1 82 ? -3.857  9.178   -9.126  1.00 64.38  ? 80  ASN A O   1 
ATOM   621 C CB  . ASN A 1 82 ? -6.362  8.294   -9.836  1.00 77.27  ? 80  ASN A CB  1 
ATOM   622 C CG  . ASN A 1 82 ? -6.014  9.109   -11.075 1.00 100.47 ? 80  ASN A CG  1 
ATOM   623 O OD1 . ASN A 1 82 ? -5.152  8.711   -11.865 1.00 109.51 ? 80  ASN A OD1 1 
ATOM   624 N ND2 . ASN A 1 82 ? -6.673  10.250  -11.246 1.00 106.36 ? 80  ASN A ND2 1 
ATOM   625 N N   . ARG A 1 83 ? -3.048  7.171   -8.513  1.00 57.20  ? 81  ARG A N   1 
ATOM   626 C CA  . ARG A 1 83 ? -1.713  7.687   -8.230  1.00 57.09  ? 81  ARG A CA  1 
ATOM   627 C C   . ARG A 1 83 ? -0.682  6.910   -9.037  1.00 58.72  ? 81  ARG A C   1 
ATOM   628 O O   . ARG A 1 83 ? 0.315   6.420   -8.497  1.00 58.37  ? 81  ARG A O   1 
ATOM   629 C CB  . ARG A 1 83 ? -1.406  7.613   -6.736  1.00 55.76  ? 81  ARG A CB  1 
ATOM   630 C CG  . ARG A 1 83 ? -2.216  8.584   -5.891  1.00 58.01  ? 81  ARG A CG  1 
ATOM   631 C CD  . ARG A 1 83 ? -2.120  10.009  -6.424  1.00 61.08  ? 81  ARG A CD  1 
ATOM   632 N NE  . ARG A 1 83 ? -0.751  10.523  -6.433  1.00 58.61  ? 81  ARG A NE  1 
ATOM   633 C CZ  . ARG A 1 83 ? -0.218  11.249  -5.456  1.00 63.05  ? 81  ARG A CZ  1 
ATOM   634 N NH1 . ARG A 1 83 ? -0.939  11.562  -4.381  1.00 56.73  ? 81  ARG A NH1 1 
ATOM   635 N NH2 . ARG A 1 83 ? 1.030   11.673  -5.558  1.00 58.38  ? 81  ARG A NH2 1 
ATOM   636 N N   . LYS A 1 84 ? -0.899  6.799   -10.345 1.00 53.33  ? 82  LYS A N   1 
ATOM   637 C CA  . LYS A 1 84 ? 0.066   6.074   -11.151 1.00 48.68  ? 82  LYS A CA  1 
ATOM   638 C C   . LYS A 1 84 ? 1.425   6.760   -11.133 1.00 61.44  ? 82  LYS A C   1 
ATOM   639 O O   . LYS A 1 84 ? 2.432   6.107   -11.412 1.00 76.52  ? 82  LYS A O   1 
ATOM   640 C CB  . LYS A 1 84 ? -0.442  5.905   -12.583 1.00 56.04  ? 82  LYS A CB  1 
ATOM   641 C CG  . LYS A 1 84 ? -0.517  7.183   -13.391 1.00 65.60  ? 82  LYS A CG  1 
ATOM   642 C CD  . LYS A 1 84 ? -1.072  6.892   -14.783 1.00 70.27  ? 82  LYS A CD  1 
ATOM   643 C CE  . LYS A 1 84 ? -1.113  8.144   -15.650 1.00 76.29  ? 82  LYS A CE  1 
ATOM   644 N NZ  . LYS A 1 84 ? -1.692  7.867   -16.999 1.00 84.57  ? 82  LYS A NZ  1 
ATOM   645 N N   . ASP A 1 85 ? 1.475   8.045   -10.756 1.00 52.77  ? 83  ASP A N   1 
ATOM   646 C CA  . ASP A 1 85 ? 2.760   8.707   -10.567 1.00 61.67  ? 83  ASP A CA  1 
ATOM   647 C C   . ASP A 1 85 ? 3.590   7.990   -9.510  1.00 62.81  ? 83  ASP A C   1 
ATOM   648 O O   . ASP A 1 85 ? 4.791   7.745   -9.712  1.00 52.82  ? 83  ASP A O   1 
ATOM   649 C CB  . ASP A 1 85 ? 2.558   10.182  -10.206 1.00 61.52  ? 83  ASP A CB  1 
ATOM   650 C CG  . ASP A 1 85 ? 1.740   10.385  -8.935  1.00 70.58  ? 83  ASP A CG  1 
ATOM   651 O OD1 . ASP A 1 85 ? 0.753   9.649   -8.713  1.00 63.00  ? 83  ASP A OD1 1 
ATOM   652 O OD2 . ASP A 1 85 ? 2.095   11.294  -8.156  1.00 65.75  ? 83  ASP A OD2 1 
ATOM   653 N N   . LEU A 1 86 ? 2.957   7.597   -8.402  1.00 47.07  ? 84  LEU A N   1 
ATOM   654 C CA  . LEU A 1 86 ? 3.674   6.871   -7.359  1.00 48.45  ? 84  LEU A CA  1 
ATOM   655 C C   . LEU A 1 86 ? 4.032   5.456   -7.793  1.00 55.95  ? 84  LEU A C   1 
ATOM   656 O O   . LEU A 1 86 ? 5.108   4.955   -7.431  1.00 68.35  ? 84  LEU A O   1 
ATOM   657 C CB  . LEU A 1 86 ? 2.848   6.839   -6.076  1.00 46.80  ? 84  LEU A CB  1 
ATOM   658 C CG  . LEU A 1 86 ? 2.507   8.202   -5.489  1.00 55.96  ? 84  LEU A CG  1 
ATOM   659 C CD1 . LEU A 1 86 ? 1.469   8.052   -4.348  1.00 48.47  ? 84  LEU A CD1 1 
ATOM   660 C CD2 . LEU A 1 86 ? 3.744   8.859   -4.963  1.00 54.41  ? 84  LEU A CD2 1 
ATOM   661 N N   . TRP A 1 87 ? 3.154   4.793   -8.551  1.00 49.77  ? 85  TRP A N   1 
ATOM   662 C CA  . TRP A 1 87 ? 3.500   3.499   -9.135  1.00 50.97  ? 85  TRP A CA  1 
ATOM   663 C C   . TRP A 1 87 ? 4.800   3.594   -9.924  1.00 54.31  ? 85  TRP A C   1 
ATOM   664 O O   . TRP A 1 87 ? 5.737   2.810   -9.719  1.00 59.42  ? 85  TRP A O   1 
ATOM   665 C CB  . TRP A 1 87 ? 2.371   3.017   -10.051 1.00 48.71  ? 85  TRP A CB  1 
ATOM   666 C CG  . TRP A 1 87 ? 2.586   1.631   -10.611 1.00 54.78  ? 85  TRP A CG  1 
ATOM   667 C CD1 . TRP A 1 87 ? 2.141   0.453   -10.081 1.00 53.59  ? 85  TRP A CD1 1 
ATOM   668 C CD2 . TRP A 1 87 ? 3.281   1.289   -11.813 1.00 67.28  ? 85  TRP A CD2 1 
ATOM   669 N NE1 . TRP A 1 87 ? 2.523   -0.601  -10.874 1.00 59.38  ? 85  TRP A NE1 1 
ATOM   670 C CE2 . TRP A 1 87 ? 3.224   -0.116  -11.944 1.00 65.38  ? 85  TRP A CE2 1 
ATOM   671 C CE3 . TRP A 1 87 ? 3.949   2.030   -12.793 1.00 72.25  ? 85  TRP A CE3 1 
ATOM   672 C CZ2 . TRP A 1 87 ? 3.810   -0.789  -13.015 1.00 80.32  ? 85  TRP A CZ2 1 
ATOM   673 C CZ3 . TRP A 1 87 ? 4.536   1.354   -13.855 1.00 86.70  ? 85  TRP A CZ3 1 
ATOM   674 C CH2 . TRP A 1 87 ? 4.462   -0.039  -13.956 1.00 83.17  ? 85  TRP A CH2 1 
ATOM   675 N N   . THR A 1 88 ? 4.870   4.558   -10.836 1.00 54.32  ? 86  THR A N   1 
ATOM   676 C CA  . THR A 1 88 ? 6.036   4.648   -11.711 1.00 53.85  ? 86  THR A CA  1 
ATOM   677 C C   . THR A 1 88 ? 7.305   4.919   -10.907 1.00 58.52  ? 86  THR A C   1 
ATOM   678 O O   . THR A 1 88 ? 8.372   4.369   -11.210 1.00 66.53  ? 86  THR A O   1 
ATOM   679 C CB  . THR A 1 88 ? 5.804   5.728   -12.759 1.00 63.18  ? 86  THR A CB  1 
ATOM   680 O OG1 . THR A 1 88 ? 5.742   7.003   -12.118 1.00 87.24  ? 86  THR A OG1 1 
ATOM   681 C CG2 . THR A 1 88 ? 4.500   5.483   -13.490 1.00 53.90  ? 86  THR A CG2 1 
ATOM   682 N N   . LYS A 1 89 ? 7.207   5.750   -9.865  1.00 54.37  ? 87  LYS A N   1 
ATOM   683 C CA  . LYS A 1 89 ? 8.375   6.046   -9.042  1.00 59.92  ? 87  LYS A CA  1 
ATOM   684 C C   . LYS A 1 89 ? 8.860   4.805   -8.308  1.00 51.27  ? 87  LYS A C   1 
ATOM   685 O O   . LYS A 1 89 ? 10.071  4.555   -8.215  1.00 59.04  ? 87  LYS A O   1 
ATOM   686 C CB  . LYS A 1 89 ? 8.041   7.167   -8.059  1.00 63.09  ? 87  LYS A CB  1 
ATOM   687 C CG  . LYS A 1 89 ? 7.854   8.522   -8.723  0.87 68.87  ? 87  LYS A CG  1 
ATOM   688 C CD  . LYS A 1 89 ? 9.024   9.451   -8.448  0.90 71.74  ? 87  LYS A CD  1 
ATOM   689 C CE  . LYS A 1 89 ? 10.333  8.892   -8.990  0.96 76.48  ? 87  LYS A CE  1 
ATOM   690 N NZ  . LYS A 1 89 ? 11.438  9.868   -8.834  0.83 83.85  ? 87  LYS A NZ  1 
ATOM   691 N N   . ALA A 1 90 ? 7.924   4.005   -7.801  1.00 49.60  ? 88  ALA A N   1 
ATOM   692 C CA  . ALA A 1 90 ? 8.270   2.800   -7.060  1.00 49.26  ? 88  ALA A CA  1 
ATOM   693 C C   . ALA A 1 90 ? 8.928   1.775   -7.974  1.00 57.46  ? 88  ALA A C   1 
ATOM   694 O O   . ALA A 1 90 ? 9.935   1.155   -7.608  1.00 69.65  ? 88  ALA A O   1 
ATOM   695 C CB  . ALA A 1 90 ? 7.010   2.222   -6.388  1.00 46.76  ? 88  ALA A CB  1 
ATOM   696 N N   . GLN A 1 91 ? 8.381   1.586   -9.174  1.00 50.90  ? 89  GLN A N   1 
ATOM   697 C CA  . GLN A 1 91 ? 9.029   0.691   -10.126 1.00 57.15  ? 89  GLN A CA  1 
ATOM   698 C C   . GLN A 1 91 ? 10.452  1.150   -10.417 1.00 62.51  ? 89  GLN A C   1 
ATOM   699 O O   . GLN A 1 91 ? 11.380  0.333   -10.451 1.00 58.79  ? 89  GLN A O   1 
ATOM   700 C CB  . GLN A 1 91 ? 8.207   0.612   -11.412 1.00 65.56  ? 89  GLN A CB  1 
ATOM   701 C CG  . GLN A 1 91 ? 6.851   -0.067  -11.236 1.00 58.62  ? 89  GLN A CG  1 
ATOM   702 C CD  . GLN A 1 91 ? 6.966   -1.571  -11.115 1.00 67.65  ? 89  GLN A CD  1 
ATOM   703 O OE1 . GLN A 1 91 ? 7.952   -2.172  -11.553 1.00 75.81  ? 89  GLN A OE1 1 
ATOM   704 N NE2 . GLN A 1 91 ? 5.958   -2.191  -10.518 1.00 68.80  ? 89  GLN A NE2 1 
ATOM   705 N N   . GLU A 1 92 ? 10.648  2.464   -10.576 1.00 53.78  ? 90  GLU A N   1 
ATOM   706 C CA  . GLU A 1 92 ? 11.972  3.005   -10.895 1.00 57.62  ? 90  GLU A CA  1 
ATOM   707 C C   . GLU A 1 92 ? 12.986  2.666   -9.808  1.00 57.22  ? 90  GLU A C   1 
ATOM   708 O O   . GLU A 1 92 ? 14.107  2.251   -10.107 1.00 64.33  ? 90  GLU A O   1 
ATOM   709 C CB  . GLU A 1 92 ? 11.891  4.518   -11.101 1.00 65.63  ? 90  GLU A CB  1 
ATOM   710 C CG  . GLU A 1 92 ? 11.349  4.942   -12.455 1.00 87.29  ? 90  GLU A CG  1 
ATOM   711 C CD  . GLU A 1 92 ? 11.122  6.444   -12.553 1.00 100.47 ? 90  GLU A CD  1 
ATOM   712 O OE1 . GLU A 1 92 ? 11.607  7.184   -11.664 1.00 103.96 ? 90  GLU A OE1 1 
ATOM   713 O OE2 . GLU A 1 92 ? 10.454  6.882   -13.517 1.00 97.44  ? 90  GLU A OE2 1 
ATOM   714 N N   . GLU A 1 93 ? 12.600  2.828   -8.535  1.00 55.87  ? 91  GLU A N   1 
ATOM   715 C CA  . GLU A 1 93 ? 13.461  2.413   -7.430  1.00 61.31  ? 91  GLU A CA  1 
ATOM   716 C C   . GLU A 1 93 ? 13.771  0.924   -7.503  1.00 69.24  ? 91  GLU A C   1 
ATOM   717 O O   . GLU A 1 93 ? 14.923  0.514   -7.321  1.00 62.49  ? 91  GLU A O   1 
ATOM   718 C CB  . GLU A 1 93 ? 12.815  2.750   -6.080  1.00 56.79  ? 91  GLU A CB  1 
ATOM   719 C CG  . GLU A 1 93 ? 13.759  2.579   -4.886  1.00 68.12  ? 91  GLU A CG  1 
ATOM   720 C CD  . GLU A 1 93 ? 13.060  2.707   -3.534  1.00 88.24  ? 91  GLU A CD  1 
ATOM   721 O OE1 . GLU A 1 93 ? 12.907  1.673   -2.849  1.00 98.25  ? 91  GLU A OE1 1 
ATOM   722 O OE2 . GLU A 1 93 ? 12.674  3.837   -3.153  1.00 93.18  ? 91  GLU A OE2 1 
ATOM   723 N N   . MET A 1 94 ? 12.751  0.092   -7.750  1.00 61.74  ? 92  MET A N   1 
ATOM   724 C CA  . MET A 1 94 ? 12.987  -1.349  -7.812  1.00 59.30  ? 92  MET A CA  1 
ATOM   725 C C   . MET A 1 94 ? 13.908  -1.725  -8.972  1.00 62.79  ? 92  MET A C   1 
ATOM   726 O O   . MET A 1 94 ? 14.805  -2.560  -8.805  1.00 68.02  ? 92  MET A O   1 
ATOM   727 C CB  . MET A 1 94 ? 11.656  -2.093  -7.896  1.00 62.50  ? 92  MET A CB  1 
ATOM   728 C CG  . MET A 1 94 ? 11.063  -2.401  -6.521  1.00 87.62  ? 92  MET A CG  1 
ATOM   729 S SD  . MET A 1 94 ? 9.496   -3.312  -6.534  1.00 104.46 ? 92  MET A SD  1 
ATOM   730 C CE  . MET A 1 94 ? 8.287   -1.995  -6.742  1.00 83.82  ? 92  MET A CE  1 
ATOM   731 N N   . ARG A 1 95 ? 13.725  -1.116  -10.149 1.00 59.79  ? 93  ARG A N   1 
ATOM   732 C CA  . ARG A 1 95 ? 14.644  -1.390  -11.250 1.00 67.00  ? 93  ARG A CA  1 
ATOM   733 C C   . ARG A 1 95 ? 16.059  -0.948  -10.912 1.00 66.39  ? 93  ARG A C   1 
ATOM   734 O O   . ARG A 1 95 ? 17.035  -1.613  -11.295 1.00 69.19  ? 93  ARG A O   1 
ATOM   735 C CB  . ARG A 1 95 ? 14.164  -0.707  -12.528 1.00 74.48  ? 93  ARG A CB  1 
ATOM   736 C CG  . ARG A 1 95 ? 12.996  -1.409  -13.197 1.00 82.17  ? 93  ARG A CG  1 
ATOM   737 C CD  . ARG A 1 95 ? 12.890  -0.995  -14.652 1.00 84.08  ? 93  ARG A CD  1 
ATOM   738 N NE  . ARG A 1 95 ? 13.080  0.445   -14.809 1.00 96.37  ? 93  ARG A NE  1 
ATOM   739 C CZ  . ARG A 1 95 ? 12.111  1.348   -14.683 1.00 92.40  ? 93  ARG A CZ  1 
ATOM   740 N NH1 . ARG A 1 95 ? 10.874  0.961   -14.393 1.00 78.31  ? 93  ARG A NH1 1 
ATOM   741 N NH2 . ARG A 1 95 ? 12.380  2.639   -14.842 1.00 88.52  ? 93  ARG A NH2 1 
ATOM   742 N N   . ASN A 1 96 ? 16.209  0.174   -10.203 1.00 65.23  ? 94  ASN A N   1 
ATOM   743 C CA  . ASN A 1 96 ? 17.574  0.608   -9.895  1.00 75.35  ? 94  ASN A CA  1 
ATOM   744 C C   . ASN A 1 96 ? 18.263  -0.371  -8.952  1.00 72.66  ? 94  ASN A C   1 
ATOM   745 O O   . ASN A 1 96 ? 19.485  -0.548  -9.023  1.00 85.22  ? 94  ASN A O   1 
ATOM   746 C CB  . ASN A 1 96 ? 17.564  2.022   -9.311  1.00 83.11  ? 94  ASN A CB  1 
ATOM   747 C CG  . ASN A 1 96 ? 18.952  2.519   -8.938  1.00 92.13  ? 94  ASN A CG  1 
ATOM   748 O OD1 . ASN A 1 96 ? 19.727  2.958   -9.792  1.00 87.82  ? 94  ASN A OD1 1 
ATOM   749 N ND2 . ASN A 1 96 ? 19.266  2.466   -7.650  1.00 98.48  ? 94  ASN A ND2 1 
ATOM   750 N N   . LYS A 1 97 ? 17.492  -1.031  -8.075  1.00 72.77  ? 95  LYS A N   1 
ATOM   751 C CA  . LYS A 1 97 ? 18.076  -2.016  -7.174  1.00 70.88  ? 95  LYS A CA  1 
ATOM   752 C C   . LYS A 1 97 ? 18.527  -3.275  -7.899  1.00 82.67  ? 95  LYS A C   1 
ATOM   753 O O   . LYS A 1 97 ? 19.371  -4.007  -7.373  1.00 93.44  ? 95  LYS A O   1 
ATOM   754 C CB  . LYS A 1 97 ? 17.079  -2.387  -6.075  1.00 68.07  ? 95  LYS A CB  1 
ATOM   755 C CG  . LYS A 1 97 ? 16.748  -1.236  -5.151  1.00 73.84  ? 95  LYS A CG  1 
ATOM   756 C CD  . LYS A 1 97 ? 16.145  -1.729  -3.858  1.00 68.27  ? 95  LYS A CD  1 
ATOM   757 C CE  . LYS A 1 97 ? 15.708  -0.580  -2.981  1.00 66.25  ? 95  LYS A CE  1 
ATOM   758 N NZ  . LYS A 1 97 ? 14.338  -0.884  -2.442  1.00 74.67  ? 95  LYS A NZ  1 
ATOM   759 N N   . LEU A 1 98 ? 17.993  -3.549  -9.088  1.00 83.05  ? 96  LEU A N   1 
ATOM   760 C CA  . LEU A 1 98 ? 18.373  -4.760  -9.810  1.00 87.91  ? 96  LEU A CA  1 
ATOM   761 C C   . LEU A 1 98 ? 19.692  -4.627  -10.556 1.00 95.76  ? 96  LEU A C   1 
ATOM   762 O O   . LEU A 1 98 ? 20.234  -5.644  -11.004 1.00 100.62 ? 96  LEU A O   1 
ATOM   763 C CB  . LEU A 1 98 ? 17.265  -5.157  -10.785 1.00 85.11  ? 96  LEU A CB  1 
ATOM   764 C CG  . LEU A 1 98 ? 15.948  -5.546  -10.109 1.00 84.71  ? 96  LEU A CG  1 
ATOM   765 C CD1 . LEU A 1 98 ? 14.848  -5.693  -11.142 1.00 84.11  ? 96  LEU A CD1 1 
ATOM   766 C CD2 . LEU A 1 98 ? 16.099  -6.825  -9.299  1.00 87.28  ? 96  LEU A CD2 1 
ATOM   767 N N   . ASN A 1 99 ? 20.215  -3.416  -10.702 1.00 91.13  ? 97  ASN A N   1 
ATOM   768 C CA  . ASN A 1 99 ? 21.526  -3.219  -11.300 1.00 104.60 ? 97  ASN A CA  1 
ATOM   769 C C   . ASN A 1 99 ? 22.610  -3.457  -10.258 1.00 111.11 ? 97  ASN A C   1 
ATOM   770 O O   . ASN A 1 99 ? 23.442  -2.586  -10.005 1.00 122.64 ? 97  ASN A O   1 
ATOM   771 C CB  . ASN A 1 99 ? 21.644  -1.811  -11.883 1.00 110.24 ? 97  ASN A CB  1 
ATOM   772 C CG  . ASN A 1 99 ? 20.369  -1.364  -12.571 1.00 113.32 ? 97  ASN A CG  1 
ATOM   773 O OD1 . ASN A 1 99 ? 19.627  -2.186  -13.109 1.00 115.12 ? 97  ASN A OD1 1 
ATOM   774 N ND2 . ASN A 1 99 ? 20.100  -0.060  -12.542 1.00 104.68 ? 97  ASN A ND2 1 
HETATM 775 O O   . HOH B 2 .  ? -8.968  -11.420 -0.598  1.00 96.51  ? 101 HOH A O   1 
HETATM 776 O O   . HOH B 2 .  ? 2.347   13.768  -4.635  1.00 76.22  ? 102 HOH A O   1 
HETATM 777 O O   . HOH B 2 .  ? -13.800 -0.988  3.003   1.00 56.34  ? 103 HOH A O   1 
HETATM 778 O O   . HOH B 2 .  ? -11.322 -6.631  6.504   1.00 63.18  ? 104 HOH A O   1 
HETATM 779 O O   . HOH B 2 .  ? -4.188  -10.437 6.532   1.00 67.48  ? 105 HOH A O   1 
HETATM 780 O O   . HOH B 2 .  ? 12.825  2.513   -0.116  1.00 94.86  ? 106 HOH A O   1 
HETATM 781 O O   . HOH B 2 .  ? -11.859 -6.762  12.287  1.00 61.19  ? 107 HOH A O   1 
HETATM 782 O O   . HOH B 2 .  ? -9.549  -4.489  -2.424  1.00 67.54  ? 108 HOH A O   1 
HETATM 783 O O   . HOH B 2 .  ? -4.554  -5.422  -4.199  1.00 62.83  ? 109 HOH A O   1 
HETATM 784 O O   . HOH B 2 .  ? 1.060   -2.575  13.531  1.00 76.54  ? 110 HOH A O   1 
HETATM 785 O O   . HOH B 2 .  ? 15.680  4.255   -12.184 1.00 77.82  ? 111 HOH A O   1 
HETATM 786 O O   . HOH B 2 .  ? -11.643 -3.997  -3.677  1.00 67.28  ? 112 HOH A O   1 
HETATM 787 O O   . HOH B 2 .  ? 12.825  5.245   6.424   1.00 91.24  ? 113 HOH A O   1 
HETATM 788 O O   . HOH B 2 .  ? 6.533   -4.598  -6.560  1.00 72.12  ? 114 HOH A O   1 
HETATM 789 O O   . HOH B 2 .  ? 0.824   -18.014 2.483   1.00 88.30  ? 115 HOH A O   1 
# 
loop_
_atom_site_anisotrop.id 
_atom_site_anisotrop.type_symbol 
_atom_site_anisotrop.pdbx_label_atom_id 
_atom_site_anisotrop.pdbx_label_alt_id 
_atom_site_anisotrop.pdbx_label_comp_id 
_atom_site_anisotrop.pdbx_label_asym_id 
_atom_site_anisotrop.pdbx_label_seq_id 
_atom_site_anisotrop.pdbx_PDB_ins_code 
_atom_site_anisotrop.U[1][1] 
_atom_site_anisotrop.U[2][2] 
_atom_site_anisotrop.U[3][3] 
_atom_site_anisotrop.U[1][2] 
_atom_site_anisotrop.U[1][3] 
_atom_site_anisotrop.U[2][3] 
_atom_site_anisotrop.pdbx_auth_seq_id 
_atom_site_anisotrop.pdbx_auth_comp_id 
_atom_site_anisotrop.pdbx_auth_asym_id 
_atom_site_anisotrop.pdbx_auth_atom_id 
1   N N   . PHE A 11 ? 1.1900 1.7541 1.3807 -0.0526 -0.0580 0.1393  9   PHE A N   
2   C CA  . PHE A 11 ? 1.1959 1.6600 1.3567 -0.0406 -0.0384 0.1305  9   PHE A CA  
3   C C   . PHE A 11 ? 1.1853 1.6148 1.3575 -0.0545 -0.0208 0.1131  9   PHE A C   
4   O O   . PHE A 11 ? 1.4178 1.8159 1.5724 -0.0852 -0.0179 0.0883  9   PHE A O   
5   C CB  . PHE A 11 ? 1.1686 1.5872 1.2835 -0.0576 -0.0437 0.1134  9   PHE A CB  
6   C CG  . PHE A 11 ? 1.1801 1.6107 1.2740 -0.0376 -0.0533 0.1336  9   PHE A CG  
7   C CD1 . PHE A 11 ? 1.1607 1.5484 1.2488 -0.0026 -0.0398 0.1538  9   PHE A CD1 
8   C CD2 . PHE A 11 ? 1.2570 1.7363 1.3313 -0.0558 -0.0737 0.1313  9   PHE A CD2 
9   C CE1 . PHE A 11 ? 1.2272 1.6179 1.2928 0.0162  -0.0435 0.1752  9   PHE A CE1 
10  C CE2 . PHE A 11 ? 1.3041 1.7917 1.3524 -0.0350 -0.0805 0.1531  9   PHE A CE2 
11  C CZ  . PHE A 11 ? 1.2928 1.7342 1.3376 0.0020  -0.0639 0.1768  9   PHE A CZ  
12  N N   . GLY A 12 ? 1.2918 1.7240 1.4905 -0.0291 -0.0059 0.1283  10  GLY A N   
13  C CA  . GLY A 12 ? 1.0513 1.4436 1.2527 -0.0359 0.0139  0.1158  10  GLY A CA  
14  C C   . GLY A 12 ? 0.8550 1.1591 1.0147 -0.0356 0.0224  0.0991  10  GLY A C   
15  O O   . GLY A 12 ? 0.7851 1.0525 0.9347 -0.0482 0.0347  0.0850  10  GLY A O   
16  N N   . LEU A 13 ? 0.9283 1.1999 1.0645 -0.0205 0.0174  0.1021  11  LEU A N   
17  C CA  . LEU A 13 ? 0.6944 0.8972 0.7979 -0.0221 0.0221  0.0860  11  LEU A CA  
18  C C   . LEU A 13 ? 0.6405 0.8307 0.7275 -0.0521 0.0184  0.0657  11  LEU A C   
19  O O   . LEU A 13 ? 0.7203 0.8638 0.7900 -0.0550 0.0276  0.0530  11  LEU A O   
20  C CB  . LEU A 13 ? 0.7543 0.9355 0.8429 -0.0064 0.0184  0.0932  11  LEU A CB  
21  C CG  . LEU A 13 ? 0.8431 0.9683 0.9182 0.0116  0.0299  0.0901  11  LEU A CG  
22  C CD1 . LEU A 13 ? 0.8439 0.9623 0.9276 0.0256  0.0430  0.0931  11  LEU A CD1 
23  C CD2 . LEU A 13 ? 0.9816 1.0951 1.0524 0.0287  0.0323  0.1043  11  LEU A CD2 
24  N N   . LEU A 14 ? 0.5490 0.7796 0.6377 -0.0732 0.0062  0.0625  12  LEU A N   
25  C CA  . LEU A 14 ? 0.7042 0.9141 0.7711 -0.1025 0.0068  0.0406  12  LEU A CA  
26  C C   . LEU A 14 ? 0.7690 0.9618 0.8411 -0.1202 0.0214  0.0292  12  LEU A C   
27  O O   . LEU A 14 ? 0.7354 0.8796 0.7831 -0.1327 0.0320  0.0133  12  LEU A O   
28  C CB  . LEU A 14 ? 0.6282 0.8879 0.6909 -0.1245 -0.0098 0.0372  12  LEU A CB  
29  C CG  . LEU A 14 ? 0.7215 0.9596 0.7563 -0.1591 -0.0073 0.0111  12  LEU A CG  
30  C CD1 . LEU A 14 ? 0.6749 0.8462 0.6772 -0.1500 0.0034  0.0017  12  LEU A CD1 
31  C CD2 . LEU A 14 ? 0.7029 1.0002 0.7305 -0.1806 -0.0270 0.0076  12  LEU A CD2 
32  N N   . TRP A 15 ? 0.6480 0.8769 0.7510 -0.1192 0.0260  0.0391  13  TRP A N   
33  C CA  . TRP A 15 ? 0.5662 0.7773 0.6740 -0.1380 0.0444  0.0303  13  TRP A CA  
34  C C   . TRP A 15 ? 0.5568 0.6928 0.6359 -0.1207 0.0615  0.0276  13  TRP A C   
35  O O   . TRP A 15 ? 0.7209 0.8172 0.7847 -0.1366 0.0784  0.0173  13  TRP A O   
36  C CB  . TRP A 15 ? 0.5082 0.7737 0.6581 -0.1348 0.0501  0.0447  13  TRP A CB  
37  C CG  . TRP A 15 ? 0.5931 0.8352 0.7474 -0.1531 0.0745  0.0384  13  TRP A CG  
38  C CD1 . TRP A 15 ? 0.6035 0.8040 0.7496 -0.1323 0.0959  0.0468  13  TRP A CD1 
39  C CD2 . TRP A 15 ? 0.6012 0.8554 0.7645 -0.1979 0.0826  0.0219  13  TRP A CD2 
40  N NE1 . TRP A 15 ? 0.6418 0.8266 0.7918 -0.1584 0.1189  0.0403  13  TRP A NE1 
41  C CE2 . TRP A 15 ? 0.6013 0.8151 0.7629 -0.2006 0.1122  0.0238  13  TRP A CE2 
42  C CE3 . TRP A 15 ? 0.5826 0.8739 0.7502 -0.2379 0.0688  0.0040  13  TRP A CE3 
43  C CZ2 . TRP A 15 ? 0.8462 1.0519 1.0144 -0.2430 0.1316  0.0095  13  TRP A CZ2 
44  C CZ3 . TRP A 15 ? 0.6598 0.9448 0.8331 -0.2830 0.0855  -0.0144 13  TRP A CZ3 
45  C CH2 . TRP A 15 ? 0.9274 1.1681 1.1030 -0.2858 0.1182  -0.0111 13  TRP A CH2 
46  N N   . TYR A 16 ? 0.5050 0.6208 0.5750 -0.0889 0.0581  0.0368  14  TYR A N   
47  C CA  . TYR A 16 ? 0.6726 0.7297 0.7152 -0.0711 0.0684  0.0343  14  TYR A CA  
48  C C   . TYR A 16 ? 0.7176 0.7436 0.7368 -0.0704 0.0621  0.0240  14  TYR A C   
49  O O   . TYR A 16 ? 0.6980 0.6811 0.6955 -0.0663 0.0727  0.0188  14  TYR A O   
50  C CB  . TYR A 16 ? 0.6333 0.6858 0.6763 -0.0414 0.0684  0.0450  14  TYR A CB  
51  C CG  . TYR A 16 ? 0.6141 0.6938 0.6793 -0.0373 0.0804  0.0565  14  TYR A CG  
52  C CD1 . TYR A 16 ? 0.7127 0.7689 0.7686 -0.0371 0.1004  0.0581  14  TYR A CD1 
53  C CD2 . TYR A 16 ? 0.6214 0.7512 0.7171 -0.0310 0.0745  0.0682  14  TYR A CD2 
54  C CE1 . TYR A 16 ? 0.6840 0.7676 0.7630 -0.0335 0.1158  0.0692  14  TYR A CE1 
55  C CE2 . TYR A 16 ? 0.5694 0.7306 0.6915 -0.0239 0.0883  0.0805  14  TYR A CE2 
56  C CZ  . TYR A 16 ? 0.7495 0.8884 0.8646 -0.0268 0.1096  0.0798  14  TYR A CZ  
57  O OH  . TYR A 16 ? 0.7941 0.9660 0.9377 -0.0199 0.1276  0.0925  14  TYR A OH  
58  N N   . LEU A 17 ? 0.5979 0.6462 0.6216 -0.0717 0.0474  0.0235  15  LEU A N   
59  C CA  . LEU A 17 ? 0.6001 0.6244 0.6056 -0.0713 0.0445  0.0145  15  LEU A CA  
60  C C   . LEU A 17 ? 0.7359 0.7343 0.7237 -0.0914 0.0560  0.0007  15  LEU A C   
61  O O   . LEU A 17 ? 0.8103 0.7728 0.7809 -0.0828 0.0635  -0.0049 15  LEU A O   
62  C CB  . LEU A 17 ? 0.6980 0.7512 0.7089 -0.0728 0.0312  0.0182  15  LEU A CB  
63  C CG  . LEU A 17 ? 0.8283 0.8775 0.8439 -0.0518 0.0261  0.0264  15  LEU A CG  
64  C CD1 . LEU A 17 ? 0.9165 0.9899 0.9330 -0.0544 0.0180  0.0337  15  LEU A CD1 
65  C CD2 . LEU A 17 ? 0.7984 0.8150 0.8035 -0.0435 0.0297  0.0179  15  LEU A CD2 
66  N N   . LYS A 18 ? 0.6597 0.6759 0.6522 -0.1184 0.0592  -0.0054 16  LYS A N   
67  C CA  . LYS A 18 ? 0.6585 0.6399 0.6291 -0.1425 0.0743  -0.0223 16  LYS A CA  
68  C C   . LYS A 18 ? 0.7715 0.6935 0.7254 -0.1302 0.0972  -0.0214 16  LYS A C   
69  O O   . LYS A 18 ? 0.8447 0.7205 0.7742 -0.1412 0.1152  -0.0335 16  LYS A O   
70  C CB  . LYS A 18 ? 0.6663 0.6829 0.6486 -0.1796 0.0731  -0.0317 16  LYS A CB  
71  C CG  . LYS A 18 ? 0.7901 0.8090 0.7917 -0.1861 0.0870  -0.0256 16  LYS A CG  
72  C CD  . LYS A 18 ? 0.7670 0.8411 0.7923 -0.2259 0.0818  -0.0348 16  LYS A CD  
73  C CE  . LYS A 18 ? 0.6890 0.7485 0.7281 -0.2434 0.1061  -0.0351 16  LYS A CE  
74  N NZ  . LYS A 18 ? 0.7290 0.7882 0.7835 -0.2088 0.1131  -0.0122 16  LYS A NZ  
75  N N   . GLU A 19 ? 0.6603 0.5784 0.6212 -0.1058 0.0990  -0.0067 17  GLU A N   
76  C CA  . GLU A 19 ? 0.7673 0.6323 0.7072 -0.0904 0.1204  -0.0013 17  GLU A CA  
77  C C   . GLU A 19 ? 0.8641 0.7032 0.7875 -0.0594 0.1186  0.0025  17  GLU A C   
78  O O   . GLU A 19 ? 0.8458 0.6401 0.7473 -0.0422 0.1363  0.0088  17  GLU A O   
79  C CB  . GLU A 19 ? 0.7260 0.5995 0.6739 -0.0779 0.1244  0.0127  17  GLU A CB  
80  C CG  . GLU A 19 ? 0.8843 0.7871 0.8554 -0.1073 0.1319  0.0114  17  GLU A CG  
81  C CD  . GLU A 19 ? 1.1197 0.9828 1.0781 -0.1374 0.1581  0.0011  17  GLU A CD  
82  O OE1 . GLU A 19 ? 1.2176 1.0169 1.1445 -0.1243 0.1788  0.0037  17  GLU A OE1 
83  O OE2 . GLU A 19 ? 1.1426 1.0386 1.1227 -0.1744 0.1588  -0.0094 17  GLU A OE2 
84  N N   . LEU A 20 ? 0.8229 0.6915 0.7576 -0.0512 0.0991  0.0007  18  LEU A N   
85  C CA  . LEU A 20 ? 0.7827 0.6400 0.7113 -0.0256 0.0968  0.0031  18  LEU A CA  
86  C C   . LEU A 20 ? 0.8328 0.6502 0.7426 -0.0282 0.1167  -0.0044 18  LEU A C   
87  O O   . LEU A 20 ? 0.8759 0.6883 0.7801 -0.0545 0.1226  -0.0177 18  LEU A O   
88  C CB  . LEU A 20 ? 0.7595 0.6565 0.7077 -0.0235 0.0761  0.0011  18  LEU A CB  
89  C CG  . LEU A 20 ? 0.6594 0.5845 0.6218 -0.0187 0.0610  0.0076  18  LEU A CG  
90  C CD1 . LEU A 20 ? 0.6664 0.6169 0.6445 -0.0148 0.0462  0.0061  18  LEU A CD1 
91  C CD2 . LEU A 20 ? 0.6988 0.6086 0.6492 0.0021  0.0636  0.0151  18  LEU A CD2 
92  N N   . ARG A 21 ? 0.8280 0.6161 0.7249 0.0005  0.1285  0.0044  19  ARG A N   
93  C CA  . ARG A 21 ? 0.8818 0.6311 0.7626 0.0061  0.1501  -0.0007 19  ARG A CA  
94  C C   . ARG A 21 ? 0.8712 0.6542 0.7704 0.0151  0.1382  -0.0046 19  ARG A C   
95  O O   . ARG A 21 ? 0.7914 0.6230 0.7147 0.0176  0.1143  -0.0024 19  ARG A O   
96  C CB  . ARG A 21 ? 0.9745 0.6774 0.8337 0.0383  0.1718  0.0146  19  ARG A CB  
97  C CG  . ARG A 21 ? 1.2258 0.9585 1.0924 0.0729  0.1542  0.0327  19  ARG A CG  
98  C CD  . ARG A 21 ? 1.3644 1.0482 1.2008 0.1039  0.1770  0.0520  19  ARG A CD  
99  N NE  . ARG A 21 ? 1.4188 1.0601 1.2335 0.0845  0.1962  0.0537  19  ARG A NE  
100 C CZ  . ARG A 21 ? 1.3650 1.0135 1.1710 0.0924  0.1903  0.0658  19  ARG A CZ  
101 N NH1 . ARG A 21 ? 1.2036 0.8973 1.0153 0.1183  0.1637  0.0748  19  ARG A NH1 
102 N NH2 . ARG A 21 ? 1.4543 1.0653 1.2451 0.0723  0.2126  0.0674  19  ARG A NH2 
103 N N   . LYS A 22 ? 0.9273 0.6792 0.8133 0.0192  0.1596  -0.0112 20  LYS A N   
104 C CA  . LYS A 22 ? 0.8468 0.6272 0.7477 0.0195  0.1550  -0.0176 20  LYS A CA  
105 C C   . LYS A 22 ? 0.8141 0.6479 0.7497 0.0445  0.1343  -0.0059 20  LYS A C   
106 O O   . LYS A 22 ? 0.8201 0.6955 0.7775 0.0329  0.1173  -0.0098 20  LYS A O   
107 C CB  . LYS A 22 ? 1.0489 0.7810 0.9276 0.0282  0.1875  -0.0243 20  LYS A CB  
108 C CG  . LYS A 22 ? 1.2197 0.9797 1.1135 0.0330  0.1888  -0.0290 20  LYS A CG  
109 C CD  . LYS A 22 ? 1.3483 1.0569 1.2190 0.0480  0.2262  -0.0345 20  LYS A CD  
110 C CE  . LYS A 22 ? 1.3169 1.0608 1.2097 0.0598  0.2305  -0.0349 20  LYS A CE  
111 N NZ  . LYS A 22 ? 1.1836 0.9925 1.1273 0.0894  0.2115  -0.0166 20  LYS A NZ  
112 N N   . GLU A 23 ? 0.8015 0.6360 0.7414 0.0778  0.1353  0.0086  21  GLU A N   
113 C CA  . GLU A 23 ? 0.7664 0.6598 0.7408 0.0976  0.1138  0.0160  21  GLU A CA  
114 C C   . GLU A 23 ? 0.8344 0.7620 0.8202 0.0823  0.0855  0.0138  21  GLU A C   
115 O O   . GLU A 23 ? 0.6966 0.6700 0.7113 0.0770  0.0679  0.0097  21  GLU A O   
116 C CB  . GLU A 23 ? 0.8862 0.7788 0.8594 0.1397  0.1199  0.0334  21  GLU A CB  
117 C CG  . GLU A 23 ? 1.0835 0.9310 1.0423 0.1597  0.1551  0.0376  21  GLU A CG  
118 C CD  . GLU A 23 ? 1.0964 0.9533 1.0603 0.2098  0.1618  0.0600  21  GLU A CD  
119 O OE1 . GLU A 23 ? 1.1527 0.9492 1.0818 0.2304  0.1862  0.0725  21  GLU A OE1 
120 O OE2 . GLU A 23 ? 1.0808 1.0078 1.0848 0.2285  0.1434  0.0660  21  GLU A OE2 
121 N N   . GLU A 24 ? 0.7102 0.6125 0.6736 0.0736  0.0844  0.0155  22  GLU A N   
122 C CA  . GLU A 24 ? 0.6831 0.6109 0.6538 0.0620  0.0627  0.0135  22  GLU A CA  
123 C C   . GLU A 24 ? 0.6067 0.5516 0.5921 0.0345  0.0561  0.0037  22  GLU A C   
124 O O   . GLU A 24 ? 0.6578 0.6308 0.6598 0.0291  0.0400  0.0011  22  GLU A O   
125 C CB  . GLU A 24 ? 0.7846 0.6820 0.7298 0.0606  0.0689  0.0191  22  GLU A CB  
126 C CG  . GLU A 24 ? 0.9190 0.7984 0.8432 0.0914  0.0751  0.0331  22  GLU A CG  
127 C CD  . GLU A 24 ? 1.0034 0.8389 0.8988 0.0875  0.0929  0.0401  22  GLU A CD  
128 O OE1 . GLU A 24 ? 1.0236 0.8326 0.8941 0.1135  0.1044  0.0548  22  GLU A OE1 
129 O OE2 . GLU A 24 ? 0.9369 0.7668 0.8357 0.0592  0.0969  0.0325  22  GLU A OE2 
130 N N   . PHE A 25 ? 0.6478 0.5731 0.6233 0.0168  0.0694  -0.0019 23  PHE A N   
131 C CA  . PHE A 25 ? 0.6724 0.6153 0.6556 -0.0053 0.0633  -0.0074 23  PHE A CA  
132 C C   . PHE A 25 ? 0.6751 0.6433 0.6798 -0.0022 0.0608  -0.0092 23  PHE A C   
133 O O   . PHE A 25 ? 0.6081 0.5963 0.6256 -0.0125 0.0515  -0.0090 23  PHE A O   
134 C CB  . PHE A 25 ? 0.6156 0.5361 0.5771 -0.0255 0.0764  -0.0148 23  PHE A CB  
135 C CG  . PHE A 25 ? 0.7039 0.6462 0.6660 -0.0456 0.0685  -0.0175 23  PHE A CG  
136 C CD1 . PHE A 25 ? 0.7554 0.7235 0.7307 -0.0487 0.0531  -0.0098 23  PHE A CD1 
137 C CD2 . PHE A 25 ? 0.8700 0.8036 0.8140 -0.0589 0.0788  -0.0263 23  PHE A CD2 
138 C CE1 . PHE A 25 ? 0.7857 0.7738 0.7585 -0.0615 0.0471  -0.0073 23  PHE A CE1 
139 C CE2 . PHE A 25 ? 0.9222 0.8781 0.8601 -0.0745 0.0706  -0.0259 23  PHE A CE2 
140 C CZ  . PHE A 25 ? 0.8670 0.8516 0.8204 -0.0742 0.0542  -0.0144 23  PHE A CZ  
141 N N   . TRP A 26 ? 0.6401 0.6070 0.6506 0.0131  0.0722  -0.0096 24  TRP A N   
142 C CA  . TRP A 26 ? 0.5343 0.5328 0.5728 0.0150  0.0721  -0.0108 24  TRP A CA  
143 C C   . TRP A 26 ? 0.6631 0.6974 0.7292 0.0163  0.0521  -0.0099 24  TRP A C   
144 O O   . TRP A 26 ? 0.5626 0.6154 0.6465 0.0017  0.0485  -0.0127 24  TRP A O   
145 C CB  . TRP A 26 ? 0.6520 0.6504 0.6985 0.0367  0.0894  -0.0089 24  TRP A CB  
146 C CG  . TRP A 26 ? 0.8294 0.8712 0.9138 0.0391  0.0897  -0.0091 24  TRP A CG  
147 C CD1 . TRP A 26 ? 0.8789 0.9257 0.9688 0.0246  0.1024  -0.0129 24  TRP A CD1 
148 C CD2 . TRP A 26 ? 0.8167 0.9086 0.9408 0.0547  0.0770  -0.0054 24  TRP A CD2 
149 N NE1 . TRP A 26 ? 0.8742 0.9687 1.0087 0.0289  0.1017  -0.0116 24  TRP A NE1 
150 C CE2 . TRP A 26 ? 0.8683 0.9954 1.0270 0.0457  0.0844  -0.0082 24  TRP A CE2 
151 C CE3 . TRP A 26 ? 0.8727 0.9866 1.0047 0.0745  0.0597  0.0000  24  TRP A CE3 
152 C CZ2 . TRP A 26 ? 0.9218 1.1112 1.1303 0.0523  0.0741  -0.0079 24  TRP A CZ2 
153 C CZ3 . TRP A 26 ? 0.8498 1.0270 1.0256 0.0830  0.0460  0.0004  24  TRP A CZ3 
154 C CH2 . TRP A 26 ? 0.9321 1.1492 1.1492 0.0701  0.0528  -0.0046 24  TRP A CH2 
155 N N   . LYS A 27 ? 0.5807 0.6208 0.6457 0.0324  0.0406  -0.0067 25  LYS A N   
156 C CA  . LYS A 27 ? 0.6041 0.6740 0.6858 0.0298  0.0204  -0.0105 25  LYS A CA  
157 C C   . LYS A 27 ? 0.6387 0.6938 0.7118 0.0091  0.0157  -0.0142 25  LYS A C   
158 O O   . LYS A 27 ? 0.5812 0.6522 0.6716 -0.0036 0.0083  -0.0208 25  LYS A O   
159 C CB  . LYS A 27 ? 0.7222 0.7939 0.7892 0.0509  0.0093  -0.0059 25  LYS A CB  
160 C CG  . LYS A 27 ? 0.7199 0.8084 0.7933 0.0797  0.0128  0.0030  25  LYS A CG  
161 C CD  . LYS A 27 ? 0.8801 0.9778 0.9355 0.0999  -0.0031 0.0086  25  LYS A CD  
162 C CE  . LYS A 27 ? 1.0599 1.1592 1.1085 0.1366  0.0051  0.0251  25  LYS A CE  
163 N NZ  . LYS A 27 ? 1.1122 1.2182 1.1341 0.1583  -0.0102 0.0337  25  LYS A NZ  
164 N N   . PHE A 28 ? 0.6495 0.6747 0.6975 0.0056  0.0213  -0.0096 26  PHE A N   
165 C CA  . PHE A 28 ? 0.6459 0.6613 0.6878 -0.0071 0.0185  -0.0086 26  PHE A CA  
166 C C   . PHE A 28 ? 0.6801 0.7019 0.7349 -0.0217 0.0234  -0.0085 26  PHE A C   
167 O O   . PHE A 28 ? 0.6617 0.6814 0.7228 -0.0289 0.0211  -0.0092 26  PHE A O   
168 C CB  . PHE A 28 ? 0.6089 0.6049 0.6299 -0.0089 0.0243  -0.0025 26  PHE A CB  
169 C CG  . PHE A 28 ? 0.6165 0.6109 0.6352 -0.0154 0.0219  0.0026  26  PHE A CG  
170 C CD1 . PHE A 28 ? 0.5628 0.5635 0.5840 -0.0257 0.0245  0.0080  26  PHE A CD1 
171 C CD2 . PHE A 28 ? 0.5503 0.5372 0.5619 -0.0073 0.0190  0.0043  26  PHE A CD2 
172 C CE1 . PHE A 28 ? 0.5959 0.5991 0.6171 -0.0252 0.0235  0.0173  26  PHE A CE1 
173 C CE2 . PHE A 28 ? 0.6029 0.5891 0.6152 -0.0084 0.0208  0.0113  26  PHE A CE2 
174 C CZ  . PHE A 28 ? 0.6483 0.6444 0.6678 -0.0157 0.0227  0.0190  26  PHE A CZ  
175 N N   . LYS A 29 ? 0.5152 0.5386 0.5697 -0.0254 0.0339  -0.0074 27  LYS A N   
176 C CA  . LYS A 29 ? 0.6134 0.6406 0.6745 -0.0375 0.0417  -0.0048 27  LYS A CA  
177 C C   . LYS A 29 ? 0.5788 0.6248 0.6703 -0.0421 0.0421  -0.0104 27  LYS A C   
178 O O   . LYS A 29 ? 0.6353 0.6762 0.7333 -0.0538 0.0468  -0.0083 27  LYS A O   
179 C CB  . LYS A 29 ? 0.6892 0.7117 0.7355 -0.0404 0.0546  -0.0043 27  LYS A CB  
180 C CG  . LYS A 29 ? 0.5731 0.5833 0.5901 -0.0466 0.0530  -0.0008 27  LYS A CG  
181 C CD  . LYS A 29 ? 0.7326 0.7366 0.7268 -0.0548 0.0653  -0.0040 27  LYS A CD  
182 C CE  . LYS A 29 ? 0.7737 0.7618 0.7606 -0.0487 0.0771  -0.0142 27  LYS A CE  
183 N NZ  . LYS A 29 ? 0.7662 0.7393 0.7201 -0.0602 0.0901  -0.0214 27  LYS A NZ  
184 N N   . GLU A 30 ? 0.5309 0.6009 0.6429 -0.0333 0.0385  -0.0169 28  GLU A N   
185 C CA  . GLU A 30 ? 0.5299 0.6311 0.6781 -0.0422 0.0360  -0.0246 28  GLU A CA  
186 C C   . GLU A 30 ? 0.7034 0.7974 0.8520 -0.0538 0.0244  -0.0321 28  GLU A C   
187 O O   . GLU A 30 ? 0.6387 0.7346 0.8056 -0.0730 0.0301  -0.0377 28  GLU A O   
188 C CB  . GLU A 30 ? 0.5624 0.7029 0.7353 -0.0263 0.0300  -0.0278 28  GLU A CB  
189 C CG  . GLU A 30 ? 0.6194 0.7638 0.7958 -0.0132 0.0484  -0.0216 28  GLU A CG  
190 C CD  . GLU A 30 ? 0.6618 0.8179 0.8598 -0.0283 0.0672  -0.0216 28  GLU A CD  
191 O OE1 . GLU A 30 ? 0.5382 0.7296 0.7749 -0.0419 0.0647  -0.0274 28  GLU A OE1 
192 O OE2 . GLU A 30 ? 0.6740 0.8033 0.8477 -0.0289 0.0853  -0.0168 28  GLU A OE2 
193 N N   . LEU A 31 ? 0.6502 0.7297 0.7756 -0.0435 0.0121  -0.0329 29  LEU A N   
194 C CA  . LEU A 31 ? 0.5735 0.6386 0.6915 -0.0528 0.0045  -0.0421 29  LEU A CA  
195 C C   . LEU A 31 ? 0.5390 0.5673 0.6466 -0.0641 0.0189  -0.0359 29  LEU A C   
196 O O   . LEU A 31 ? 0.7141 0.7268 0.8253 -0.0790 0.0223  -0.0454 29  LEU A O   
197 C CB  . LEU A 31 ? 0.5927 0.6466 0.6827 -0.0362 -0.0067 -0.0418 29  LEU A CB  
198 C CG  . LEU A 31 ? 0.5363 0.6244 0.6309 -0.0234 -0.0227 -0.0476 29  LEU A CG  
199 C CD1 . LEU A 31 ? 0.6502 0.7188 0.7093 -0.0048 -0.0281 -0.0426 29  LEU A CD1 
200 C CD2 . LEU A 31 ? 0.5970 0.7158 0.7120 -0.0398 -0.0360 -0.0662 29  LEU A CD2 
201 N N   . LEU A 32 ? 0.5820 0.5960 0.6751 -0.0573 0.0284  -0.0201 30  LEU A N   
202 C CA  . LEU A 32 ? 0.5673 0.5528 0.6493 -0.0614 0.0416  -0.0082 30  LEU A CA  
203 C C   . LEU A 32 ? 0.7077 0.6877 0.8065 -0.0787 0.0566  -0.0090 30  LEU A C   
204 O O   . LEU A 32 ? 0.7533 0.7002 0.8433 -0.0829 0.0701  -0.0015 30  LEU A O   
205 C CB  . LEU A 32 ? 0.5378 0.5245 0.6022 -0.0521 0.0443  0.0082  30  LEU A CB  
206 C CG  . LEU A 32 ? 0.6125 0.5965 0.6605 -0.0393 0.0364  0.0139  30  LEU A CG  
207 C CD1 . LEU A 32 ? 0.5449 0.5402 0.5800 -0.0377 0.0371  0.0260  30  LEU A CD1 
208 C CD2 . LEU A 32 ? 0.5945 0.5552 0.6366 -0.0335 0.0405  0.0188  30  LEU A CD2 
209 N N   . LYS A 33 ? 0.7303 0.7400 0.8535 -0.0869 0.0586  -0.0155 31  LYS A N   
210 C CA  . LYS A 33 ? 0.6359 0.6430 0.7784 -0.1056 0.0770  -0.0154 31  LYS A CA  
211 C C   . LYS A 33 ? 0.7443 0.7578 0.9142 -0.1274 0.0751  -0.0353 31  LYS A C   
212 O O   . LYS A 33 ? 0.7314 0.7353 0.9187 -0.1486 0.0939  -0.0371 31  LYS A O   
213 C CB  . LYS A 33 ? 0.6052 0.6444 0.7647 -0.1050 0.0847  -0.0130 31  LYS A CB  
214 C CG  . LYS A 33 ? 0.5142 0.5544 0.6473 -0.0871 0.0825  -0.0030 31  LYS A CG  
215 C CD  . LYS A 33 ? 0.6432 0.7111 0.7939 -0.0858 0.0940  -0.0052 31  LYS A CD  
216 C CE  . LYS A 33 ? 0.6648 0.7292 0.7885 -0.0701 0.0924  -0.0025 31  LYS A CE  
217 N NZ  . LYS A 33 ? 0.6948 0.7802 0.8344 -0.0647 0.1076  -0.0056 31  LYS A NZ  
218 N N   . GLN A 34 ? 0.6023 0.6325 0.7743 -0.1247 0.0540  -0.0510 32  GLN A N   
219 C CA  . GLN A 34 ? 0.6159 0.6624 0.8111 -0.1483 0.0465  -0.0748 32  GLN A CA  
220 C C   . GLN A 34 ? 0.8456 0.8356 1.0125 -0.1574 0.0528  -0.0828 32  GLN A C   
221 O O   . GLN A 34 ? 0.9169 0.8666 1.0500 -0.1380 0.0581  -0.0680 32  GLN A O   
222 C CB  . GLN A 34 ? 0.6639 0.7642 0.8710 -0.1374 0.0190  -0.0865 32  GLN A CB  
223 C CG  . GLN A 34 ? 0.6250 0.7804 0.8646 -0.1261 0.0174  -0.0790 32  GLN A CG  
224 C CD  . GLN A 34 ? 0.7287 0.9231 1.0184 -0.1520 0.0281  -0.0877 32  GLN A CD  
225 O OE1 . GLN A 34 ? 0.6543 0.8582 0.9632 -0.1811 0.0244  -0.1074 32  GLN A OE1 
226 N NE2 . GLN A 34 ? 0.8000 1.0162 1.1105 -0.1438 0.0435  -0.0747 32  GLN A NE2 
227 N N   . PRO A 35 ? 0.8086 0.7940 0.9894 -0.1880 0.0545  -0.1070 33  PRO A N   
228 C CA  . PRO A 35 ? 0.8987 0.8165 1.0471 -0.1973 0.0674  -0.1164 33  PRO A CA  
229 C C   . PRO A 35 ? 1.0523 0.9554 1.1624 -0.1721 0.0521  -0.1172 33  PRO A C   
230 O O   . PRO A 35 ? 1.1056 1.0511 1.2154 -0.1671 0.0260  -0.1302 33  PRO A O   
231 C CB  . PRO A 35 ? 0.9016 0.8320 1.0737 -0.2397 0.0655  -0.1503 33  PRO A CB  
232 C CG  . PRO A 35 ? 0.8227 0.8152 1.0473 -0.2548 0.0657  -0.1484 33  PRO A CG  
233 C CD  . PRO A 35 ? 0.8447 0.8842 1.0731 -0.2182 0.0493  -0.1269 33  PRO A CD  
234 N N   . LEU A 36 ? 1.0630 0.9079 1.1410 -0.1537 0.0702  -0.1002 34  LEU A N   
235 C CA  . LEU A 36 ? 1.2034 1.0291 1.2466 -0.1295 0.0631  -0.0987 34  LEU A CA  
236 C C   . LEU A 36 ? 1.3951 1.1713 1.4130 -0.1476 0.0719  -0.1259 34  LEU A C   
237 O O   . LEU A 36 ? 1.4567 1.1659 1.4544 -0.1462 0.0998  -0.1210 34  LEU A O   
238 C CB  . LEU A 36 ? 1.0564 0.8561 1.0846 -0.0996 0.0781  -0.0664 34  LEU A CB  
239 C CG  . LEU A 36 ? 0.9117 0.7468 0.9559 -0.0862 0.0750  -0.0406 34  LEU A CG  
240 C CD1 . LEU A 36 ? 0.9594 0.7733 0.9862 -0.0591 0.0869  -0.0122 34  LEU A CD1 
241 C CD2 . LEU A 36 ? 0.7040 0.5945 0.7588 -0.0797 0.0505  -0.0444 34  LEU A CD2 
242 N N   . GLU A 37 ? 1.3570 1.1653 1.3724 -0.1636 0.0486  -0.1548 35  GLU A N   
243 C CA  . GLU A 37 ? 1.4055 1.1725 1.3948 -0.1899 0.0540  -0.1890 35  GLU A CA  
244 C C   . GLU A 37 ? 1.3753 1.0933 1.3130 -0.1667 0.0612  -0.1909 35  GLU A C   
245 O O   . GLU A 37 ? 1.3975 1.0518 1.3033 -0.1826 0.0799  -0.2136 35  GLU A O   
246 C CB  . GLU A 37 ? 1.3998 1.2323 1.4062 -0.2179 0.0225  -0.2205 35  GLU A CB  
247 C CG  . GLU A 37 ? 1.3743 1.2770 1.4387 -0.2306 0.0116  -0.2135 35  GLU A CG  
248 C CD  . GLU A 37 ? 1.4933 1.4796 1.5796 -0.2466 -0.0241 -0.2373 35  GLU A CD  
249 O OE1 . GLU A 37 ? 1.5555 1.5759 1.6801 -0.2855 -0.0269 -0.2590 35  GLU A OE1 
250 O OE2 . GLU A 37 ? 1.5268 1.5475 1.5927 -0.2197 -0.0487 -0.2328 35  GLU A OE2 
251 N N   . LYS A 38 ? 1.3660 1.1090 1.2943 -0.1311 0.0503  -0.1687 36  LYS A N   
252 C CA  . LYS A 38 ? 1.3480 1.0500 1.2309 -0.1078 0.0602  -0.1685 36  LYS A CA  
253 C C   . LYS A 38 ? 1.4606 1.0914 1.3311 -0.0925 0.0977  -0.1514 36  LYS A C   
254 O O   . LYS A 38 ? 1.6064 1.1822 1.4371 -0.0832 0.1164  -0.1612 36  LYS A O   
260 N N   . PHE A 39 ? 1.2663 0.8965 1.1671 -0.0870 0.1108  -0.1246 37  PHE A N   
261 C CA  . PHE A 39 ? 1.3781 0.9525 1.2698 -0.0632 0.1443  -0.0993 37  PHE A CA  
262 C C   . PHE A 39 ? 1.4100 0.9339 1.3094 -0.0813 0.1710  -0.0970 37  PHE A C   
263 O O   . PHE A 39 ? 1.4161 0.8837 1.3022 -0.0589 0.2029  -0.0752 37  PHE A O   
264 C CB  . PHE A 39 ? 1.4458 1.0650 1.3586 -0.0301 0.1386  -0.0600 37  PHE A CB  
265 C CG  . PHE A 39 ? 1.4754 1.1394 1.3833 -0.0132 0.1183  -0.0581 37  PHE A CG  
266 C CD1 . PHE A 39 ? 1.4903 1.1291 1.3726 0.0108  0.1325  -0.0547 37  PHE A CD1 
267 C CD2 . PHE A 39 ? 1.4336 1.1606 1.3614 -0.0198 0.0899  -0.0580 37  PHE A CD2 
268 C CE1 . PHE A 39 ? 1.4464 1.1229 1.3237 0.0247  0.1184  -0.0512 37  PHE A CE1 
269 C CE2 . PHE A 39 ? 1.3788 1.1375 1.2991 -0.0045 0.0764  -0.0543 37  PHE A CE2 
270 C CZ  . PHE A 39 ? 1.3862 1.1200 1.2813 0.0162  0.0906  -0.0508 37  PHE A CZ  
271 N N   . GLU A 40 ? 1.4810 1.0242 1.4027 -0.1189 0.1615  -0.1162 38  GLU A N   
272 C CA  . GLU A 40 ? 1.4916 0.9862 1.4224 -0.1406 0.1902  -0.1141 38  GLU A CA  
273 C C   . GLU A 40 ? 1.3560 0.8489 1.2982 -0.1104 0.2063  -0.0680 38  GLU A C   
274 O O   . GLU A 40 ? 1.4551 0.8801 1.3836 -0.1031 0.2421  -0.0510 38  GLU A O   
275 C CB  . GLU A 40 ? 1.5670 0.9642 1.4607 -0.1553 0.2246  -0.1369 38  GLU A CB  
276 C CG  . GLU A 40 ? 1.5893 0.9391 1.4917 -0.2021 0.2483  -0.1584 38  GLU A CG  
277 C CD  . GLU A 40 ? 1.4612 0.8756 1.4126 -0.2247 0.2346  -0.1508 38  GLU A CD  
278 O OE1 . GLU A 40 ? 1.4442 0.8252 1.4040 -0.2211 0.2632  -0.1237 38  GLU A OE1 
279 O OE2 . GLU A 40 ? 1.4065 0.9030 1.3862 -0.2441 0.1979  -0.1705 38  GLU A OE2 
280 N N   . LEU A 41 ? 1.2286 0.7944 1.1915 -0.0920 0.1804  -0.0475 39  LEU A N   
281 C CA  . LEU A 41 ? 1.2006 0.7819 1.1735 -0.0692 0.1874  -0.0082 39  LEU A CA  
282 C C   . LEU A 41 ? 1.2789 0.8979 1.2797 -0.0947 0.1803  -0.0100 39  LEU A C   
283 O O   . LEU A 41 ? 1.1700 0.8235 1.1911 -0.1238 0.1631  -0.0383 39  LEU A O   
284 C CB  . LEU A 41 ? 1.0641 0.6986 1.0388 -0.0361 0.1665  0.0132  39  LEU A CB  
285 C CG  . LEU A 41 ? 1.1690 0.7754 1.1229 -0.0043 0.1782  0.0239  39  LEU A CG  
286 C CD1 . LEU A 41 ? 1.1973 0.8678 1.1610 0.0173  0.1545  0.0369  39  LEU A CD1 
287 C CD2 . LEU A 41 ? 1.2523 0.8063 1.1936 0.0212  0.2115  0.0555  39  LEU A CD2 
288 N N   . LYS A 42 ? 1.2733 0.8889 1.2743 -0.0813 0.1945  0.0220  40  LYS A N   
289 C CA  . LYS A 42 ? 1.2748 0.9237 1.2982 -0.1015 0.1928  0.0237  40  LYS A CA  
290 C C   . LYS A 42 ? 1.0958 0.8216 1.1335 -0.0923 0.1606  0.0255  40  LYS A C   
291 O O   . LYS A 42 ? 0.8430 0.5891 0.8681 -0.0642 0.1490  0.0443  40  LYS A O   
292 C CB  . LYS A 42 ? 1.3942 1.0059 1.4033 -0.0899 0.2227  0.0578  40  LYS A CB  
293 C CG  . LYS A 42 ? 1.4718 1.0538 1.4516 -0.0477 0.2342  0.0927  40  LYS A CG  
294 C CD  . LYS A 42 ? 1.5040 1.0263 1.4634 -0.0386 0.2723  0.1239  40  LYS A CD  
295 C CE  . LYS A 42 ? 1.5187 1.0135 1.4514 0.0085  0.2856  0.1620  40  LYS A CE  
296 N NZ  . LYS A 42 ? 1.6094 1.0378 1.5172 0.0213  0.3265  0.1958  40  LYS A NZ  
297 N N   . PRO A 43 ? 0.9816 0.7515 1.0467 -0.1153 0.1471  0.0059  41  PRO A N   
298 C CA  . PRO A 43 ? 0.7851 0.6164 0.8599 -0.1049 0.1227  0.0082  41  PRO A CA  
299 C C   . PRO A 43 ? 0.8086 0.6476 0.8701 -0.0896 0.1302  0.0369  41  PRO A C   
300 O O   . PRO A 43 ? 0.8547 0.6603 0.9045 -0.0892 0.1538  0.0555  41  PRO A O   
301 C CB  . PRO A 43 ? 0.7503 0.6206 0.8598 -0.1308 0.1152  -0.0153 41  PRO A CB  
302 C CG  . PRO A 43 ? 0.8718 0.7062 0.9929 -0.1584 0.1410  -0.0218 41  PRO A CG  
303 C CD  . PRO A 43 ? 0.9927 0.7600 1.0837 -0.1522 0.1562  -0.0185 41  PRO A CD  
304 N N   . ILE A 44 ? 0.6877 0.5676 0.7459 -0.0767 0.1110  0.0406  42  ILE A N   
305 C CA  . ILE A 44 ? 0.6416 0.5342 0.6825 -0.0670 0.1153  0.0624  42  ILE A CA  
306 C C   . ILE A 44 ? 0.7373 0.6376 0.7915 -0.0847 0.1301  0.0586  42  ILE A C   
307 O O   . ILE A 44 ? 0.7878 0.7170 0.8684 -0.0968 0.1230  0.0388  42  ILE A O   
308 C CB  . ILE A 44 ? 0.5892 0.5192 0.6222 -0.0561 0.0939  0.0615  42  ILE A CB  
309 C CG1 . ILE A 44 ? 0.6584 0.5865 0.6810 -0.0382 0.0836  0.0702  42  ILE A CG1 
310 C CG2 . ILE A 44 ? 0.6700 0.6158 0.6822 -0.0533 0.0971  0.0759  42  ILE A CG2 
311 C CD1 . ILE A 44 ? 0.6924 0.6558 0.7054 -0.0318 0.0674  0.0734  42  ILE A CD1 
312 N N   . PRO A 45 ? 0.7897 0.6667 0.8268 -0.0843 0.1523  0.0792  43  PRO A N   
313 C CA  . PRO A 45 ? 0.7915 0.6766 0.8409 -0.1008 0.1709  0.0772  43  PRO A CA  
314 C C   . PRO A 45 ? 0.7811 0.7104 0.8327 -0.0982 0.1577  0.0678  43  PRO A C   
315 O O   . PRO A 45 ? 0.8563 0.7982 0.8799 -0.0836 0.1436  0.0748  43  PRO A O   
316 C CB  . PRO A 45 ? 0.7975 0.6487 0.8116 -0.0914 0.1948  0.1081  43  PRO A CB  
317 C CG  . PRO A 45 ? 0.8759 0.6906 0.8733 -0.0749 0.1951  0.1228  43  PRO A CG  
318 C CD  . PRO A 45 ? 0.7529 0.5971 0.7582 -0.0652 0.1637  0.1082  43  PRO A CD  
319 N N   . TRP A 46 ? 0.8300 0.7843 0.9174 -0.1131 0.1630  0.0505  44  TRP A N   
320 C CA  . TRP A 46 ? 0.7931 0.7840 0.8865 -0.1068 0.1526  0.0395  44  TRP A CA  
321 C C   . TRP A 46 ? 0.7487 0.7365 0.8028 -0.0989 0.1635  0.0522  44  TRP A C   
322 O O   . TRP A 46 ? 0.6676 0.6687 0.7049 -0.0900 0.1523  0.0455  44  TRP A O   
323 C CB  . TRP A 46 ? 0.7045 0.7295 0.8486 -0.1197 0.1590  0.0229  44  TRP A CB  
324 C CG  . TRP A 46 ? 0.6959 0.7172 0.8615 -0.1388 0.1880  0.0273  44  TRP A CG  
325 C CD1 . TRP A 46 ? 0.7410 0.7537 0.9375 -0.1616 0.1973  0.0207  44  TRP A CD1 
326 C CD2 . TRP A 46 ? 0.7033 0.7277 0.8613 -0.1396 0.2153  0.0375  44  TRP A CD2 
327 N NE1 . TRP A 46 ? 0.7993 0.8105 1.0120 -0.1780 0.2296  0.0276  44  TRP A NE1 
328 C CE2 . TRP A 46 ? 0.7362 0.7554 0.9250 -0.1630 0.2417  0.0392  44  TRP A CE2 
329 C CE3 . TRP A 46 ? 0.6746 0.7024 0.7994 -0.1249 0.2225  0.0435  44  TRP A CE3 
330 C CZ2 . TRP A 46 ? 0.7209 0.7400 0.9096 -0.1694 0.2758  0.0501  44  TRP A CZ2 
331 C CZ3 . TRP A 46 ? 0.7836 0.8093 0.9030 -0.1300 0.2549  0.0526  44  TRP A CZ3 
332 C CH2 . TRP A 46 ? 0.7728 0.7958 0.9251 -0.1508 0.2820  0.0574  44  TRP A CH2 
333 N N   . ALA A 47 ? 0.7606 0.7265 0.7940 -0.1026 0.1869  0.0701  45  ALA A N   
334 C CA  . ALA A 47 ? 0.8499 0.8139 0.8375 -0.0956 0.1973  0.0813  45  ALA A CA  
335 C C   . ALA A 47 ? 0.9306 0.8976 0.8757 -0.0826 0.1728  0.0861  45  ALA A C   
336 O O   . ALA A 47 ? 0.9264 0.9018 0.8365 -0.0805 0.1715  0.0824  45  ALA A O   
337 C CB  . ALA A 47 ? 0.7934 0.7297 0.7596 -0.0991 0.2271  0.1042  45  ALA A CB  
338 N N   . GLU A 48 ? 0.8978 0.8602 0.8468 -0.0755 0.1542  0.0918  46  GLU A N   
339 C CA  . GLU A 48 ? 0.8086 0.7843 0.7262 -0.0648 0.1314  0.0979  46  GLU A CA  
340 C C   . GLU A 48 ? 0.8128 0.8087 0.7386 -0.0680 0.1124  0.0753  46  GLU A C   
341 O O   . GLU A 48 ? 0.7066 0.7180 0.6070 -0.0659 0.0959  0.0759  46  GLU A O   
342 C CB  . GLU A 48 ? 0.8093 0.7750 0.7319 -0.0525 0.1228  0.1148  46  GLU A CB  
343 C CG  . GLU A 48 ? 1.0574 0.9913 0.9666 -0.0451 0.1452  0.1413  46  GLU A CG  
344 C CD  . GLU A 48 ? 1.4133 1.3330 1.3238 -0.0270 0.1400  0.1594  46  GLU A CD  
345 O OE1 . GLU A 48 ? 1.4565 1.4028 1.3706 -0.0182 0.1166  0.1563  46  GLU A OE1 
346 O OE2 . GLU A 48 ? 1.5237 1.4024 1.4315 -0.0214 0.1629  0.1771  46  GLU A OE2 
347 N N   . LEU A 49 ? 0.6917 0.6896 0.6524 -0.0729 0.1149  0.0568  47  LEU A N   
348 C CA  . LEU A 49 ? 0.6740 0.6823 0.6419 -0.0720 0.1009  0.0391  47  LEU A CA  
349 C C   . LEU A 49 ? 0.8739 0.8821 0.8296 -0.0748 0.1134  0.0255  47  LEU A C   
350 O O   . LEU A 49 ? 0.9709 0.9796 0.9362 -0.0715 0.1094  0.0116  47  LEU A O   
351 C CB  . LEU A 49 ? 0.6591 0.6701 0.6681 -0.0694 0.0935  0.0303  47  LEU A CB  
352 C CG  . LEU A 49 ? 0.7237 0.7290 0.7351 -0.0644 0.0796  0.0382  47  LEU A CG  
353 C CD1 . LEU A 49 ? 0.6550 0.6585 0.6984 -0.0645 0.0747  0.0282  47  LEU A CD1 
354 C CD2 . LEU A 49 ? 0.7717 0.7856 0.7643 -0.0605 0.0645  0.0372  47  LEU A CD2 
355 N N   . LYS A 50 ? 0.8827 0.8856 0.8135 -0.0784 0.1319  0.0305  48  LYS A N   
356 C CA  . LYS A 50 ? 0.8157 0.8125 0.7306 -0.0792 0.1500  0.0174  48  LYS A CA  
357 C C   . LYS A 50 ? 0.8316 0.8191 0.7069 -0.0838 0.1401  0.0039  48  LYS A C   
358 O O   . LYS A 50 ? 0.8817 0.8715 0.7150 -0.0916 0.1306  0.0076  48  LYS A O   
364 N N   . LYS A 51 ? 0.8702 0.8484 0.7583 -0.0794 0.1431  -0.0115 49  LYS A N   
365 C CA  . LYS A 51 ? 0.9490 0.9083 0.8014 -0.0876 0.1396  -0.0275 49  LYS A CA  
366 C C   . LYS A 51 ? 0.9161 0.8903 0.7592 -0.0981 0.1124  -0.0234 49  LYS A C   
367 O O   . LYS A 51 ? 1.0573 1.0333 0.8596 -0.1137 0.1053  -0.0304 49  LYS A O   
373 N N   . ALA A 52 ? 0.7473 0.7363 0.6286 -0.0899 0.0971  -0.0128 50  ALA A N   
374 C CA  . ALA A 52 ? 0.7755 0.7836 0.6559 -0.0951 0.0747  -0.0056 50  ALA A CA  
375 C C   . ALA A 52 ? 0.7492 0.7475 0.6291 -0.1024 0.0700  -0.0197 50  ALA A C   
376 O O   . ALA A 52 ? 0.7386 0.7189 0.6385 -0.0925 0.0772  -0.0249 50  ALA A O   
377 C CB  . ALA A 52 ? 0.7438 0.7641 0.6597 -0.0825 0.0659  0.0114  50  ALA A CB  
378 N N   . SER A 53 ? 0.7827 0.7949 0.6390 -0.1202 0.0588  -0.0254 51  SER A N   
379 C CA  . SER A 53 ? 0.7768 0.7812 0.6349 -0.1327 0.0561  -0.0379 51  SER A CA  
380 C C   . SER A 53 ? 0.7854 0.8142 0.6788 -0.1235 0.0409  -0.0234 51  SER A C   
381 O O   . SER A 53 ? 0.8275 0.8761 0.7396 -0.1084 0.0326  -0.0053 51  SER A O   
382 C CB  . SER A 53 ? 0.8400 0.8559 0.6619 -0.1619 0.0502  -0.0536 51  SER A CB  
383 O OG  . SER A 53 ? 0.8652 0.9356 0.6939 -0.1658 0.0263  -0.0391 51  SER A OG  
384 N N   . LYS A 54 ? 0.7499 0.7715 0.6499 -0.1328 0.0416  -0.0314 52  LYS A N   
385 C CA  . LYS A 54 ? 0.6944 0.7360 0.6254 -0.1227 0.0319  -0.0181 52  LYS A CA  
386 C C   . LYS A 54 ? 0.7450 0.8392 0.6855 -0.1250 0.0136  -0.0037 52  LYS A C   
387 O O   . LYS A 54 ? 0.7127 0.8214 0.6752 -0.1051 0.0081  0.0144  52  LYS A O   
388 C CB  . LYS A 54 ? 0.7405 0.7628 0.6738 -0.1343 0.0407  -0.0283 52  LYS A CB  
389 C CG  . LYS A 54 ? 0.8168 0.7902 0.7477 -0.1175 0.0579  -0.0315 52  LYS A CG  
390 C CD  . LYS A 54 ? 0.8261 0.7645 0.7442 -0.1325 0.0746  -0.0432 52  LYS A CD  
391 C CE  . LYS A 54 ? 0.7482 0.6422 0.6638 -0.1076 0.0909  -0.0387 52  LYS A CE  
392 N NZ  . LYS A 54 ? 0.8338 0.6823 0.7319 -0.1203 0.1131  -0.0467 52  LYS A NZ  
393 N N   . GLU A 55 ? 0.6586 0.7818 0.5800 -0.1476 0.0048  -0.0113 53  GLU A N   
394 C CA  . GLU A 55 ? 0.7556 0.9392 0.6849 -0.1458 -0.0147 0.0058  53  GLU A CA  
395 C C   . GLU A 55 ? 0.7449 0.9289 0.6698 -0.1203 -0.0159 0.0274  53  GLU A C   
396 O O   . GLU A 55 ? 0.6748 0.8860 0.6205 -0.1001 -0.0230 0.0507  53  GLU A O   
397 C CB  . GLU A 55 ? 0.8759 1.0937 0.7781 -0.1772 -0.0264 -0.0095 53  GLU A CB  
398 C CG  . GLU A 55 ? 1.2424 1.4244 1.1283 -0.2087 -0.0135 -0.0405 53  GLU A CG  
399 C CD  . GLU A 55 ? 1.5348 1.7415 1.3840 -0.2447 -0.0232 -0.0623 53  GLU A CD  
400 O OE1 . GLU A 55 ? 1.6011 1.8720 1.4455 -0.2457 -0.0465 -0.0504 53  GLU A OE1 
401 O OE2 . GLU A 55 ? 1.6373 1.7974 1.4587 -0.2712 -0.0067 -0.0910 53  GLU A OE2 
402 N N   . ASP A 56 ? 0.7508 0.9013 0.6487 -0.1203 -0.0048 0.0208  54  ASP A N   
403 C CA  . ASP A 56 ? 0.7337 0.8791 0.6261 -0.1002 -0.0007 0.0410  54  ASP A CA  
404 C C   . ASP A 56 ? 0.6190 0.7449 0.5450 -0.0781 0.0058  0.0541  54  ASP A C   
405 O O   . ASP A 56 ? 0.6493 0.7805 0.5803 -0.0604 0.0062  0.0764  54  ASP A O   
406 C CB  . ASP A 56 ? 1.0319 1.1433 0.8953 -0.1057 0.0154  0.0296  54  ASP A CB  
407 C CG  . ASP A 56 ? 1.4437 1.5641 1.2636 -0.1291 0.0125  0.0120  54  ASP A CG  
408 O OD1 . ASP A 56 ? 1.5524 1.7132 1.3657 -0.1438 -0.0059 0.0091  54  ASP A OD1 
409 O OD2 . ASP A 56 ? 1.6039 1.6926 1.3966 -0.1339 0.0297  -0.0004 54  ASP A OD2 
410 N N   . VAL A 57 ? 0.5968 0.6964 0.5415 -0.0785 0.0126  0.0405  55  VAL A N   
411 C CA  . VAL A 57 ? 0.5665 0.6476 0.5364 -0.0613 0.0174  0.0478  55  VAL A CA  
412 C C   . VAL A 57 ? 0.6782 0.7826 0.6650 -0.0492 0.0097  0.0638  55  VAL A C   
413 O O   . VAL A 57 ? 0.6455 0.7394 0.6414 -0.0322 0.0145  0.0784  55  VAL A O   
414 C CB  . VAL A 57 ? 0.6319 0.6867 0.6120 -0.0624 0.0236  0.0309  55  VAL A CB  
415 C CG1 . VAL A 57 ? 0.6271 0.6700 0.6276 -0.0479 0.0240  0.0352  55  VAL A CG1 
416 C CG2 . VAL A 57 ? 0.5911 0.6260 0.5634 -0.0659 0.0349  0.0201  55  VAL A CG2 
417 N N   . ALA A 58 ? 0.7069 0.8416 0.6988 -0.0585 0.0009  0.0607  56  ALA A N   
418 C CA  . ALA A 58 ? 0.7279 0.8958 0.7414 -0.0455 -0.0048 0.0778  56  ALA A CA  
419 C C   . ALA A 58 ? 0.7374 0.9281 0.7470 -0.0277 -0.0085 0.1033  56  ALA A C   
420 O O   . ALA A 58 ? 0.6986 0.8872 0.7231 -0.0041 -0.0027 0.1217  56  ALA A O   
421 C CB  . ALA A 58 ? 0.6394 0.8490 0.6625 -0.0645 -0.0139 0.0702  56  ALA A CB  
422 N N   . LYS A 59 ? 0.6655 0.8720 0.6496 -0.0364 -0.0150 0.1056  57  LYS A N   
423 C CA  . LYS A 59 ? 0.7471 0.9728 0.7202 -0.0158 -0.0171 0.1342  57  LYS A CA  
424 C C   . LYS A 59 ? 0.7552 0.9248 0.7246 0.0020  0.0028  0.1449  57  LYS A C   
425 O O   . LYS A 59 ? 0.6059 0.7720 0.5796 0.0279  0.0099  0.1710  57  LYS A O   
426 C CB  . LYS A 59 ? 0.8827 1.1359 0.8202 -0.0302 -0.0282 0.1329  57  LYS A CB  
427 C CG  . LYS A 59 ? 0.9453 1.2604 0.8833 -0.0526 -0.0497 0.1212  57  LYS A CG  
428 C CD  . LYS A 59 ? 1.0547 1.3934 0.9472 -0.0677 -0.0606 0.1175  57  LYS A CD  
429 C CE  . LYS A 59 ? 1.1503 1.5293 1.0365 -0.1043 -0.0771 0.0899  57  LYS A CE  
430 N NZ  . LYS A 59 ? 1.2572 1.6980 1.1882 -0.1049 -0.0917 0.0967  57  LYS A NZ  
431 N N   . LEU A 60 ? 0.7663 0.8919 0.7292 -0.0116 0.0138  0.1252  58  LEU A N   
432 C CA  . LEU A 60 ? 0.6955 0.7724 0.6592 -0.0025 0.0329  0.1310  58  LEU A CA  
433 C C   . LEU A 60 ? 0.7133 0.7664 0.6995 0.0115  0.0402  0.1331  58  LEU A C   
434 O O   . LEU A 60 ? 0.6985 0.7175 0.6829 0.0257  0.0563  0.1477  58  LEU A O   
435 C CB  . LEU A 60 ? 0.6282 0.6783 0.5899 -0.0214 0.0411  0.1080  58  LEU A CB  
436 C CG  . LEU A 60 ? 0.6969 0.7568 0.6293 -0.0316 0.0428  0.1083  58  LEU A CG  
437 C CD1 . LEU A 60 ? 0.6753 0.7165 0.6121 -0.0472 0.0518  0.0846  58  LEU A CD1 
438 C CD2 . LEU A 60 ? 0.7923 0.8375 0.7056 -0.0193 0.0566  0.1342  58  LEU A CD2 
439 N N   . LEU A 61 ? 0.5570 0.6212 0.5600 0.0072  0.0323  0.1182  59  LEU A N   
440 C CA  . LEU A 61 ? 0.6511 0.6918 0.6682 0.0211  0.0405  0.1187  59  LEU A CA  
441 C C   . LEU A 61 ? 0.8254 0.8787 0.8466 0.0482  0.0461  0.1476  59  LEU A C   
442 O O   . LEU A 61 ? 1.0686 1.0812 1.0895 0.0646  0.0635  0.1552  59  LEU A O   
443 C CB  . LEU A 61 ? 0.6082 0.6604 0.6369 0.0134  0.0328  0.1008  59  LEU A CB  
444 C CG  . LEU A 61 ? 0.6745 0.7028 0.6997 -0.0030 0.0321  0.0761  59  LEU A CG  
445 C CD1 . LEU A 61 ? 0.6110 0.6504 0.6405 -0.0085 0.0261  0.0637  59  LEU A CD1 
446 C CD2 . LEU A 61 ? 0.7721 0.7597 0.7980 -0.0002 0.0421  0.0680  59  LEU A CD2 
447 N N   . ASP A 62 ? 0.7103 0.8206 0.7345 0.0536  0.0326  0.1640  60  ASP A N   
448 C CA  . ASP A 62 ? 0.7311 0.8670 0.7643 0.0848  0.0363  0.1960  60  ASP A CA  
449 C C   . ASP A 62 ? 0.7867 0.8956 0.7982 0.1042  0.0496  0.2222  60  ASP A C   
450 O O   . ASP A 62 ? 0.9565 1.0542 0.9714 0.1368  0.0643  0.2493  60  ASP A O   
451 C CB  . ASP A 62 ? 0.8272 1.0471 0.8758 0.0826  0.0141  0.2049  60  ASP A CB  
452 C CG  . ASP A 62 ? 1.0816 1.3423 1.1556 0.1169  0.0176  0.2352  60  ASP A CG  
453 O OD1 . ASP A 62 ? 1.0987 1.3671 1.1990 0.1214  0.0234  0.2294  60  ASP A OD1 
454 O OD2 . ASP A 62 ? 1.1580 1.4439 1.2250 0.1427  0.0165  0.2671  60  ASP A OD2 
455 N N   . LYS A 63 ? 0.7815 0.8755 0.7689 0.0870  0.0487  0.2164  61  LYS A N   
456 C CA  . LYS A 63 ? 0.8180 0.8755 0.7804 0.1025  0.0667  0.2411  61  LYS A CA  
457 C C   . LYS A 63 ? 0.8691 0.8455 0.8319 0.1046  0.0959  0.2352  61  LYS A C   
458 O O   . LYS A 63 ? 0.9436 0.8809 0.8952 0.1302  0.1187  0.2619  61  LYS A O   
459 C CB  . LYS A 63 ? 0.7596 0.8232 0.6954 0.0808  0.0611  0.2338  61  LYS A CB  
460 C CG  . LYS A 63 ? 0.8032 0.8235 0.7095 0.0931  0.0843  0.2588  61  LYS A CG  
461 C CD  . LYS A 63 ? 1.0468 1.0672 0.9281 0.0686  0.0839  0.2462  61  LYS A CD  
462 C CE  . LYS A 63 ? 1.0819 1.1709 0.9452 0.0604  0.0554  0.2429  61  LYS A CE  
463 N NZ  . LYS A 63 ? 1.1732 1.2541 1.0064 0.0377  0.0597  0.2282  61  LYS A NZ  
464 N N   . HIS A 64 ? 0.8419 0.7923 0.8156 0.0776  0.0962  0.2004  62  HIS A N   
465 C CA  . HIS A 64 ? 0.8034 0.6846 0.7769 0.0681  0.1196  0.1865  62  HIS A CA  
466 C C   . HIS A 64 ? 0.8547 0.7047 0.8373 0.0805  0.1298  0.1798  62  HIS A C   
467 O O   . HIS A 64 ? 0.9485 0.7343 0.9221 0.0851  0.1560  0.1813  62  HIS A O   
468 C CB  . HIS A 64 ? 0.7195 0.6000 0.7013 0.0339  0.1123  0.1532  62  HIS A CB  
469 C CG  . HIS A 64 ? 0.8251 0.7086 0.7942 0.0214  0.1173  0.1587  62  HIS A CG  
470 N ND1 . HIS A 64 ? 0.9078 0.7429 0.8698 0.0140  0.1434  0.1641  62  HIS A ND1 
471 C CD2 . HIS A 64 ? 0.8012 0.7268 0.7599 0.0148  0.1032  0.1598  62  HIS A CD2 
472 C CE1 . HIS A 64 ? 0.8477 0.6979 0.7969 0.0054  0.1456  0.1702  62  HIS A CE1 
473 N NE2 . HIS A 64 ? 0.8514 0.7551 0.7959 0.0062  0.1211  0.1668  62  HIS A NE2 
474 N N   . TYR A 65 ? 0.7538 0.6425 0.7511 0.0848  0.1131  0.1713  63  TYR A N   
475 C CA  . TYR A 65 ? 0.8488 0.7082 0.8505 0.0955  0.1240  0.1619  63  TYR A CA  
476 C C   . TYR A 65 ? 0.8589 0.7631 0.8743 0.1253  0.1203  0.1849  63  TYR A C   
477 O O   . TYR A 65 ? 0.7626 0.6933 0.7910 0.1229  0.1109  0.1723  63  TYR A O   
478 C CB  . TYR A 65 ? 0.7584 0.6167 0.7646 0.0692  0.1114  0.1253  63  TYR A CB  
479 C CG  . TYR A 65 ? 0.7418 0.5822 0.7456 0.0391  0.1088  0.1033  63  TYR A CG  
480 C CD1 . TYR A 65 ? 0.8560 0.6398 0.8512 0.0293  0.1298  0.0970  63  TYR A CD1 
481 C CD2 . TYR A 65 ? 0.7592 0.6391 0.7716 0.0202  0.0884  0.0884  63  TYR A CD2 
482 C CE1 . TYR A 65 ? 0.8952 0.6739 0.8970 -0.0002 0.1279  0.0769  63  TYR A CE1 
483 C CE2 . TYR A 65 ? 0.8021 0.6746 0.8189 -0.0034 0.0876  0.0706  63  TYR A CE2 
484 C CZ  . TYR A 65 ? 0.8493 0.6769 0.8640 -0.0143 0.1061  0.0650  63  TYR A CZ  
485 O OH  . TYR A 65 ? 0.9600 0.7914 0.9877 -0.0395 0.1057  0.0475  63  TYR A OH  
486 N N   . PRO A 66 ? 0.8367 0.7532 0.8509 0.1555  0.1293  0.2211  64  PRO A N   
487 C CA  . PRO A 66 ? 0.8191 0.8002 0.8557 0.1836  0.1217  0.2456  64  PRO A CA  
488 C C   . PRO A 66 ? 0.8615 0.8171 0.9075 0.2029  0.1409  0.2419  64  PRO A C   
489 O O   . PRO A 66 ? 0.9740 0.8505 1.0008 0.2061  0.1665  0.2307  64  PRO A O   
490 C CB  . PRO A 66 ? 0.8695 0.8591 0.8974 0.2167  0.1308  0.2878  64  PRO A CB  
491 C CG  . PRO A 66 ? 0.9890 0.8836 0.9878 0.2152  0.1601  0.2859  64  PRO A CG  
492 C CD  . PRO A 66 ? 0.9394 0.8088 0.9322 0.1687  0.1506  0.2439  64  PRO A CD  
493 N N   . GLY A 67 ? 0.9546 0.9785 1.0297 0.2135  0.1299  0.2498  65  GLY A N   
494 C CA  . GLY A 67 ? 0.8846 0.8915 0.9695 0.2339  0.1504  0.2483  65  GLY A CA  
495 C C   . GLY A 67 ? 0.7684 0.7530 0.8455 0.2042  0.1457  0.2101  65  GLY A C   
496 O O   . GLY A 67 ? 0.7514 0.7679 0.8319 0.1723  0.1212  0.1915  65  GLY A O   
497 N N   . LYS A 68 ? 0.8705 0.7968 0.9319 0.2159  0.1707  0.1983  66  LYS A N   
498 C CA  . LYS A 68 ? 0.7693 0.6762 0.8166 0.1922  0.1664  0.1649  66  LYS A CA  
499 C C   . LYS A 68 ? 0.7589 0.6292 0.7818 0.1565  0.1515  0.1352  66  LYS A C   
500 O O   . LYS A 68 ? 0.7821 0.6553 0.7966 0.1357  0.1390  0.1112  66  LYS A O   
501 C CB  . LYS A 68 ? 0.8821 0.7314 0.9091 0.2135  0.1979  0.1580  66  LYS A CB  
502 C CG  . LYS A 68 ? 0.9816 0.7405 0.9655 0.1990  0.2108  0.1302  66  LYS A CG  
503 C CD  . LYS A 68 ? 1.0977 0.7867 1.0548 0.2247  0.2489  0.1273  66  LYS A CD  
504 C CE  . LYS A 68 ? 1.2668 0.8666 1.1813 0.2020  0.2601  0.0964  66  LYS A CE  
505 N NZ  . LYS A 68 ? 1.3922 0.9083 1.2710 0.2227  0.3010  0.0882  66  LYS A NZ  
506 N N   . GLN A 69 ? 0.8501 0.6892 0.8629 0.1511  0.1542  0.1387  67  GLN A N   
507 C CA  . GLN A 69 ? 0.8667 0.6729 0.8623 0.1182  0.1448  0.1108  67  GLN A CA  
508 C C   . GLN A 69 ? 0.7439 0.6035 0.7521 0.0937  0.1153  0.0997  67  GLN A C   
509 O O   . GLN A 69 ? 0.7339 0.5839 0.7323 0.0731  0.1050  0.0733  67  GLN A O   
510 C CB  . GLN A 69 ? 0.8403 0.6103 0.8286 0.1170  0.1570  0.1220  67  GLN A CB  
511 C CG  . GLN A 69 ? 0.9792 0.6700 0.9458 0.1323  0.1915  0.1242  67  GLN A CG  
512 C CD  . GLN A 69 ? 1.1090 0.7585 1.0666 0.1264  0.2064  0.1350  67  GLN A CD  
513 O OE1 . GLN A 69 ? 1.0177 0.7072 0.9862 0.1234  0.1930  0.1526  67  GLN A OE1 
514 N NE2 . GLN A 69 ? 1.2457 0.8107 1.1798 0.1226  0.2367  0.1234  67  GLN A NE2 
515 N N   . ALA A 70 ? 0.6827 0.5976 0.7095 0.0963  0.1022  0.1195  68  ALA A N   
516 C CA  . ALA A 70 ? 0.6969 0.6535 0.7311 0.0731  0.0792  0.1081  68  ALA A CA  
517 C C   . ALA A 70 ? 0.7691 0.7342 0.8035 0.0664  0.0737  0.0914  68  ALA A C   
518 O O   . ALA A 70 ? 0.6421 0.6058 0.6699 0.0477  0.0624  0.0725  68  ALA A O   
519 C CB  . ALA A 70 ? 0.6328 0.6487 0.6827 0.0766  0.0674  0.1299  68  ALA A CB  
520 N N   . TRP A 71 ? 0.6126 0.5853 0.6534 0.0847  0.0848  0.1003  69  TRP A N   
521 C CA  . TRP A 71 ? 0.6443 0.6202 0.6807 0.0802  0.0844  0.0875  69  TRP A CA  
522 C C   . TRP A 71 ? 0.6863 0.6099 0.6922 0.0758  0.0881  0.0641  69  TRP A C   
523 O O   . TRP A 71 ? 0.7582 0.6819 0.7521 0.0646  0.0789  0.0494  69  TRP A O   
524 C CB  . TRP A 71 ? 0.7889 0.7883 0.8421 0.1014  0.0995  0.1042  69  TRP A CB  
525 C CG  . TRP A 71 ? 0.8223 0.8840 0.9038 0.0919  0.0910  0.1129  69  TRP A CG  
526 C CD1 . TRP A 71 ? 0.9302 1.0007 1.0123 0.0820  0.0940  0.1049  69  TRP A CD1 
527 C CD2 . TRP A 71 ? 0.9162 1.0401 1.0280 0.0889  0.0794  0.1304  69  TRP A CD2 
528 N NE1 . TRP A 71 ? 1.0645 1.1954 1.1783 0.0687  0.0869  0.1138  69  TRP A NE1 
529 C CE2 . TRP A 71 ? 1.1082 1.2775 1.2409 0.0720  0.0754  0.1282  69  TRP A CE2 
530 C CE3 . TRP A 71 ? 0.8937 1.0394 1.0136 0.0983  0.0725  0.1481  69  TRP A CE3 
531 C CZ2 . TRP A 71 ? 1.1302 1.3708 1.2936 0.0597  0.0618  0.1386  69  TRP A CZ2 
532 C CZ3 . TRP A 71 ? 1.0473 1.2670 1.1942 0.0914  0.0571  0.1618  69  TRP A CZ3 
533 C CH2 . TRP A 71 ? 1.1323 1.4009 1.3015 0.0700  0.0505  0.1548  69  TRP A CH2 
534 N N   . GLU A 72 ? 0.7255 0.6036 0.7160 0.0842  0.1021  0.0603  70  GLU A N   
535 C CA  . GLU A 72 ? 0.7983 0.6310 0.7581 0.0741  0.1029  0.0335  70  GLU A CA  
536 C C   . GLU A 72 ? 0.7799 0.6247 0.7412 0.0497  0.0813  0.0175  70  GLU A C   
537 O O   . GLU A 72 ? 0.8150 0.6610 0.7607 0.0420  0.0699  0.0002  70  GLU A O   
538 C CB  . GLU A 72 ? 0.8853 0.6616 0.8291 0.0808  0.1241  0.0298  70  GLU A CB  
539 C CG  . GLU A 72 ? 1.0347 0.7816 0.9645 0.1076  0.1509  0.0372  70  GLU A CG  
540 C CD  . GLU A 72 ? 1.2115 0.8896 1.1211 0.1145  0.1773  0.0333  70  GLU A CD  
541 O OE1 . GLU A 72 ? 1.2912 0.9537 1.2075 0.1028  0.1770  0.0355  70  GLU A OE1 
542 O OE2 . GLU A 72 ? 1.3573 0.9912 1.2414 0.1314  0.2020  0.0277  70  GLU A OE2 
543 N N   . VAL A 73 ? 0.8010 0.6583 0.7806 0.0404  0.0765  0.0253  71  VAL A N   
544 C CA  . VAL A 73 ? 0.6869 0.5584 0.6728 0.0196  0.0604  0.0118  71  VAL A CA  
545 C C   . VAL A 73 ? 0.6979 0.6052 0.6885 0.0179  0.0458  0.0117  71  VAL A C   
546 O O   . VAL A 73 ? 0.7513 0.6627 0.7341 0.0117  0.0348  -0.0033 71  VAL A O   
547 C CB  . VAL A 73 ? 0.7409 0.6161 0.7420 0.0125  0.0636  0.0234  71  VAL A CB  
548 C CG1 . VAL A 73 ? 0.7061 0.6029 0.7181 -0.0064 0.0504  0.0118  71  VAL A CG1 
549 C CG2 . VAL A 73 ? 0.6776 0.5049 0.6702 0.0131  0.0831  0.0234  71  VAL A CG2 
550 N N   . THR A 74 ? 0.6680 0.6021 0.6708 0.0232  0.0463  0.0287  72  THR A N   
551 C CA  . THR A 74 ? 0.6616 0.6197 0.6667 0.0181  0.0380  0.0280  72  THR A CA  
552 C C   . THR A 74 ? 0.6551 0.6008 0.6415 0.0247  0.0383  0.0192  72  THR A C   
553 O O   . THR A 74 ? 0.6471 0.5953 0.6263 0.0215  0.0304  0.0115  72  THR A O   
554 C CB  . THR A 74 ? 0.6174 0.6057 0.6373 0.0189  0.0405  0.0442  72  THR A CB  
555 O OG1 . THR A 74 ? 0.6451 0.6482 0.6752 0.0154  0.0382  0.0543  72  THR A OG1 
556 C CG2 . THR A 74 ? 0.5663 0.5687 0.5857 0.0079  0.0364  0.0400  72  THR A CG2 
557 N N   . LEU A 75 ? 0.6656 0.5974 0.6418 0.0376  0.0498  0.0226  73  LEU A N   
558 C CA  . LEU A 75 ? 0.6516 0.5696 0.6023 0.0457  0.0527  0.0164  73  LEU A CA  
559 C C   . LEU A 75 ? 0.7608 0.6639 0.6889 0.0427  0.0404  -0.0023 73  LEU A C   
560 O O   . LEU A 75 ? 0.7018 0.6075 0.6121 0.0470  0.0336  -0.0055 73  LEU A O   
561 C CB  . LEU A 75 ? 0.7199 0.6231 0.6612 0.0611  0.0713  0.0225  73  LEU A CB  
562 C CG  . LEU A 75 ? 0.6876 0.6133 0.6420 0.0653  0.0826  0.0379  73  LEU A CG  
563 C CD1 . LEU A 75 ? 0.7070 0.6715 0.6981 0.0538  0.0772  0.0498  73  LEU A CD1 
564 C CD2 . LEU A 75 ? 0.7095 0.6258 0.6587 0.0837  0.1051  0.0458  73  LEU A CD2 
565 N N   . ASN A 76 ? 0.7651 0.6547 0.6941 0.0350  0.0377  -0.0140 74  ASN A N   
566 C CA  . ASN A 76 ? 0.8221 0.7096 0.7365 0.0262  0.0231  -0.0348 74  ASN A CA  
567 C C   . ASN A 76 ? 0.7389 0.6596 0.6713 0.0205  0.0071  -0.0344 74  ASN A C   
568 O O   . ASN A 76 ? 0.7333 0.6679 0.6523 0.0238  -0.0068 -0.0432 74  ASN A O   
569 C CB  . ASN A 76 ? 0.8495 0.7144 0.7672 0.0121  0.0274  -0.0486 74  ASN A CB  
570 C CG  . ASN A 76 ? 1.1583 1.0272 1.0630 -0.0031 0.0115  -0.0746 74  ASN A CG  
571 O OD1 . ASN A 76 ? 1.0980 0.9839 1.0266 -0.0213 0.0030  -0.0836 74  ASN A OD1 
572 N ND2 . ASN A 76 ? 1.3242 1.1825 1.1907 0.0038  0.0071  -0.0870 74  ASN A ND2 
573 N N   . LEU A 77 ? 0.6541 0.5889 0.6142 0.0148  0.0098  -0.0233 75  LEU A N   
574 C CA  . LEU A 77 ? 0.6330 0.5934 0.6085 0.0118  0.0005  -0.0226 75  LEU A CA  
575 C C   . LEU A 77 ? 0.7899 0.7524 0.7511 0.0259  0.0014  -0.0136 75  LEU A C   
576 O O   . LEU A 77 ? 0.6467 0.6236 0.6069 0.0331  -0.0069 -0.0151 75  LEU A O   
577 C CB  . LEU A 77 ? 0.6185 0.5865 0.6180 0.0016  0.0064  -0.0147 75  LEU A CB  
578 C CG  . LEU A 77 ? 0.6502 0.6121 0.6631 -0.0120 0.0090  -0.0211 75  LEU A CG  
579 C CD1 . LEU A 77 ? 0.7682 0.7395 0.7982 -0.0197 0.0151  -0.0113 75  LEU A CD1 
580 C CD2 . LEU A 77 ? 0.7577 0.7321 0.7770 -0.0212 -0.0021 -0.0394 75  LEU A CD2 
581 N N   . PHE A 78 ? 0.6474 0.5961 0.5995 0.0307  0.0140  -0.0028 76  PHE A N   
582 C CA  . PHE A 78 ? 0.5919 0.5325 0.5261 0.0418  0.0205  0.0057  76  PHE A CA  
583 C C   . PHE A 78 ? 0.6169 0.5541 0.5226 0.0573  0.0118  0.0012  76  PHE A C   
584 O O   . PHE A 78 ? 0.7497 0.6877 0.6444 0.0698  0.0109  0.0077  76  PHE A O   
585 C CB  . PHE A 78 ? 0.5852 0.5153 0.5156 0.0422  0.0367  0.0157  76  PHE A CB  
586 C CG  . PHE A 78 ? 0.6079 0.5519 0.5640 0.0274  0.0429  0.0222  76  PHE A CG  
587 C CD1 . PHE A 78 ? 0.6396 0.5935 0.6093 0.0165  0.0372  0.0191  76  PHE A CD1 
588 C CD2 . PHE A 78 ? 0.6504 0.6028 0.6167 0.0247  0.0546  0.0312  76  PHE A CD2 
589 C CE1 . PHE A 78 ? 0.7192 0.6879 0.7048 0.0011  0.0405  0.0226  76  PHE A CE1 
590 C CE2 . PHE A 78 ? 0.5738 0.5504 0.5640 0.0091  0.0558  0.0360  76  PHE A CE2 
591 C CZ  . PHE A 78 ? 0.6367 0.6199 0.6326 -0.0037 0.0477  0.0306  76  PHE A CZ  
592 N N   . LEU A 79 ? 0.6786 0.6107 0.5682 0.0580  0.0063  -0.0095 77  LEU A N   
593 C CA  . LEU A 79 ? 0.7051 0.6395 0.5608 0.0710  -0.0056 -0.0163 77  LEU A CA  
594 C C   . LEU A 79 ? 0.8083 0.7776 0.6791 0.0707  -0.0267 -0.0234 77  LEU A C   
595 O O   . LEU A 79 ? 0.8486 0.8322 0.6989 0.0886  -0.0370 -0.0187 77  LEU A O   
596 C CB  . LEU A 79 ? 0.7411 0.6583 0.5722 0.0670  -0.0057 -0.0317 77  LEU A CB  
597 C CG  . LEU A 79 ? 0.8640 0.7501 0.6766 0.0746  0.0177  -0.0234 77  LEU A CG  
598 C CD1 . LEU A 79 ? 0.8917 0.7537 0.6750 0.0725  0.0209  -0.0414 77  LEU A CD1 
599 C CD2 . LEU A 79 ? 0.8347 0.7113 0.6183 0.0930  0.0285  -0.0073 77  LEU A CD2 
600 N N   . GLN A 80 ? 0.7223 0.7090 0.6300 0.0524  -0.0319 -0.0322 78  GLN A N   
601 C CA  . GLN A 80 ? 0.6954 0.7240 0.6256 0.0508  -0.0499 -0.0393 78  GLN A CA  
602 C C   . GLN A 80 ? 0.7219 0.7636 0.6653 0.0675  -0.0457 -0.0225 78  GLN A C   
603 O O   . GLN A 80 ? 0.7125 0.7928 0.6681 0.0786  -0.0597 -0.0224 78  GLN A O   
604 C CB  . GLN A 80 ? 0.6418 0.6816 0.6073 0.0251  -0.0512 -0.0528 78  GLN A CB  
605 C CG  . GLN A 80 ? 0.8759 0.8975 0.8276 0.0075  -0.0532 -0.0723 78  GLN A CG  
606 C CD  . GLN A 80 ? 1.1089 1.1365 1.0948 -0.0185 -0.0506 -0.0838 78  GLN A CD  
607 O OE1 . GLN A 80 ? 1.2678 1.3363 1.2870 -0.0265 -0.0598 -0.0876 78  GLN A OE1 
608 N NE2 . GLN A 80 ? 1.1391 1.1253 1.1183 -0.0299 -0.0345 -0.0870 78  GLN A NE2 
609 N N   . ILE A 81 ? 0.6928 0.7049 0.6347 0.0698  -0.0260 -0.0093 79  ILE A N   
610 C CA  . ILE A 81 ? 0.7818 0.7927 0.7300 0.0837  -0.0164 0.0038  79  ILE A CA  
611 C C   . ILE A 81 ? 0.9356 0.9163 0.8475 0.1060  -0.0044 0.0196  79  ILE A C   
612 O O   . ILE A 81 ? 1.2322 1.1912 1.1413 0.1150  0.0127  0.0310  79  ILE A O   
613 C CB  . ILE A 81 ? 0.6842 0.6816 0.6533 0.0662  -0.0012 0.0042  79  ILE A CB  
614 C CG1 . ILE A 81 ? 0.6309 0.5975 0.5856 0.0554  0.0118  0.0078  79  ILE A CG1 
615 C CG2 . ILE A 81 ? 0.6052 0.6264 0.6044 0.0465  -0.0091 -0.0078 79  ILE A CG2 
616 C CD1 . ILE A 81 ? 0.6166 0.5796 0.5880 0.0362  0.0212  0.0066  79  ILE A CD1 
617 N N   . ASN A 82 ? 0.8104 0.7835 0.6900 0.1146  -0.0096 0.0201  80  ASN A N   
618 C CA  . ASN A 82 ? 0.8322 0.7754 0.6712 0.1377  0.0034  0.0373  80  ASN A CA  
619 C C   . ASN A 82 ? 0.8669 0.7666 0.7022 0.1273  0.0321  0.0461  80  ASN A C   
620 O O   . ASN A 82 ? 0.9199 0.7885 0.7379 0.1405  0.0515  0.0613  80  ASN A O   
621 C CB  . ASN A 82 ? 1.0500 1.0058 0.8803 0.1687  -0.0001 0.0523  80  ASN A CB  
622 C CG  . ASN A 82 ? 1.3706 1.2972 1.1496 0.1976  0.0105  0.0721  80  ASN A CG  
623 O OD1 . ASN A 82 ? 1.5017 1.4091 1.2501 0.1940  0.0147  0.0708  80  ASN A OD1 
624 N ND2 . ASN A 82 ? 1.4516 1.3711 1.2185 0.2290  0.0186  0.0927  80  ASN A ND2 
625 N N   . ARG A 83 ? 0.8078 0.7059 0.6596 0.1033  0.0359  0.0370  81  ARG A N   
626 C CA  . ARG A 83 ? 0.8152 0.6868 0.6672 0.0906  0.0594  0.0438  81  ARG A CA  
627 C C   . ARG A 83 ? 0.8413 0.7091 0.6805 0.0894  0.0644  0.0436  81  ARG A C   
628 O O   . ARG A 83 ? 0.8272 0.7018 0.6887 0.0724  0.0714  0.0415  81  ARG A O   
629 C CB  . ARG A 83 ? 0.7831 0.6649 0.6703 0.0654  0.0616  0.0367  81  ARG A CB  
630 C CG  . ARG A 83 ? 0.8124 0.6860 0.7058 0.0657  0.0663  0.0369  81  ARG A CG  
631 C CD  . ARG A 83 ? 0.8744 0.7064 0.7399 0.0796  0.0889  0.0497  81  ARG A CD  
632 N NE  . ARG A 83 ? 0.8533 0.6600 0.7138 0.0610  0.1109  0.0527  81  ARG A NE  
633 C CZ  . ARG A 83 ? 0.9118 0.7021 0.7819 0.0362  0.1265  0.0467  81  ARG A CZ  
634 N NH1 . ARG A 83 ? 0.8293 0.6184 0.7078 0.0300  0.1248  0.0380  81  ARG A NH1 
635 N NH2 . ARG A 83 ? 0.8569 0.6337 0.7276 0.0159  0.1452  0.0481  81  ARG A NH2 
636 N N   . LYS A 84 ? 0.7886 0.6478 0.5900 0.1096  0.0615  0.0469  82  LYS A N   
637 C CA  . LYS A 84 ? 0.7387 0.5887 0.5224 0.1107  0.0709  0.0458  82  LYS A CA  
638 C C   . LYS A 84 ? 0.9049 0.7361 0.6936 0.1036  0.1004  0.0590  82  LYS A C   
639 O O   . LYS A 84 ? 1.0936 0.9268 0.8869 0.1000  0.1121  0.0589  82  LYS A O   
640 C CB  . LYS A 84 ? 0.8517 0.6938 0.5840 0.1333  0.0630  0.0455  82  LYS A CB  
641 C CG  . LYS A 84 ? 0.9940 0.8113 0.6870 0.1559  0.0768  0.0656  82  LYS A CG  
642 C CD  . LYS A 84 ? 1.0718 0.8898 0.7083 0.1795  0.0636  0.0647  82  LYS A CD  
643 C CE  . LYS A 84 ? 1.1731 0.9629 0.7627 0.2077  0.0799  0.0903  82  LYS A CE  
644 N NZ  . LYS A 84 ? 1.2961 1.0933 0.8239 0.2328  0.0632  0.0904  82  LYS A NZ  
645 N N   . ASP A 85 ? 0.8000 0.6135 0.5914 0.0998  0.1149  0.0693  83  ASP A N   
646 C CA  . ASP A 85 ? 0.9123 0.7133 0.7175 0.0833  0.1430  0.0777  83  ASP A CA  
647 C C   . ASP A 85 ? 0.8983 0.7358 0.7525 0.0584  0.1386  0.0690  83  ASP A C   
648 O O   . ASP A 85 ? 0.7626 0.6121 0.6324 0.0509  0.1545  0.0738  83  ASP A O   
649 C CB  . ASP A 85 ? 0.9235 0.6920 0.7223 0.0783  0.1604  0.0855  83  ASP A CB  
650 C CG  . ASP A 85 ? 1.0265 0.8060 0.8491 0.0671  0.1453  0.0748  83  ASP A CG  
651 O OD1 . ASP A 85 ? 0.9205 0.7244 0.7487 0.0767  0.1194  0.0668  83  ASP A OD1 
652 O OD2 . ASP A 85 ? 0.9675 0.7293 0.8017 0.0462  0.1617  0.0728  83  ASP A OD2 
653 N N   . LEU A 86 ? 0.6834 0.5430 0.5621 0.0483  0.1178  0.0584  84  LEU A N   
654 C CA  . LEU A 86 ? 0.6751 0.5714 0.5944 0.0293  0.1114  0.0536  84  LEU A CA  
655 C C   . LEU A 86 ? 0.7635 0.6753 0.6869 0.0411  0.1063  0.0531  84  LEU A C   
656 O O   . LEU A 86 ? 0.9018 0.8410 0.8542 0.0344  0.1127  0.0580  84  LEU A O   
657 C CB  . LEU A 86 ? 0.6444 0.5539 0.5800 0.0178  0.0938  0.0442  84  LEU A CB  
658 C CG  . LEU A 86 ? 0.7692 0.6578 0.6992 0.0056  0.1025  0.0420  84  LEU A CG  
659 C CD1 . LEU A 86 ? 0.6680 0.5665 0.6071 0.0007  0.0865  0.0324  84  LEU A CD1 
660 C CD2 . LEU A 86 ? 0.7405 0.6378 0.6889 -0.0215 0.1178  0.0420  84  LEU A CD2 
661 N N   . TRP A 87 ? 0.6998 0.5961 0.5950 0.0584  0.0956  0.0468  85  TRP A N   
662 C CA  . TRP A 87 ? 0.7178 0.6130 0.6060 0.0694  0.0971  0.0435  85  TRP A CA  
663 C C   . TRP A 87 ? 0.7628 0.6540 0.6469 0.0767  0.1228  0.0546  85  TRP A C   
664 O O   . TRP A 87 ? 0.8134 0.7223 0.7218 0.0785  0.1325  0.0592  85  TRP A O   
665 C CB  . TRP A 87 ? 0.7087 0.5843 0.5577 0.0822  0.0836  0.0314  85  TRP A CB  
666 C CG  . TRP A 87 ? 0.7945 0.6578 0.6291 0.0895  0.0866  0.0218  85  TRP A CG  
667 C CD1 . TRP A 87 ? 0.7751 0.6389 0.6221 0.0829  0.0766  0.0101  85  TRP A CD1 
668 C CD2 . TRP A 87 ? 0.9720 0.8122 0.7721 0.1044  0.1051  0.0225  85  TRP A CD2 
669 N NE1 . TRP A 87 ? 0.8656 0.7035 0.6874 0.0923  0.0886  0.0021  85  TRP A NE1 
670 C CE2 . TRP A 87 ? 0.9558 0.7805 0.7479 0.1063  0.1058  0.0089  85  TRP A CE2 
671 C CE3 . TRP A 87 ? 1.0488 0.8751 0.8212 0.1163  0.1250  0.0337  85  TRP A CE3 
672 C CZ2 . TRP A 87 ? 1.1672 0.9620 0.9226 0.1206  0.1254  0.0041  85  TRP A CZ2 
673 C CZ3 . TRP A 87 ? 1.2515 1.0536 0.9889 0.1311  0.1439  0.0306  85  TRP A CZ3 
674 C CH2 . TRP A 87 ? 1.2152 1.0015 0.9433 0.1335  0.1437  0.0149  85  TRP A CH2 
675 N N   . THR A 88 ? 0.7807 0.6491 0.6343 0.0836  0.1367  0.0613  86  THR A N   
676 C CA  . THR A 88 ? 0.7798 0.6412 0.6251 0.0915  0.1654  0.0723  86  THR A CA  
677 C C   . THR A 88 ? 0.8083 0.7069 0.7084 0.0734  0.1799  0.0818  86  THR A C   
678 O O   . THR A 88 ? 0.8978 0.8140 0.8159 0.0797  0.1983  0.0892  86  THR A O   
679 C CB  . THR A 88 ? 0.9253 0.7512 0.7241 0.1019  0.1796  0.0808  86  THR A CB  
680 O OG1 . THR A 88 ? 1.2257 1.0485 1.0406 0.0858  0.1842  0.0871  86  THR A OG1 
681 C CG2 . THR A 88 ? 0.8320 0.6366 0.5796 0.1202  0.1589  0.0719  86  THR A CG2 
682 N N   . LYS A 89 ? 0.7413 0.6557 0.6687 0.0504  0.1719  0.0808  87  LYS A N   
683 C CA  . LYS A 89 ? 0.7794 0.7385 0.7588 0.0277  0.1806  0.0863  87  LYS A CA  
684 C C   . LYS A 89 ? 0.6415 0.6473 0.6590 0.0319  0.1684  0.0877  87  LYS A C   
685 O O   . LYS A 89 ? 0.7126 0.7617 0.7691 0.0299  0.1814  0.0979  87  LYS A O   
686 C CB  . LYS A 89 ? 0.8161 0.7751 0.8059 0.0001  0.1735  0.0796  87  LYS A CB  
687 C CG  . LYS A 89 ? 0.9161 0.8264 0.8741 -0.0045 0.1953  0.0830  87  LYS A CG  
688 C CD  . LYS A 89 ? 0.9365 0.8633 0.9261 -0.0364 0.2190  0.0856  87  LYS A CD  
689 C CE  . LYS A 89 ? 0.9722 0.9398 0.9937 -0.0341 0.2367  0.0964  87  LYS A CE  
690 N NZ  . LYS A 89 ? 1.0477 1.0349 1.1032 -0.0690 0.2621  0.0982  87  LYS A NZ  
691 N N   . ALA A 90 ? 0.6261 0.6245 0.6340 0.0395  0.1457  0.0796  88  ALA A N   
692 C CA  . ALA A 90 ? 0.6012 0.6326 0.6379 0.0469  0.1366  0.0839  88  ALA A CA  
693 C C   . ALA A 90 ? 0.7089 0.7332 0.7411 0.0731  0.1557  0.0915  88  ALA A C   
694 O O   . ALA A 90 ? 0.8371 0.9023 0.9070 0.0816  0.1637  0.1047  88  ALA A O   
695 C CB  . ALA A 90 ? 0.5802 0.5941 0.6023 0.0473  0.1134  0.0733  88  ALA A CB  
696 N N   . GLN A 91 ? 0.6585 0.6326 0.6427 0.0879  0.1641  0.0837  89  GLN A N   
697 C CA  . GLN A 91 ? 0.7475 0.7057 0.7182 0.1121  0.1874  0.0880  89  GLN A CA  
698 C C   . GLN A 91 ? 0.7922 0.7866 0.7963 0.1139  0.2143  0.1049  89  GLN A C   
699 O O   . GLN A 91 ? 0.7284 0.7463 0.7591 0.1318  0.2315  0.1164  89  GLN A O   
700 C CB  . GLN A 91 ? 0.8950 0.7956 0.8002 0.1231  0.1906  0.0740  89  GLN A CB  
701 C CG  . GLN A 91 ? 0.8256 0.6983 0.7033 0.1207  0.1657  0.0552  89  GLN A CG  
702 C CD  . GLN A 91 ? 0.9454 0.8014 0.8234 0.1330  0.1723  0.0503  89  GLN A CD  
703 O OE1 . GLN A 91 ? 1.0494 0.9006 0.9304 0.1515  0.1985  0.0588  89  GLN A OE1 
704 N NE2 . GLN A 91 ? 0.9649 0.8089 0.8403 0.1237  0.1523  0.0374  89  GLN A NE2 
705 N N   . GLU A 92 ? 0.6783 0.6794 0.6856 0.0950  0.2205  0.1075  90  GLU A N   
706 C CA  . GLU A 92 ? 0.7034 0.7402 0.7457 0.0902  0.2489  0.1221  90  GLU A CA  
707 C C   . GLU A 92 ? 0.6480 0.7635 0.7628 0.0828  0.2443  0.1336  90  GLU A C   
708 O O   . GLU A 92 ? 0.7135 0.8675 0.8634 0.0967  0.2674  0.1480  90  GLU A O   
709 C CB  . GLU A 92 ? 0.8133 0.8351 0.8452 0.0655  0.2569  0.1214  90  GLU A CB  
710 C CG  . GLU A 92 ? 1.1323 1.0880 1.0963 0.0805  0.2737  0.1204  90  GLU A CG  
711 C CD  . GLU A 92 ? 1.3129 1.2427 1.2616 0.0599  0.2825  0.1226  90  GLU A CD  
712 O OE1 . GLU A 92 ? 1.3308 1.2939 1.3254 0.0292  0.2825  0.1227  90  GLU A OE1 
713 O OE2 . GLU A 92 ? 1.3134 1.1880 1.2010 0.0746  0.2901  0.1241  90  GLU A OE2 
714 N N   . GLU A 93 ? 0.6139 0.7579 0.7510 0.0630  0.2147  0.1284  91  GLU A N   
715 C CA  . GLU A 93 ? 0.6357 0.8592 0.8345 0.0591  0.2039  0.1401  91  GLU A CA  
716 C C   . GLU A 93 ? 0.7312 0.9617 0.9380 0.0974  0.2104  0.1531  91  GLU A C   
717 O O   . GLU A 93 ? 0.6070 0.9021 0.8653 0.1105  0.2219  0.1717  91  GLU A O   
718 C CB  . GLU A 93 ? 0.5711 0.8115 0.7750 0.0346  0.1706  0.1304  91  GLU A CB  
719 C CG  . GLU A 93 ? 0.6638 0.9967 0.9279 0.0246  0.1559  0.1420  91  GLU A CG  
720 C CD  . GLU A 93 ? 0.9174 1.2608 1.1746 0.0059  0.1237  0.1328  91  GLU A CD  
721 O OE1 . GLU A 93 ? 1.0378 1.3966 1.2984 0.0268  0.1098  0.1431  91  GLU A OE1 
722 O OE2 . GLU A 93 ? 0.9878 1.3195 1.2331 -0.0285 0.1159  0.1162  91  GLU A OE2 
723 N N   . MET A 94 ? 0.6739 0.8396 0.8322 0.1157  0.2045  0.1438  92  MET A N   
724 C CA  . MET A 94 ? 0.6460 0.8020 0.8051 0.1510  0.2157  0.1543  92  MET A CA  
725 C C   . MET A 94 ? 0.6922 0.8414 0.8520 0.1775  0.2536  0.1641  92  MET A C   
726 O O   . MET A 94 ? 0.7347 0.9193 0.9304 0.2055  0.2698  0.1838  92  MET A O   
727 C CB  . MET A 94 ? 0.7294 0.8112 0.8343 0.1566  0.2044  0.1373  92  MET A CB  
728 C CG  . MET A 94 ? 1.0375 1.1361 1.1555 0.1470  0.1766  0.1386  92  MET A CG  
729 S SD  . MET A 94 ? 1.2951 1.3140 1.3601 0.1481  0.1661  0.1187  92  MET A SD  
730 C CE  . MET A 94 ? 1.0496 1.0495 1.0856 0.1156  0.1440  0.0954  92  MET A CE  
731 N N   . ARG A 95 ? 0.6824 0.7874 0.8021 0.1727  0.2704  0.1531  93  ARG A N   
732 C CA  . ARG A 95 ? 0.7762 0.8756 0.8939 0.1970  0.3103  0.1627  93  ARG A CA  
733 C C   . ARG A 95 ? 0.7123 0.9031 0.9073 0.1939  0.3252  0.1852  93  ARG A C   
734 O O   . ARG A 95 ? 0.7300 0.9462 0.9527 0.2238  0.3556  0.2020  93  ARG A O   
735 C CB  . ARG A 95 ? 0.9126 0.9503 0.9671 0.1912  0.3241  0.1488  93  ARG A CB  
736 C CG  . ARG A 95 ? 1.0635 1.0179 1.0406 0.2026  0.3175  0.1272  93  ARG A CG  
737 C CD  . ARG A 95 ? 1.1260 1.0292 1.0394 0.2095  0.3404  0.1196  93  ARG A CD  
738 N NE  . ARG A 95 ? 1.2721 1.1951 1.1944 0.1882  0.3429  0.1273  93  ARG A NE  
739 C CZ  . ARG A 95 ? 1.2367 1.1411 1.1329 0.1677  0.3180  0.1181  93  ARG A CZ  
740 N NH1 . ARG A 95 ? 1.0781 0.9541 0.9432 0.1646  0.2860  0.1008  93  ARG A NH1 
741 N NH2 . ARG A 95 ? 1.1824 1.0955 1.0853 0.1504  0.3280  0.1271  93  ARG A NH2 
742 N N   . ASN A 96 ? 0.6675 0.9110 0.8998 0.1571  0.3063  0.1848  94  ASN A N   
743 C CA  . ASN A 96 ? 0.7376 1.0772 1.0482 0.1476  0.3192  0.2030  94  ASN A CA  
744 C C   . ASN A 96 ? 0.6585 1.0743 1.0280 0.1713  0.3094  0.2233  94  ASN A C   
745 O O   . ASN A 96 ? 0.7712 1.2637 1.2032 0.1857  0.3303  0.2440  94  ASN A O   
746 C CB  . ASN A 96 ? 0.8171 1.1904 1.1504 0.0972  0.3019  0.1934  94  ASN A CB  
747 C CG  . ASN A 96 ? 0.8670 1.3480 1.2856 0.0776  0.3121  0.2076  94  ASN A CG  
748 O OD1 . ASN A 96 ? 0.8018 1.2953 1.2395 0.0744  0.3476  0.2147  94  ASN A OD1 
749 N ND2 . ASN A 96 ? 0.9027 1.4662 1.3729 0.0625  0.2808  0.2113  94  ASN A ND2 
750 N N   . LYS A 97 ? 0.6721 1.0698 1.0230 0.1785  0.2798  0.2200  95  LYS A N   
751 C CA  . LYS A 97 ? 0.6116 1.0727 1.0087 0.2072  0.2718  0.2436  95  LYS A CA  
752 C C   . LYS A 97 ? 0.7728 1.2046 1.1637 0.2604  0.3081  0.2602  95  LYS A C   
753 O O   . LYS A 97 ? 0.8697 1.3683 1.3124 0.2925  0.3136  0.2878  95  LYS A O   
754 C CB  . LYS A 97 ? 0.5925 1.0306 0.9632 0.2011  0.2358  0.2370  95  LYS A CB  
755 C CG  . LYS A 97 ? 0.6494 1.1257 1.0307 0.1528  0.2011  0.2230  95  LYS A CG  
756 C CD  . LYS A 97 ? 0.5787 1.0634 0.9517 0.1538  0.1691  0.2261  95  LYS A CD  
757 C CE  . LYS A 97 ? 0.5459 1.0541 0.9172 0.1057  0.1382  0.2077  95  LYS A CE  
758 N NZ  . LYS A 97 ? 0.6936 1.1325 1.0111 0.1030  0.1197  0.1946  95  LYS A NZ  
759 N N   . LEU A 98 ? 0.8318 1.1657 1.1582 0.2722  0.3338  0.2445  96  LEU A N   
760 C CA  . LEU A 98 ? 0.9132 1.2042 1.2227 0.3212  0.3725  0.2554  96  LEU A CA  
761 C C   . LEU A 98 ? 0.9792 1.3241 1.3352 0.3416  0.4130  0.2742  96  LEU A C   
762 O O   . LEU A 98 ? 1.0505 1.3715 1.4012 0.3828  0.4429  0.2871  96  LEU A O   
763 C CB  . LEU A 98 ? 0.9506 1.1163 1.1668 0.3231  0.3830  0.2271  96  LEU A CB  
764 C CG  . LEU A 98 ? 0.9780 1.0885 1.1520 0.3087  0.3496  0.2096  96  LEU A CG  
765 C CD1 . LEU A 98 ? 1.0341 1.0395 1.1222 0.3003  0.3544  0.1777  96  LEU A CD1 
766 C CD2 . LEU A 98 ? 1.0053 1.1149 1.1960 0.3422  0.3534  0.2286  96  LEU A CD2 
767 N N   . ASN A 99 ? 0.8875 1.2933 1.2815 0.3083  0.4120  0.2739  97  ASN A N   
768 C CA  . ASN A 99 ? 1.0229 1.4859 1.4654 0.3173  0.4430  0.2901  97  ASN A CA  
769 C C   . ASN A 99 ? 1.0384 1.6173 1.5659 0.3228  0.4223  0.3147  97  ASN A C   
770 O O   . ASN A 99 ? 1.1333 1.8031 1.7233 0.2927  0.4148  0.3188  97  ASN A O   
771 C CB  . ASN A 99 ? 1.0892 1.5638 1.5355 0.2754  0.4531  0.2790  97  ASN A CB  
772 C CG  . ASN A 99 ? 1.1962 1.5599 1.5496 0.2584  0.4506  0.2522  97  ASN A CG  
773 O OD1 . ASN A 99 ? 1.2729 1.5461 1.5552 0.2838  0.4568  0.2406  97  ASN A OD1 
774 N ND2 . ASN A 99 ? 1.0872 1.4535 1.4366 0.2132  0.4374  0.2404  97  ASN A ND2 
775 O O   . HOH B .  ? 1.2970 1.0125 1.3575 -0.1830 0.1330  -0.0977 101 HOH A O   
776 O O   . HOH B .  ? 1.1057 0.8199 0.9703 -0.0359 0.1938  0.0380  102 HOH A O   
777 O O   . HOH B .  ? 0.5721 0.7491 0.8194 -0.0881 0.0471  -0.0446 103 HOH A O   
778 O O   . HOH B .  ? 0.7672 0.7138 0.9195 -0.1447 0.1421  0.0059  104 HOH A O   
779 O O   . HOH B .  ? 0.9456 0.6850 0.9334 -0.0196 0.1747  0.1216  105 HOH A O   
780 O O   . HOH B .  ? 0.9579 1.4085 1.2377 -0.0254 0.0568  0.1326  106 HOH A O   
781 O O   . HOH B .  ? 0.7852 0.6922 0.8473 -0.1308 0.2359  0.0882  107 HOH A O   
782 O O   . HOH B .  ? 0.8191 0.8284 0.9187 -0.0995 -0.0007 -0.0884 108 HOH A O   
783 O O   . HOH B .  ? 0.8469 0.7116 0.8285 -0.0373 0.0320  -0.0586 109 HOH A O   
784 O O   . HOH B .  ? 0.9609 1.1292 0.8179 -0.0100 0.0097  0.1650  110 HOH A O   
785 O O   . HOH B .  ? 0.8874 1.0320 1.0374 0.0767  0.3446  0.1634  111 HOH A O   
786 O O   . HOH B .  ? 0.7709 0.8762 0.9092 -0.1153 -0.0368 -0.1189 112 HOH A O   
787 O O   . HOH B .  ? 0.8591 1.5112 1.0964 -0.1855 -0.0635 0.0682  113 HOH A O   
788 O O   . HOH B .  ? 0.9522 0.8505 0.9376 0.1295  0.1443  0.0754  114 HOH A O   
789 O O   . HOH B .  ? 1.4056 0.6821 1.2675 0.1476  0.3759  0.1898  115 HOH A O   
# 
